data_1XTE
# 
_entry.id   1XTE 
# 
_audit_conform.dict_name       mmcif_pdbx.dic 
_audit_conform.dict_version    5.386 
_audit_conform.dict_location   http://mmcif.pdb.org/dictionaries/ascii/mmcif_pdbx.dic 
# 
loop_
_database_2.database_id 
_database_2.database_code 
_database_2.pdbx_database_accession 
_database_2.pdbx_DOI 
PDB   1XTE         pdb_00001xte 10.2210/pdb1xte/pdb 
RCSB  RCSB030746   ?            ?                   
WWPDB D_1000030746 ?            ?                   
# 
loop_
_pdbx_audit_revision_history.ordinal 
_pdbx_audit_revision_history.data_content_type 
_pdbx_audit_revision_history.major_revision 
_pdbx_audit_revision_history.minor_revision 
_pdbx_audit_revision_history.revision_date 
1 'Structure model' 1 0 2004-11-16 
2 'Structure model' 1 1 2008-04-30 
3 'Structure model' 1 2 2011-07-13 
4 'Structure model' 1 3 2018-01-24 
5 'Structure model' 1 4 2024-02-14 
# 
_pdbx_audit_revision_details.ordinal             1 
_pdbx_audit_revision_details.revision_ordinal    1 
_pdbx_audit_revision_details.data_content_type   'Structure model' 
_pdbx_audit_revision_details.provider            repository 
_pdbx_audit_revision_details.type                'Initial release' 
_pdbx_audit_revision_details.description         ? 
_pdbx_audit_revision_details.details             ? 
# 
loop_
_pdbx_audit_revision_group.ordinal 
_pdbx_audit_revision_group.revision_ordinal 
_pdbx_audit_revision_group.data_content_type 
_pdbx_audit_revision_group.group 
1 2 'Structure model' 'Version format compliance' 
2 3 'Structure model' 'Version format compliance' 
3 4 'Structure model' 'Database references'       
4 4 'Structure model' 'Structure summary'         
5 5 'Structure model' 'Data collection'           
6 5 'Structure model' 'Database references'       
# 
loop_
_pdbx_audit_revision_category.ordinal 
_pdbx_audit_revision_category.revision_ordinal 
_pdbx_audit_revision_category.data_content_type 
_pdbx_audit_revision_category.category 
1 4 'Structure model' audit_author    
2 4 'Structure model' citation_author 
3 5 'Structure model' chem_comp_atom  
4 5 'Structure model' chem_comp_bond  
5 5 'Structure model' database_2      
# 
loop_
_pdbx_audit_revision_item.ordinal 
_pdbx_audit_revision_item.revision_ordinal 
_pdbx_audit_revision_item.data_content_type 
_pdbx_audit_revision_item.item 
1 4 'Structure model' '_audit_author.name'                  
2 4 'Structure model' '_citation_author.name'               
3 5 'Structure model' '_database_2.pdbx_DOI'                
4 5 'Structure model' '_database_2.pdbx_database_accession' 
# 
_pdbx_database_status.status_code                     REL 
_pdbx_database_status.entry_id                        1XTE 
_pdbx_database_status.recvd_initial_deposition_date   2004-10-21 
_pdbx_database_status.deposit_site                    RCSB 
_pdbx_database_status.process_site                    RCSB 
_pdbx_database_status.status_code_sf                  REL 
_pdbx_database_status.SG_entry                        . 
_pdbx_database_status.pdb_format_compatible           Y 
_pdbx_database_status.status_code_mr                  ? 
_pdbx_database_status.status_code_cs                  ? 
_pdbx_database_status.methods_development_category    ? 
_pdbx_database_status.status_code_nmr_data            ? 
# 
loop_
_audit_author.name 
_audit_author.pdbx_ordinal 
'Xing, Y.'       1 
'Liu, D.'        2 
'Zhang, R.'      3 
'Joachimiak, A.' 4 
'Songyang, Z.'   5 
'Xu, W.'         6 
# 
_citation.id                        primary 
_citation.title                     
'Structural basis of membrane targeting by the Phox homology domain of cytokine-independent survival kinase (CISK-PX)' 
_citation.journal_abbrev            J.Biol.Chem. 
_citation.journal_volume            279 
_citation.page_first                30662 
_citation.page_last                 30669 
_citation.year                      2004 
_citation.journal_id_ASTM           JBCHA3 
_citation.country                   US 
_citation.journal_id_ISSN           0021-9258 
_citation.journal_id_CSD            0071 
_citation.book_publisher            ? 
_citation.pdbx_database_id_PubMed   15126499 
_citation.pdbx_database_id_DOI      10.1074/jbc.M404107200 
# 
loop_
_citation_author.citation_id 
_citation_author.name 
_citation_author.ordinal 
_citation_author.identifier_ORCID 
primary 'Xing, Y.'       1 ? 
primary 'Liu, D.'        2 ? 
primary 'Zhang, R.'      3 ? 
primary 'Joachimiak, A.' 4 ? 
primary 'Songyang, Z.'   5 ? 
primary 'Xu, W.'         6 ? 
# 
loop_
_entity.id 
_entity.type 
_entity.src_method 
_entity.pdbx_description 
_entity.formula_weight 
_entity.pdbx_number_of_molecules 
_entity.pdbx_ec 
_entity.pdbx_mutation 
_entity.pdbx_fragment 
_entity.details 
1 polymer man 'Serine/threonine-protein kinase Sgk3' 18023.299 1   2.7.1.37 ? 
'sequence database residues 7-160: contains PX domain (residues 12-124)' ? 
2 water   nat water                                  18.015    149 ?        ? ? ? 
# 
_entity_name_com.entity_id   1 
_entity_name_com.name        
;CISK-PX DOMAIN, Serum/glucocorticoid regulated kinase 3, Serum/glucocorticoid regulated kinase-like, Cytokine independent survival kinase
;
# 
_entity_poly.entity_id                      1 
_entity_poly.type                           'polypeptide(L)' 
_entity_poly.nstd_linkage                   no 
_entity_poly.nstd_monomer                   no 
_entity_poly.pdbx_seq_one_letter_code       
;MDYKESCPSVSIPSSDEHREKKKRFTVYKVLVSVGRSEWFVFRRYAEFDKLYNSLKKQFPAMALKIPAKRIFGDNFDPDF
IKQRRAGLNEFIQNLVRYPELYNHPDVRAFLQMDSPRHQSDPSEDEDERSTSKPHSTSRNINLGPTGNPHAKPT
;
_entity_poly.pdbx_seq_one_letter_code_can   
;MDYKESCPSVSIPSSDEHREKKKRFTVYKVLVSVGRSEWFVFRRYAEFDKLYNSLKKQFPAMALKIPAKRIFGDNFDPDF
IKQRRAGLNEFIQNLVRYPELYNHPDVRAFLQMDSPRHQSDPSEDEDERSTSKPHSTSRNINLGPTGNPHAKPT
;
_entity_poly.pdbx_strand_id                 A 
_entity_poly.pdbx_target_identifier         ? 
# 
_pdbx_entity_nonpoly.entity_id   2 
_pdbx_entity_nonpoly.name        water 
_pdbx_entity_nonpoly.comp_id     HOH 
# 
loop_
_entity_poly_seq.entity_id 
_entity_poly_seq.num 
_entity_poly_seq.mon_id 
_entity_poly_seq.hetero 
1 1   MET n 
1 2   ASP n 
1 3   TYR n 
1 4   LYS n 
1 5   GLU n 
1 6   SER n 
1 7   CYS n 
1 8   PRO n 
1 9   SER n 
1 10  VAL n 
1 11  SER n 
1 12  ILE n 
1 13  PRO n 
1 14  SER n 
1 15  SER n 
1 16  ASP n 
1 17  GLU n 
1 18  HIS n 
1 19  ARG n 
1 20  GLU n 
1 21  LYS n 
1 22  LYS n 
1 23  LYS n 
1 24  ARG n 
1 25  PHE n 
1 26  THR n 
1 27  VAL n 
1 28  TYR n 
1 29  LYS n 
1 30  VAL n 
1 31  LEU n 
1 32  VAL n 
1 33  SER n 
1 34  VAL n 
1 35  GLY n 
1 36  ARG n 
1 37  SER n 
1 38  GLU n 
1 39  TRP n 
1 40  PHE n 
1 41  VAL n 
1 42  PHE n 
1 43  ARG n 
1 44  ARG n 
1 45  TYR n 
1 46  ALA n 
1 47  GLU n 
1 48  PHE n 
1 49  ASP n 
1 50  LYS n 
1 51  LEU n 
1 52  TYR n 
1 53  ASN n 
1 54  SER n 
1 55  LEU n 
1 56  LYS n 
1 57  LYS n 
1 58  GLN n 
1 59  PHE n 
1 60  PRO n 
1 61  ALA n 
1 62  MET n 
1 63  ALA n 
1 64  LEU n 
1 65  LYS n 
1 66  ILE n 
1 67  PRO n 
1 68  ALA n 
1 69  LYS n 
1 70  ARG n 
1 71  ILE n 
1 72  PHE n 
1 73  GLY n 
1 74  ASP n 
1 75  ASN n 
1 76  PHE n 
1 77  ASP n 
1 78  PRO n 
1 79  ASP n 
1 80  PHE n 
1 81  ILE n 
1 82  LYS n 
1 83  GLN n 
1 84  ARG n 
1 85  ARG n 
1 86  ALA n 
1 87  GLY n 
1 88  LEU n 
1 89  ASN n 
1 90  GLU n 
1 91  PHE n 
1 92  ILE n 
1 93  GLN n 
1 94  ASN n 
1 95  LEU n 
1 96  VAL n 
1 97  ARG n 
1 98  TYR n 
1 99  PRO n 
1 100 GLU n 
1 101 LEU n 
1 102 TYR n 
1 103 ASN n 
1 104 HIS n 
1 105 PRO n 
1 106 ASP n 
1 107 VAL n 
1 108 ARG n 
1 109 ALA n 
1 110 PHE n 
1 111 LEU n 
1 112 GLN n 
1 113 MET n 
1 114 ASP n 
1 115 SER n 
1 116 PRO n 
1 117 ARG n 
1 118 HIS n 
1 119 GLN n 
1 120 SER n 
1 121 ASP n 
1 122 PRO n 
1 123 SER n 
1 124 GLU n 
1 125 ASP n 
1 126 GLU n 
1 127 ASP n 
1 128 GLU n 
1 129 ARG n 
1 130 SER n 
1 131 THR n 
1 132 SER n 
1 133 LYS n 
1 134 PRO n 
1 135 HIS n 
1 136 SER n 
1 137 THR n 
1 138 SER n 
1 139 ARG n 
1 140 ASN n 
1 141 ILE n 
1 142 ASN n 
1 143 LEU n 
1 144 GLY n 
1 145 PRO n 
1 146 THR n 
1 147 GLY n 
1 148 ASN n 
1 149 PRO n 
1 150 HIS n 
1 151 ALA n 
1 152 LYS n 
1 153 PRO n 
1 154 THR n 
# 
_entity_src_gen.entity_id                          1 
_entity_src_gen.pdbx_src_id                        1 
_entity_src_gen.pdbx_alt_source_flag               sample 
_entity_src_gen.pdbx_seq_type                      ? 
_entity_src_gen.pdbx_beg_seq_num                   ? 
_entity_src_gen.pdbx_end_seq_num                   ? 
_entity_src_gen.gene_src_common_name               'house mouse' 
_entity_src_gen.gene_src_genus                     Mus 
_entity_src_gen.pdbx_gene_src_gene                 Cisk 
_entity_src_gen.gene_src_species                   ? 
_entity_src_gen.gene_src_strain                    ? 
_entity_src_gen.gene_src_tissue                    ? 
_entity_src_gen.gene_src_tissue_fraction           ? 
_entity_src_gen.gene_src_details                   ? 
_entity_src_gen.pdbx_gene_src_fragment             ? 
_entity_src_gen.pdbx_gene_src_scientific_name      'Mus musculus' 
_entity_src_gen.pdbx_gene_src_ncbi_taxonomy_id     10090 
_entity_src_gen.pdbx_gene_src_variant              ? 
_entity_src_gen.pdbx_gene_src_cell_line            ? 
_entity_src_gen.pdbx_gene_src_atcc                 ? 
_entity_src_gen.pdbx_gene_src_organ                ? 
_entity_src_gen.pdbx_gene_src_organelle            ? 
_entity_src_gen.pdbx_gene_src_cell                 ? 
_entity_src_gen.pdbx_gene_src_cellular_location    ? 
_entity_src_gen.host_org_common_name               ? 
_entity_src_gen.pdbx_host_org_scientific_name      'Escherichia coli BL21' 
_entity_src_gen.pdbx_host_org_ncbi_taxonomy_id     511693 
_entity_src_gen.host_org_genus                     Escherichia 
_entity_src_gen.pdbx_host_org_gene                 ? 
_entity_src_gen.pdbx_host_org_organ                ? 
_entity_src_gen.host_org_species                   'Escherichia coli' 
_entity_src_gen.pdbx_host_org_tissue               ? 
_entity_src_gen.pdbx_host_org_tissue_fraction      ? 
_entity_src_gen.pdbx_host_org_strain               BL21 
_entity_src_gen.pdbx_host_org_variant              ? 
_entity_src_gen.pdbx_host_org_cell_line            ? 
_entity_src_gen.pdbx_host_org_atcc                 ? 
_entity_src_gen.pdbx_host_org_culture_collection   ? 
_entity_src_gen.pdbx_host_org_cell                 ? 
_entity_src_gen.pdbx_host_org_organelle            ? 
_entity_src_gen.pdbx_host_org_cellular_location    ? 
_entity_src_gen.pdbx_host_org_vector_type          plasmid 
_entity_src_gen.pdbx_host_org_vector               ? 
_entity_src_gen.host_org_details                   ? 
_entity_src_gen.expression_system_id               ? 
_entity_src_gen.plasmid_name                       pGEX 
_entity_src_gen.plasmid_details                    ? 
_entity_src_gen.pdbx_description                   ? 
# 
loop_
_chem_comp.id 
_chem_comp.type 
_chem_comp.mon_nstd_flag 
_chem_comp.name 
_chem_comp.pdbx_synonyms 
_chem_comp.formula 
_chem_comp.formula_weight 
ALA 'L-peptide linking' y ALANINE         ? 'C3 H7 N O2'     89.093  
ARG 'L-peptide linking' y ARGININE        ? 'C6 H15 N4 O2 1' 175.209 
ASN 'L-peptide linking' y ASPARAGINE      ? 'C4 H8 N2 O3'    132.118 
ASP 'L-peptide linking' y 'ASPARTIC ACID' ? 'C4 H7 N O4'     133.103 
CYS 'L-peptide linking' y CYSTEINE        ? 'C3 H7 N O2 S'   121.158 
GLN 'L-peptide linking' y GLUTAMINE       ? 'C5 H10 N2 O3'   146.144 
GLU 'L-peptide linking' y 'GLUTAMIC ACID' ? 'C5 H9 N O4'     147.129 
GLY 'peptide linking'   y GLYCINE         ? 'C2 H5 N O2'     75.067  
HIS 'L-peptide linking' y HISTIDINE       ? 'C6 H10 N3 O2 1' 156.162 
HOH non-polymer         . WATER           ? 'H2 O'           18.015  
ILE 'L-peptide linking' y ISOLEUCINE      ? 'C6 H13 N O2'    131.173 
LEU 'L-peptide linking' y LEUCINE         ? 'C6 H13 N O2'    131.173 
LYS 'L-peptide linking' y LYSINE          ? 'C6 H15 N2 O2 1' 147.195 
MET 'L-peptide linking' y METHIONINE      ? 'C5 H11 N O2 S'  149.211 
PHE 'L-peptide linking' y PHENYLALANINE   ? 'C9 H11 N O2'    165.189 
PRO 'L-peptide linking' y PROLINE         ? 'C5 H9 N O2'     115.130 
SER 'L-peptide linking' y SERINE          ? 'C3 H7 N O3'     105.093 
THR 'L-peptide linking' y THREONINE       ? 'C4 H9 N O3'     119.119 
TRP 'L-peptide linking' y TRYPTOPHAN      ? 'C11 H12 N2 O2'  204.225 
TYR 'L-peptide linking' y TYROSINE        ? 'C9 H11 N O3'    181.189 
VAL 'L-peptide linking' y VALINE          ? 'C5 H11 N O2'    117.146 
# 
loop_
_pdbx_poly_seq_scheme.asym_id 
_pdbx_poly_seq_scheme.entity_id 
_pdbx_poly_seq_scheme.seq_id 
_pdbx_poly_seq_scheme.mon_id 
_pdbx_poly_seq_scheme.ndb_seq_num 
_pdbx_poly_seq_scheme.pdb_seq_num 
_pdbx_poly_seq_scheme.auth_seq_num 
_pdbx_poly_seq_scheme.pdb_mon_id 
_pdbx_poly_seq_scheme.auth_mon_id 
_pdbx_poly_seq_scheme.pdb_strand_id 
_pdbx_poly_seq_scheme.pdb_ins_code 
_pdbx_poly_seq_scheme.hetero 
A 1 1   MET 1   1   ?   ?   ?   A . n 
A 1 2   ASP 2   2   ?   ?   ?   A . n 
A 1 3   TYR 3   3   ?   ?   ?   A . n 
A 1 4   LYS 4   4   4   LYS ALA A . n 
A 1 5   GLU 5   5   5   GLU GLU A . n 
A 1 6   SER 6   6   6   SER SER A . n 
A 1 7   CYS 7   7   7   CYS CYS A . n 
A 1 8   PRO 8   8   8   PRO PRO A . n 
A 1 9   SER 9   9   9   SER SER A . n 
A 1 10  VAL 10  10  10  VAL VAL A . n 
A 1 11  SER 11  11  11  SER SER A . n 
A 1 12  ILE 12  12  12  ILE ILE A . n 
A 1 13  PRO 13  13  13  PRO PRO A . n 
A 1 14  SER 14  14  14  SER SER A . n 
A 1 15  SER 15  15  15  SER SER A . n 
A 1 16  ASP 16  16  16  ASP ASP A . n 
A 1 17  GLU 17  17  17  GLU GLU A . n 
A 1 18  HIS 18  18  18  HIS HIS A . n 
A 1 19  ARG 19  19  19  ARG ARG A . n 
A 1 20  GLU 20  20  20  GLU GLU A . n 
A 1 21  LYS 21  21  21  LYS LYS A . n 
A 1 22  LYS 22  22  22  LYS LYS A . n 
A 1 23  LYS 23  23  23  LYS LYS A . n 
A 1 24  ARG 24  24  24  ARG ARG A . n 
A 1 25  PHE 25  25  25  PHE PHE A . n 
A 1 26  THR 26  26  26  THR THR A . n 
A 1 27  VAL 27  27  27  VAL VAL A . n 
A 1 28  TYR 28  28  28  TYR TYR A . n 
A 1 29  LYS 29  29  29  LYS LYS A . n 
A 1 30  VAL 30  30  30  VAL VAL A . n 
A 1 31  LEU 31  31  31  LEU LEU A . n 
A 1 32  VAL 32  32  32  VAL VAL A . n 
A 1 33  SER 33  33  33  SER SER A . n 
A 1 34  VAL 34  34  34  VAL VAL A . n 
A 1 35  GLY 35  35  35  GLY GLY A . n 
A 1 36  ARG 36  36  36  ARG ARG A . n 
A 1 37  SER 37  37  37  SER SER A . n 
A 1 38  GLU 38  38  38  GLU GLU A . n 
A 1 39  TRP 39  39  39  TRP TRP A . n 
A 1 40  PHE 40  40  40  PHE PHE A . n 
A 1 41  VAL 41  41  41  VAL VAL A . n 
A 1 42  PHE 42  42  42  PHE PHE A . n 
A 1 43  ARG 43  43  43  ARG ARG A . n 
A 1 44  ARG 44  44  44  ARG ARG A . n 
A 1 45  TYR 45  45  45  TYR TYR A . n 
A 1 46  ALA 46  46  46  ALA ALA A . n 
A 1 47  GLU 47  47  47  GLU GLU A . n 
A 1 48  PHE 48  48  48  PHE PHE A . n 
A 1 49  ASP 49  49  49  ASP ASP A . n 
A 1 50  LYS 50  50  50  LYS LYS A . n 
A 1 51  LEU 51  51  51  LEU LEU A . n 
A 1 52  TYR 52  52  52  TYR TYR A . n 
A 1 53  ASN 53  53  53  ASN ASN A . n 
A 1 54  SER 54  54  54  SER SER A . n 
A 1 55  LEU 55  55  55  LEU LEU A . n 
A 1 56  LYS 56  56  56  LYS LYS A . n 
A 1 57  LYS 57  57  57  LYS LYS A . n 
A 1 58  GLN 58  58  58  GLN GLN A . n 
A 1 59  PHE 59  59  59  PHE PHE A . n 
A 1 60  PRO 60  60  60  PRO PRO A . n 
A 1 61  ALA 61  61  61  ALA ALA A . n 
A 1 62  MET 62  62  62  MET MET A . n 
A 1 63  ALA 63  63  63  ALA ALA A . n 
A 1 64  LEU 64  64  64  LEU LEU A . n 
A 1 65  LYS 65  65  65  LYS LYS A . n 
A 1 66  ILE 66  66  66  ILE ILE A . n 
A 1 67  PRO 67  67  67  PRO PRO A . n 
A 1 68  ALA 68  68  68  ALA ALA A . n 
A 1 69  LYS 69  69  69  LYS LYS A . n 
A 1 70  ARG 70  70  70  ARG ARG A . n 
A 1 71  ILE 71  71  71  ILE ILE A . n 
A 1 72  PHE 72  72  72  PHE PHE A . n 
A 1 73  GLY 73  73  73  GLY GLY A . n 
A 1 74  ASP 74  74  74  ASP ASP A . n 
A 1 75  ASN 75  75  75  ASN ASN A . n 
A 1 76  PHE 76  76  76  PHE PHE A . n 
A 1 77  ASP 77  77  77  ASP ASP A . n 
A 1 78  PRO 78  78  78  PRO PRO A . n 
A 1 79  ASP 79  79  79  ASP ASP A . n 
A 1 80  PHE 80  80  80  PHE PHE A . n 
A 1 81  ILE 81  81  81  ILE ILE A . n 
A 1 82  LYS 82  82  82  LYS LYS A . n 
A 1 83  GLN 83  83  83  GLN GLN A . n 
A 1 84  ARG 84  84  84  ARG ARG A . n 
A 1 85  ARG 85  85  85  ARG ARG A . n 
A 1 86  ALA 86  86  86  ALA ALA A . n 
A 1 87  GLY 87  87  87  GLY GLY A . n 
A 1 88  LEU 88  88  88  LEU LEU A . n 
A 1 89  ASN 89  89  89  ASN ASN A . n 
A 1 90  GLU 90  90  90  GLU ALA A . n 
A 1 91  PHE 91  91  91  PHE PHE A . n 
A 1 92  ILE 92  92  92  ILE ILE A . n 
A 1 93  GLN 93  93  93  GLN GLN A . n 
A 1 94  ASN 94  94  94  ASN ASN A . n 
A 1 95  LEU 95  95  95  LEU LEU A . n 
A 1 96  VAL 96  96  96  VAL VAL A . n 
A 1 97  ARG 97  97  97  ARG ALA A . n 
A 1 98  TYR 98  98  98  TYR TYR A . n 
A 1 99  PRO 99  99  99  PRO PRO A . n 
A 1 100 GLU 100 100 100 GLU GLU A . n 
A 1 101 LEU 101 101 101 LEU LEU A . n 
A 1 102 TYR 102 102 102 TYR TYR A . n 
A 1 103 ASN 103 103 103 ASN ASN A . n 
A 1 104 HIS 104 104 104 HIS HIS A . n 
A 1 105 PRO 105 105 105 PRO PRO A . n 
A 1 106 ASP 106 106 106 ASP ASP A . n 
A 1 107 VAL 107 107 107 VAL VAL A . n 
A 1 108 ARG 108 108 108 ARG ARG A . n 
A 1 109 ALA 109 109 109 ALA ALA A . n 
A 1 110 PHE 110 110 110 PHE PHE A . n 
A 1 111 LEU 111 111 111 LEU LEU A . n 
A 1 112 GLN 112 112 112 GLN GLN A . n 
A 1 113 MET 113 113 113 MET MET A . n 
A 1 114 ASP 114 114 114 ASP ASP A . n 
A 1 115 SER 115 115 115 SER SER A . n 
A 1 116 PRO 116 116 116 PRO PRO A . n 
A 1 117 ARG 117 117 117 ARG ARG A . n 
A 1 118 HIS 118 118 118 HIS HIS A . n 
A 1 119 GLN 119 119 119 GLN ALA A . n 
A 1 120 SER 120 120 ?   ?   ?   A . n 
A 1 121 ASP 121 121 ?   ?   ?   A . n 
A 1 122 PRO 122 122 ?   ?   ?   A . n 
A 1 123 SER 123 123 ?   ?   ?   A . n 
A 1 124 GLU 124 124 ?   ?   ?   A . n 
A 1 125 ASP 125 125 ?   ?   ?   A . n 
A 1 126 GLU 126 126 ?   ?   ?   A . n 
A 1 127 ASP 127 127 ?   ?   ?   A . n 
A 1 128 GLU 128 128 ?   ?   ?   A . n 
A 1 129 ARG 129 129 ?   ?   ?   A . n 
A 1 130 SER 130 130 ?   ?   ?   A . n 
A 1 131 THR 131 131 ?   ?   ?   A . n 
A 1 132 SER 132 132 ?   ?   ?   A . n 
A 1 133 LYS 133 133 ?   ?   ?   A . n 
A 1 134 PRO 134 134 ?   ?   ?   A . n 
A 1 135 HIS 135 135 ?   ?   ?   A . n 
A 1 136 SER 136 136 ?   ?   ?   A . n 
A 1 137 THR 137 137 ?   ?   ?   A . n 
A 1 138 SER 138 138 ?   ?   ?   A . n 
A 1 139 ARG 139 139 ?   ?   ?   A . n 
A 1 140 ASN 140 140 ?   ?   ?   A . n 
A 1 141 ILE 141 141 ?   ?   ?   A . n 
A 1 142 ASN 142 142 ?   ?   ?   A . n 
A 1 143 LEU 143 143 ?   ?   ?   A . n 
A 1 144 GLY 144 144 ?   ?   ?   A . n 
A 1 145 PRO 145 145 ?   ?   ?   A . n 
A 1 146 THR 146 146 ?   ?   ?   A . n 
A 1 147 GLY 147 147 ?   ?   ?   A . n 
A 1 148 ASN 148 148 ?   ?   ?   A . n 
A 1 149 PRO 149 149 ?   ?   ?   A . n 
A 1 150 HIS 150 150 ?   ?   ?   A . n 
A 1 151 ALA 151 151 ?   ?   ?   A . n 
A 1 152 LYS 152 152 ?   ?   ?   A . n 
A 1 153 PRO 153 153 ?   ?   ?   A . n 
A 1 154 THR 154 154 ?   ?   ?   A . n 
# 
loop_
_pdbx_nonpoly_scheme.asym_id 
_pdbx_nonpoly_scheme.entity_id 
_pdbx_nonpoly_scheme.mon_id 
_pdbx_nonpoly_scheme.ndb_seq_num 
_pdbx_nonpoly_scheme.pdb_seq_num 
_pdbx_nonpoly_scheme.auth_seq_num 
_pdbx_nonpoly_scheme.pdb_mon_id 
_pdbx_nonpoly_scheme.auth_mon_id 
_pdbx_nonpoly_scheme.pdb_strand_id 
_pdbx_nonpoly_scheme.pdb_ins_code 
B 2 HOH 1   155 1   HOH HOH A . 
B 2 HOH 2   156 2   HOH HOH A . 
B 2 HOH 3   157 3   HOH HOH A . 
B 2 HOH 4   158 4   HOH HOH A . 
B 2 HOH 5   159 5   HOH HOH A . 
B 2 HOH 6   160 6   HOH HOH A . 
B 2 HOH 7   161 7   HOH HOH A . 
B 2 HOH 8   162 8   HOH HOH A . 
B 2 HOH 9   163 9   HOH HOH A . 
B 2 HOH 10  164 10  HOH HOH A . 
B 2 HOH 11  165 11  HOH HOH A . 
B 2 HOH 12  166 12  HOH HOH A . 
B 2 HOH 13  167 13  HOH HOH A . 
B 2 HOH 14  168 14  HOH HOH A . 
B 2 HOH 15  169 15  HOH HOH A . 
B 2 HOH 16  170 16  HOH HOH A . 
B 2 HOH 17  171 17  HOH HOH A . 
B 2 HOH 18  172 18  HOH HOH A . 
B 2 HOH 19  173 19  HOH HOH A . 
B 2 HOH 20  174 20  HOH HOH A . 
B 2 HOH 21  175 21  HOH HOH A . 
B 2 HOH 22  176 22  HOH HOH A . 
B 2 HOH 23  177 23  HOH HOH A . 
B 2 HOH 24  178 24  HOH HOH A . 
B 2 HOH 25  179 25  HOH HOH A . 
B 2 HOH 26  180 26  HOH HOH A . 
B 2 HOH 27  181 27  HOH HOH A . 
B 2 HOH 28  182 28  HOH HOH A . 
B 2 HOH 29  183 29  HOH HOH A . 
B 2 HOH 30  184 30  HOH HOH A . 
B 2 HOH 31  185 31  HOH HOH A . 
B 2 HOH 32  186 32  HOH HOH A . 
B 2 HOH 33  187 33  HOH HOH A . 
B 2 HOH 34  188 34  HOH HOH A . 
B 2 HOH 35  189 35  HOH HOH A . 
B 2 HOH 36  190 36  HOH HOH A . 
B 2 HOH 37  191 37  HOH HOH A . 
B 2 HOH 38  192 38  HOH HOH A . 
B 2 HOH 39  193 39  HOH HOH A . 
B 2 HOH 40  194 40  HOH HOH A . 
B 2 HOH 41  195 41  HOH HOH A . 
B 2 HOH 42  196 42  HOH HOH A . 
B 2 HOH 43  197 43  HOH HOH A . 
B 2 HOH 44  198 44  HOH HOH A . 
B 2 HOH 45  199 45  HOH HOH A . 
B 2 HOH 46  200 46  HOH HOH A . 
B 2 HOH 47  201 47  HOH HOH A . 
B 2 HOH 48  202 48  HOH HOH A . 
B 2 HOH 49  203 49  HOH HOH A . 
B 2 HOH 50  204 50  HOH HOH A . 
B 2 HOH 51  205 51  HOH HOH A . 
B 2 HOH 52  206 52  HOH HOH A . 
B 2 HOH 53  207 53  HOH HOH A . 
B 2 HOH 54  208 54  HOH HOH A . 
B 2 HOH 55  209 55  HOH HOH A . 
B 2 HOH 56  210 56  HOH HOH A . 
B 2 HOH 57  211 57  HOH HOH A . 
B 2 HOH 58  212 58  HOH HOH A . 
B 2 HOH 59  213 59  HOH HOH A . 
B 2 HOH 60  214 60  HOH HOH A . 
B 2 HOH 61  215 61  HOH HOH A . 
B 2 HOH 62  216 62  HOH HOH A . 
B 2 HOH 63  217 63  HOH HOH A . 
B 2 HOH 64  218 64  HOH HOH A . 
B 2 HOH 65  219 65  HOH HOH A . 
B 2 HOH 66  220 66  HOH HOH A . 
B 2 HOH 67  221 67  HOH HOH A . 
B 2 HOH 68  222 68  HOH HOH A . 
B 2 HOH 69  223 69  HOH HOH A . 
B 2 HOH 70  224 70  HOH HOH A . 
B 2 HOH 71  225 71  HOH HOH A . 
B 2 HOH 72  226 72  HOH HOH A . 
B 2 HOH 73  227 73  HOH HOH A . 
B 2 HOH 74  228 74  HOH HOH A . 
B 2 HOH 75  229 75  HOH HOH A . 
B 2 HOH 76  230 76  HOH HOH A . 
B 2 HOH 77  231 77  HOH HOH A . 
B 2 HOH 78  232 78  HOH HOH A . 
B 2 HOH 79  233 79  HOH HOH A . 
B 2 HOH 80  234 80  HOH HOH A . 
B 2 HOH 81  235 81  HOH HOH A . 
B 2 HOH 82  236 82  HOH HOH A . 
B 2 HOH 83  237 83  HOH HOH A . 
B 2 HOH 84  238 84  HOH HOH A . 
B 2 HOH 85  239 85  HOH HOH A . 
B 2 HOH 86  240 86  HOH HOH A . 
B 2 HOH 87  241 87  HOH HOH A . 
B 2 HOH 88  242 88  HOH HOH A . 
B 2 HOH 89  243 89  HOH HOH A . 
B 2 HOH 90  244 90  HOH HOH A . 
B 2 HOH 91  245 91  HOH HOH A . 
B 2 HOH 92  246 92  HOH HOH A . 
B 2 HOH 93  247 93  HOH HOH A . 
B 2 HOH 94  248 94  HOH HOH A . 
B 2 HOH 95  249 95  HOH HOH A . 
B 2 HOH 96  250 96  HOH HOH A . 
B 2 HOH 97  251 97  HOH HOH A . 
B 2 HOH 98  252 98  HOH HOH A . 
B 2 HOH 99  253 99  HOH HOH A . 
B 2 HOH 100 254 100 HOH HOH A . 
B 2 HOH 101 255 101 HOH HOH A . 
B 2 HOH 102 256 102 HOH HOH A . 
B 2 HOH 103 257 103 HOH HOH A . 
B 2 HOH 104 258 104 HOH HOH A . 
B 2 HOH 105 259 105 HOH HOH A . 
B 2 HOH 106 260 106 HOH HOH A . 
B 2 HOH 107 261 107 HOH HOH A . 
B 2 HOH 108 262 108 HOH HOH A . 
B 2 HOH 109 263 109 HOH HOH A . 
B 2 HOH 110 264 110 HOH HOH A . 
B 2 HOH 111 265 111 HOH HOH A . 
B 2 HOH 112 266 112 HOH HOH A . 
B 2 HOH 113 267 113 HOH HOH A . 
B 2 HOH 114 268 114 HOH HOH A . 
B 2 HOH 115 269 115 HOH HOH A . 
B 2 HOH 116 270 116 HOH HOH A . 
B 2 HOH 117 271 117 HOH HOH A . 
B 2 HOH 118 272 118 HOH HOH A . 
B 2 HOH 119 273 119 HOH HOH A . 
B 2 HOH 120 274 120 HOH HOH A . 
B 2 HOH 121 275 121 HOH HOH A . 
B 2 HOH 122 276 122 HOH HOH A . 
B 2 HOH 123 277 123 HOH HOH A . 
B 2 HOH 124 278 124 HOH HOH A . 
B 2 HOH 125 279 125 HOH HOH A . 
B 2 HOH 126 280 126 HOH HOH A . 
B 2 HOH 127 281 127 HOH HOH A . 
B 2 HOH 128 282 128 HOH HOH A . 
B 2 HOH 129 283 129 HOH HOH A . 
B 2 HOH 130 284 130 HOH HOH A . 
B 2 HOH 131 285 131 HOH HOH A . 
B 2 HOH 132 286 132 HOH HOH A . 
B 2 HOH 133 287 133 HOH HOH A . 
B 2 HOH 134 288 134 HOH HOH A . 
B 2 HOH 135 289 135 HOH HOH A . 
B 2 HOH 136 290 136 HOH HOH A . 
B 2 HOH 137 291 137 HOH HOH A . 
B 2 HOH 138 292 138 HOH HOH A . 
B 2 HOH 139 293 139 HOH HOH A . 
B 2 HOH 140 294 140 HOH HOH A . 
B 2 HOH 141 295 141 HOH HOH A . 
B 2 HOH 142 296 142 HOH HOH A . 
B 2 HOH 143 297 143 HOH HOH A . 
B 2 HOH 144 298 144 HOH HOH A . 
B 2 HOH 145 299 145 HOH HOH A . 
B 2 HOH 146 300 146 HOH HOH A . 
B 2 HOH 147 301 147 HOH HOH A . 
B 2 HOH 148 302 148 HOH HOH A . 
B 2 HOH 149 303 149 HOH HOH A . 
# 
loop_
_pdbx_unobs_or_zero_occ_atoms.id 
_pdbx_unobs_or_zero_occ_atoms.PDB_model_num 
_pdbx_unobs_or_zero_occ_atoms.polymer_flag 
_pdbx_unobs_or_zero_occ_atoms.occupancy_flag 
_pdbx_unobs_or_zero_occ_atoms.auth_asym_id 
_pdbx_unobs_or_zero_occ_atoms.auth_comp_id 
_pdbx_unobs_or_zero_occ_atoms.auth_seq_id 
_pdbx_unobs_or_zero_occ_atoms.PDB_ins_code 
_pdbx_unobs_or_zero_occ_atoms.auth_atom_id 
_pdbx_unobs_or_zero_occ_atoms.label_alt_id 
_pdbx_unobs_or_zero_occ_atoms.label_asym_id 
_pdbx_unobs_or_zero_occ_atoms.label_comp_id 
_pdbx_unobs_or_zero_occ_atoms.label_seq_id 
_pdbx_unobs_or_zero_occ_atoms.label_atom_id 
1  1 Y 1 A LYS 4   ? CG  ? A LYS 4   CG  
2  1 Y 1 A LYS 4   ? CD  ? A LYS 4   CD  
3  1 Y 1 A LYS 4   ? CE  ? A LYS 4   CE  
4  1 Y 1 A LYS 4   ? NZ  ? A LYS 4   NZ  
5  1 Y 1 A GLU 90  ? CG  ? A GLU 90  CG  
6  1 Y 1 A GLU 90  ? CD  ? A GLU 90  CD  
7  1 Y 1 A GLU 90  ? OE1 ? A GLU 90  OE1 
8  1 Y 1 A GLU 90  ? OE2 ? A GLU 90  OE2 
9  1 Y 1 A ARG 97  ? CG  ? A ARG 97  CG  
10 1 Y 1 A ARG 97  ? CD  ? A ARG 97  CD  
11 1 Y 1 A ARG 97  ? NE  ? A ARG 97  NE  
12 1 Y 1 A ARG 97  ? CZ  ? A ARG 97  CZ  
13 1 Y 1 A ARG 97  ? NH1 ? A ARG 97  NH1 
14 1 Y 1 A ARG 97  ? NH2 ? A ARG 97  NH2 
15 1 Y 1 A GLN 119 ? CG  ? A GLN 119 CG  
16 1 Y 1 A GLN 119 ? CD  ? A GLN 119 CD  
17 1 Y 1 A GLN 119 ? OE1 ? A GLN 119 OE1 
18 1 Y 1 A GLN 119 ? NE2 ? A GLN 119 NE2 
# 
loop_
_software.name 
_software.classification 
_software.version 
_software.citation_id 
_software.pdbx_ordinal 
CNS       refinement       1.1 ? 1 
HKL-2000  'data reduction' .   ? 2 
SCALEPACK 'data scaling'   .   ? 3 
SOLVE     phasing          .   ? 4 
# 
_cell.entry_id           1XTE 
_cell.length_a           74.954 
_cell.length_b           74.954 
_cell.length_c           51.697 
_cell.angle_alpha        90.00 
_cell.angle_beta         90.00 
_cell.angle_gamma        90.00 
_cell.Z_PDB              8 
_cell.pdbx_unique_axis   ? 
# 
_symmetry.entry_id                         1XTE 
_symmetry.space_group_name_H-M             'I 4' 
_symmetry.pdbx_full_space_group_name_H-M   ? 
_symmetry.cell_setting                     ? 
_symmetry.Int_Tables_number                79 
_symmetry.space_group_name_Hall            ? 
# 
_exptl.entry_id          1XTE 
_exptl.method            'X-RAY DIFFRACTION' 
_exptl.crystals_number   2 
# 
_exptl_crystal.id                    1 
_exptl_crystal.density_meas          ? 
_exptl_crystal.density_Matthews      2.0 
_exptl_crystal.density_percent_sol   33 
_exptl_crystal.description           ? 
_exptl_crystal.F_000                 ? 
_exptl_crystal.preparation           ? 
# 
_exptl_crystal_grow.crystal_id      1 
_exptl_crystal_grow.method          'VAPOR DIFFUSION, HANGING DROP' 
_exptl_crystal_grow.temp            293 
_exptl_crystal_grow.temp_details    ? 
_exptl_crystal_grow.pH              5.5 
_exptl_crystal_grow.pdbx_details    'sodium citrate, sodium malonate, pH 5.5, VAPOR DIFFUSION, HANGING DROP, temperature 293K' 
_exptl_crystal_grow.pdbx_pH_range   . 
# 
loop_
_diffrn.id 
_diffrn.ambient_temp 
_diffrn.ambient_temp_details 
_diffrn.crystal_id 
1 150 ? 1 
2 150 ? 1 
# 
loop_
_diffrn_detector.diffrn_id 
_diffrn_detector.detector 
_diffrn_detector.type 
_diffrn_detector.pdbx_collection_date 
_diffrn_detector.details 
1 CCD ANL-ECD     2002-08-19 ? 
2 CCD CUSTOM-MADE 2002-10-22 ? 
# 
loop_
_diffrn_radiation.diffrn_id 
_diffrn_radiation.wavelength_id 
_diffrn_radiation.pdbx_monochromatic_or_laue_m_l 
_diffrn_radiation.monochromator 
_diffrn_radiation.pdbx_diffrn_protocol 
_diffrn_radiation.pdbx_scattering_type 
1 1 M 'Si 111' 'SINGLE WAVELENGTH' x-ray 
2 1 M 'Si 111' MAD                 x-ray 
# 
loop_
_diffrn_radiation_wavelength.id 
_diffrn_radiation_wavelength.wavelength 
_diffrn_radiation_wavelength.wt 
1 0.97934 1.0 
2 0.97933 1.0 
# 
loop_
_diffrn_source.diffrn_id 
_diffrn_source.source 
_diffrn_source.type 
_diffrn_source.pdbx_synchrotron_site 
_diffrn_source.pdbx_synchrotron_beamline 
_diffrn_source.pdbx_wavelength 
_diffrn_source.pdbx_wavelength_list 
1 SYNCHROTRON 'APS BEAMLINE 19-BM' APS 19-BM ? 0.97934 
2 SYNCHROTRON 'APS BEAMLINE 19-ID' APS 19-ID ? 0.97933 
# 
_reflns.entry_id                     1XTE 
_reflns.observed_criterion_sigma_I   ? 
_reflns.observed_criterion_sigma_F   ? 
_reflns.d_resolution_low             50 
_reflns.d_resolution_high            1.6 
_reflns.number_obs                   18760 
_reflns.number_all                   18760 
_reflns.percent_possible_obs         98.6 
_reflns.pdbx_Rmerge_I_obs            ? 
_reflns.pdbx_Rsym_value              0.04 
_reflns.pdbx_netI_over_sigmaI        34 
_reflns.B_iso_Wilson_estimate        17.4 
_reflns.pdbx_redundancy              5.4 
_reflns.R_free_details               ? 
_reflns.limit_h_max                  ? 
_reflns.limit_h_min                  ? 
_reflns.limit_k_max                  ? 
_reflns.limit_k_min                  ? 
_reflns.limit_l_max                  ? 
_reflns.limit_l_min                  ? 
_reflns.observed_criterion_F_max     ? 
_reflns.observed_criterion_F_min     ? 
_reflns.pdbx_chi_squared             ? 
_reflns.pdbx_scaling_rejects         ? 
_reflns.pdbx_diffrn_id               1,2 
_reflns.pdbx_ordinal                 1 
# 
_reflns_shell.d_res_high             1.60 
_reflns_shell.d_res_low              1.66 
_reflns_shell.percent_possible_all   97.7 
_reflns_shell.Rmerge_I_obs           0.199 
_reflns_shell.pdbx_Rsym_value        ? 
_reflns_shell.meanI_over_sigI_obs    6.5 
_reflns_shell.pdbx_redundancy        3.6 
_reflns_shell.percent_possible_obs   ? 
_reflns_shell.number_unique_all      1855 
_reflns_shell.number_measured_all    ? 
_reflns_shell.number_measured_obs    ? 
_reflns_shell.number_unique_obs      ? 
_reflns_shell.pdbx_chi_squared       ? 
_reflns_shell.pdbx_diffrn_id         ? 
_reflns_shell.pdbx_ordinal           1 
# 
_refine.entry_id                                 1XTE 
_refine.ls_number_reflns_obs                     17839 
_refine.ls_number_reflns_all                     18760 
_refine.pdbx_ls_sigma_I                          ? 
_refine.pdbx_ls_sigma_F                          1.0 
_refine.pdbx_data_cutoff_high_absF               791671.26 
_refine.pdbx_data_cutoff_low_absF                0.000000 
_refine.pdbx_data_cutoff_high_rms_absF           ? 
_refine.ls_d_res_low                             42.56 
_refine.ls_d_res_high                            1.60 
_refine.ls_percent_reflns_obs                    93.8 
_refine.ls_R_factor_obs                          0.187 
_refine.ls_R_factor_all                          ? 
_refine.ls_R_factor_R_work                       0.187 
_refine.ls_R_factor_R_free                       0.22 
_refine.ls_R_factor_R_free_error                 0.006 
_refine.ls_R_factor_R_free_error_details         ? 
_refine.ls_percent_reflns_R_free                 7.8 
_refine.ls_number_reflns_R_free                  1398 
_refine.ls_number_parameters                     ? 
_refine.ls_number_restraints                     ? 
_refine.occupancy_min                            ? 
_refine.occupancy_max                            ? 
_refine.correlation_coeff_Fo_to_Fc               ? 
_refine.correlation_coeff_Fo_to_Fc_free          ? 
_refine.B_iso_mean                               22.6 
_refine.aniso_B[1][1]                            1.24 
_refine.aniso_B[2][2]                            1.24 
_refine.aniso_B[3][3]                            -2.47 
_refine.aniso_B[1][2]                            0.00 
_refine.aniso_B[1][3]                            0.00 
_refine.aniso_B[2][3]                            0.00 
_refine.solvent_model_details                    'FLAT MODEL' 
_refine.solvent_model_param_ksol                 0.378731 
_refine.solvent_model_param_bsol                 48.6644 
_refine.pdbx_solvent_vdw_probe_radii             ? 
_refine.pdbx_solvent_ion_probe_radii             ? 
_refine.pdbx_solvent_shrinkage_radii             ? 
_refine.pdbx_ls_cross_valid_method               THROUGHOUT 
_refine.details                                  ? 
_refine.pdbx_starting_model                      ? 
_refine.pdbx_method_to_determine_struct          MAD 
_refine.pdbx_isotropic_thermal_model             RESTRAINED 
_refine.pdbx_stereochemistry_target_values       'Engh & Huber' 
_refine.pdbx_stereochem_target_val_spec_case     ? 
_refine.pdbx_R_Free_selection_details            RANDOM 
_refine.pdbx_overall_ESU_R                       ? 
_refine.pdbx_overall_ESU_R_Free                  ? 
_refine.overall_SU_ML                            ? 
_refine.overall_SU_B                             ? 
_refine.ls_redundancy_reflns_obs                 ? 
_refine.B_iso_min                                ? 
_refine.B_iso_max                                ? 
_refine.overall_SU_R_Cruickshank_DPI             ? 
_refine.overall_SU_R_free                        ? 
_refine.ls_wR_factor_R_free                      ? 
_refine.ls_wR_factor_R_work                      ? 
_refine.overall_FOM_free_R_set                   ? 
_refine.overall_FOM_work_R_set                   ? 
_refine.pdbx_refine_id                           'X-RAY DIFFRACTION' 
_refine.pdbx_diffrn_id                           1 
_refine.pdbx_TLS_residual_ADP_flag               ? 
_refine.pdbx_overall_phase_error                 ? 
_refine.pdbx_overall_SU_R_free_Cruickshank_DPI   ? 
_refine.pdbx_overall_SU_R_Blow_DPI               ? 
_refine.pdbx_overall_SU_R_free_Blow_DPI          ? 
# 
_refine_analyze.entry_id                        1XTE 
_refine_analyze.Luzzati_coordinate_error_obs    0.17 
_refine_analyze.Luzzati_sigma_a_obs             0.05 
_refine_analyze.Luzzati_d_res_low_obs           50.00 
_refine_analyze.Luzzati_coordinate_error_free   0.20 
_refine_analyze.Luzzati_sigma_a_free            0.10 
_refine_analyze.Luzzati_d_res_low_free          ? 
_refine_analyze.number_disordered_residues      ? 
_refine_analyze.occupancy_sum_hydrogen          ? 
_refine_analyze.occupancy_sum_non_hydrogen      ? 
_refine_analyze.pdbx_Luzzati_d_res_high_obs     ? 
_refine_analyze.pdbx_refine_id                  'X-RAY DIFFRACTION' 
# 
_refine_hist.pdbx_refine_id                   'X-RAY DIFFRACTION' 
_refine_hist.cycle_id                         LAST 
_refine_hist.pdbx_number_atoms_protein        961 
_refine_hist.pdbx_number_atoms_nucleic_acid   0 
_refine_hist.pdbx_number_atoms_ligand         0 
_refine_hist.number_atoms_solvent             149 
_refine_hist.number_atoms_total               1110 
_refine_hist.d_res_high                       1.60 
_refine_hist.d_res_low                        42.56 
# 
loop_
_refine_ls_restr.type 
_refine_ls_restr.dev_ideal 
_refine_ls_restr.dev_ideal_target 
_refine_ls_restr.weight 
_refine_ls_restr.number 
_refine_ls_restr.pdbx_refine_id 
_refine_ls_restr.pdbx_restraint_function 
c_bond_d           0.020 ?    ? ? 'X-RAY DIFFRACTION' ? 
c_angle_deg        1.9   ?    ? ? 'X-RAY DIFFRACTION' ? 
c_dihedral_angle_d 24.1  ?    ? ? 'X-RAY DIFFRACTION' ? 
c_improper_angle_d 1.34  ?    ? ? 'X-RAY DIFFRACTION' ? 
c_mcbond_it        1.94  1.50 ? ? 'X-RAY DIFFRACTION' ? 
c_mcangle_it       2.90  2.00 ? ? 'X-RAY DIFFRACTION' ? 
c_scbond_it        3.36  2.00 ? ? 'X-RAY DIFFRACTION' ? 
c_scangle_it       4.82  2.50 ? ? 'X-RAY DIFFRACTION' ? 
# 
_refine_ls_shell.pdbx_total_number_of_bins_used   6 
_refine_ls_shell.d_res_high                       1.60 
_refine_ls_shell.d_res_low                        1.70 
_refine_ls_shell.number_reflns_R_work             2434 
_refine_ls_shell.R_factor_R_work                  0.219 
_refine_ls_shell.percent_reflns_obs               84.1 
_refine_ls_shell.R_factor_R_free                  0.273 
_refine_ls_shell.R_factor_R_free_error            0.020 
_refine_ls_shell.percent_reflns_R_free            7.3 
_refine_ls_shell.number_reflns_R_free             191 
_refine_ls_shell.number_reflns_obs                ? 
_refine_ls_shell.redundancy_reflns_obs            ? 
_refine_ls_shell.number_reflns_all                ? 
_refine_ls_shell.pdbx_refine_id                   'X-RAY DIFFRACTION' 
_refine_ls_shell.R_factor_all                     ? 
# 
loop_
_pdbx_xplor_file.serial_no 
_pdbx_xplor_file.param_file 
_pdbx_xplor_file.topol_file 
_pdbx_xplor_file.pdbx_refine_id 
1 PROTEIN_REP.PARAM PROTEIN.TOP 'X-RAY DIFFRACTION' 
2 WATER_REP.PARAM   WATER.TOP   'X-RAY DIFFRACTION' 
# 
_struct.entry_id                  1XTE 
_struct.title                     'crystal structure of CISK-PX domain' 
_struct.pdbx_model_details        ? 
_struct.pdbx_CASP_flag            ? 
_struct.pdbx_model_type_details   ? 
# 
_struct_keywords.entry_id        1XTE 
_struct_keywords.pdbx_keywords   TRANSFERASE 
_struct_keywords.text            'CISK, PX domain, TRANSFERASE' 
# 
loop_
_struct_asym.id 
_struct_asym.pdbx_blank_PDB_chainid_flag 
_struct_asym.pdbx_modified 
_struct_asym.entity_id 
_struct_asym.details 
A N N 1 ? 
B N N 2 ? 
# 
_struct_ref.id                         1 
_struct_ref.db_name                    UNP 
_struct_ref.db_code                    SGK3_MOUSE 
_struct_ref.pdbx_db_accession          Q9ERE3 
_struct_ref.entity_id                  1 
_struct_ref.pdbx_seq_one_letter_code   
;MDYKESCPSVSIPSSDEHREKKKRFTVYKVLVSVGRSEWFVFRRYAEFDKLYNSLKKQFPAMALKIPAKRIFGDNFDPDF
IKQRRAGLNEFIQNLVRYPELYNHPDVRAFLQMDSPRHQSDPSEDEDERSTSKPHSTSRNINLGPTGNPHAKPT
;
_struct_ref.pdbx_align_begin           7 
_struct_ref.pdbx_db_isoform            ? 
# 
_struct_ref_seq.align_id                      1 
_struct_ref_seq.ref_id                        1 
_struct_ref_seq.pdbx_PDB_id_code              1XTE 
_struct_ref_seq.pdbx_strand_id                A 
_struct_ref_seq.seq_align_beg                 1 
_struct_ref_seq.pdbx_seq_align_beg_ins_code   ? 
_struct_ref_seq.seq_align_end                 154 
_struct_ref_seq.pdbx_seq_align_end_ins_code   ? 
_struct_ref_seq.pdbx_db_accession             Q9ERE3 
_struct_ref_seq.db_align_beg                  7 
_struct_ref_seq.pdbx_db_align_beg_ins_code    ? 
_struct_ref_seq.db_align_end                  160 
_struct_ref_seq.pdbx_db_align_end_ins_code    ? 
_struct_ref_seq.pdbx_auth_seq_align_beg       1 
_struct_ref_seq.pdbx_auth_seq_align_end       154 
# 
_pdbx_struct_assembly.id                   1 
_pdbx_struct_assembly.details              author_defined_assembly 
_pdbx_struct_assembly.method_details       ? 
_pdbx_struct_assembly.oligomeric_details   monomeric 
_pdbx_struct_assembly.oligomeric_count     1 
# 
_pdbx_struct_assembly_gen.assembly_id       1 
_pdbx_struct_assembly_gen.oper_expression   1 
_pdbx_struct_assembly_gen.asym_id_list      A,B 
# 
_pdbx_struct_oper_list.id                   1 
_pdbx_struct_oper_list.type                 'identity operation' 
_pdbx_struct_oper_list.name                 1_555 
_pdbx_struct_oper_list.symmetry_operation   x,y,z 
_pdbx_struct_oper_list.matrix[1][1]         1.0000000000 
_pdbx_struct_oper_list.matrix[1][2]         0.0000000000 
_pdbx_struct_oper_list.matrix[1][3]         0.0000000000 
_pdbx_struct_oper_list.vector[1]            0.0000000000 
_pdbx_struct_oper_list.matrix[2][1]         0.0000000000 
_pdbx_struct_oper_list.matrix[2][2]         1.0000000000 
_pdbx_struct_oper_list.matrix[2][3]         0.0000000000 
_pdbx_struct_oper_list.vector[2]            0.0000000000 
_pdbx_struct_oper_list.matrix[3][1]         0.0000000000 
_pdbx_struct_oper_list.matrix[3][2]         0.0000000000 
_pdbx_struct_oper_list.matrix[3][3]         1.0000000000 
_pdbx_struct_oper_list.vector[3]            0.0000000000 
# 
_struct_biol.id                    1 
_struct_biol.pdbx_parent_biol_id   ? 
_struct_biol.details               ? 
# 
loop_
_struct_conf.conf_type_id 
_struct_conf.id 
_struct_conf.pdbx_PDB_helix_id 
_struct_conf.beg_label_comp_id 
_struct_conf.beg_label_asym_id 
_struct_conf.beg_label_seq_id 
_struct_conf.pdbx_beg_PDB_ins_code 
_struct_conf.end_label_comp_id 
_struct_conf.end_label_asym_id 
_struct_conf.end_label_seq_id 
_struct_conf.pdbx_end_PDB_ins_code 
_struct_conf.beg_auth_comp_id 
_struct_conf.beg_auth_asym_id 
_struct_conf.beg_auth_seq_id 
_struct_conf.end_auth_comp_id 
_struct_conf.end_auth_asym_id 
_struct_conf.end_auth_seq_id 
_struct_conf.pdbx_PDB_helix_class 
_struct_conf.details 
_struct_conf.pdbx_PDB_helix_length 
HELX_P HELX_P1 1 TYR A 45  ? PHE A 59  ? TYR A 45  PHE A 59  1 ? 15 
HELX_P HELX_P2 2 PRO A 60  ? ALA A 63  ? PRO A 60  ALA A 63  5 ? 4  
HELX_P HELX_P3 3 ASP A 77  ? VAL A 96  ? ASP A 77  VAL A 96  1 ? 20 
HELX_P HELX_P4 4 TYR A 98  ? ASN A 103 ? TYR A 98  ASN A 103 1 ? 6  
HELX_P HELX_P5 5 HIS A 104 ? LEU A 111 ? HIS A 104 LEU A 111 1 ? 8  
HELX_P HELX_P6 6 SER A 115 ? GLN A 119 ? SER A 115 GLN A 119 5 ? 5  
# 
_struct_conf_type.id          HELX_P 
_struct_conf_type.criteria    ? 
_struct_conf_type.reference   ? 
# 
_struct_sheet.id               A 
_struct_sheet.type             ? 
_struct_sheet.number_strands   3 
_struct_sheet.details          ? 
# 
loop_
_struct_sheet_order.sheet_id 
_struct_sheet_order.range_id_1 
_struct_sheet_order.range_id_2 
_struct_sheet_order.offset 
_struct_sheet_order.sense 
A 1 2 ? anti-parallel 
A 2 3 ? anti-parallel 
# 
loop_
_struct_sheet_range.sheet_id 
_struct_sheet_range.id 
_struct_sheet_range.beg_label_comp_id 
_struct_sheet_range.beg_label_asym_id 
_struct_sheet_range.beg_label_seq_id 
_struct_sheet_range.pdbx_beg_PDB_ins_code 
_struct_sheet_range.end_label_comp_id 
_struct_sheet_range.end_label_asym_id 
_struct_sheet_range.end_label_seq_id 
_struct_sheet_range.pdbx_end_PDB_ins_code 
_struct_sheet_range.beg_auth_comp_id 
_struct_sheet_range.beg_auth_asym_id 
_struct_sheet_range.beg_auth_seq_id 
_struct_sheet_range.end_auth_comp_id 
_struct_sheet_range.end_auth_asym_id 
_struct_sheet_range.end_auth_seq_id 
A 1 SER A 9  ? GLU A 20 ? SER A 9  GLU A 20 
A 2 LYS A 23 ? VAL A 34 ? LYS A 23 VAL A 34 
A 3 SER A 37 ? ARG A 44 ? SER A 37 ARG A 44 
# 
loop_
_pdbx_struct_sheet_hbond.sheet_id 
_pdbx_struct_sheet_hbond.range_id_1 
_pdbx_struct_sheet_hbond.range_id_2 
_pdbx_struct_sheet_hbond.range_1_label_atom_id 
_pdbx_struct_sheet_hbond.range_1_label_comp_id 
_pdbx_struct_sheet_hbond.range_1_label_asym_id 
_pdbx_struct_sheet_hbond.range_1_label_seq_id 
_pdbx_struct_sheet_hbond.range_1_PDB_ins_code 
_pdbx_struct_sheet_hbond.range_1_auth_atom_id 
_pdbx_struct_sheet_hbond.range_1_auth_comp_id 
_pdbx_struct_sheet_hbond.range_1_auth_asym_id 
_pdbx_struct_sheet_hbond.range_1_auth_seq_id 
_pdbx_struct_sheet_hbond.range_2_label_atom_id 
_pdbx_struct_sheet_hbond.range_2_label_comp_id 
_pdbx_struct_sheet_hbond.range_2_label_asym_id 
_pdbx_struct_sheet_hbond.range_2_label_seq_id 
_pdbx_struct_sheet_hbond.range_2_PDB_ins_code 
_pdbx_struct_sheet_hbond.range_2_auth_atom_id 
_pdbx_struct_sheet_hbond.range_2_auth_comp_id 
_pdbx_struct_sheet_hbond.range_2_auth_asym_id 
_pdbx_struct_sheet_hbond.range_2_auth_seq_id 
A 1 2 N GLU A 20 ? N GLU A 20 O LYS A 23 ? O LYS A 23 
A 2 3 N VAL A 30 ? N VAL A 30 O VAL A 41 ? O VAL A 41 
# 
_pdbx_validate_close_contact.id               1 
_pdbx_validate_close_contact.PDB_model_num    1 
_pdbx_validate_close_contact.auth_atom_id_1   OD2 
_pdbx_validate_close_contact.auth_asym_id_1   A 
_pdbx_validate_close_contact.auth_comp_id_1   ASP 
_pdbx_validate_close_contact.auth_seq_id_1    16 
_pdbx_validate_close_contact.PDB_ins_code_1   ? 
_pdbx_validate_close_contact.label_alt_id_1   ? 
_pdbx_validate_close_contact.auth_atom_id_2   O 
_pdbx_validate_close_contact.auth_asym_id_2   A 
_pdbx_validate_close_contact.auth_comp_id_2   HOH 
_pdbx_validate_close_contact.auth_seq_id_2    204 
_pdbx_validate_close_contact.PDB_ins_code_2   ? 
_pdbx_validate_close_contact.label_alt_id_2   ? 
_pdbx_validate_close_contact.dist             2.05 
# 
_pdbx_validate_torsion.id              1 
_pdbx_validate_torsion.PDB_model_num   1 
_pdbx_validate_torsion.auth_comp_id    LYS 
_pdbx_validate_torsion.auth_asym_id    A 
_pdbx_validate_torsion.auth_seq_id     22 
_pdbx_validate_torsion.PDB_ins_code    ? 
_pdbx_validate_torsion.label_alt_id    ? 
_pdbx_validate_torsion.phi             49.57 
_pdbx_validate_torsion.psi             28.79 
# 
loop_
_pdbx_unobs_or_zero_occ_residues.id 
_pdbx_unobs_or_zero_occ_residues.PDB_model_num 
_pdbx_unobs_or_zero_occ_residues.polymer_flag 
_pdbx_unobs_or_zero_occ_residues.occupancy_flag 
_pdbx_unobs_or_zero_occ_residues.auth_asym_id 
_pdbx_unobs_or_zero_occ_residues.auth_comp_id 
_pdbx_unobs_or_zero_occ_residues.auth_seq_id 
_pdbx_unobs_or_zero_occ_residues.PDB_ins_code 
_pdbx_unobs_or_zero_occ_residues.label_asym_id 
_pdbx_unobs_or_zero_occ_residues.label_comp_id 
_pdbx_unobs_or_zero_occ_residues.label_seq_id 
1  1 Y 1 A MET 1   ? A MET 1   
2  1 Y 1 A ASP 2   ? A ASP 2   
3  1 Y 1 A TYR 3   ? A TYR 3   
4  1 Y 1 A SER 120 ? A SER 120 
5  1 Y 1 A ASP 121 ? A ASP 121 
6  1 Y 1 A PRO 122 ? A PRO 122 
7  1 Y 1 A SER 123 ? A SER 123 
8  1 Y 1 A GLU 124 ? A GLU 124 
9  1 Y 1 A ASP 125 ? A ASP 125 
10 1 Y 1 A GLU 126 ? A GLU 126 
11 1 Y 1 A ASP 127 ? A ASP 127 
12 1 Y 1 A GLU 128 ? A GLU 128 
13 1 Y 1 A ARG 129 ? A ARG 129 
14 1 Y 1 A SER 130 ? A SER 130 
15 1 Y 1 A THR 131 ? A THR 131 
16 1 Y 1 A SER 132 ? A SER 132 
17 1 Y 1 A LYS 133 ? A LYS 133 
18 1 Y 1 A PRO 134 ? A PRO 134 
19 1 Y 1 A HIS 135 ? A HIS 135 
20 1 Y 1 A SER 136 ? A SER 136 
21 1 Y 1 A THR 137 ? A THR 137 
22 1 Y 1 A SER 138 ? A SER 138 
23 1 Y 1 A ARG 139 ? A ARG 139 
24 1 Y 1 A ASN 140 ? A ASN 140 
25 1 Y 1 A ILE 141 ? A ILE 141 
26 1 Y 1 A ASN 142 ? A ASN 142 
27 1 Y 1 A LEU 143 ? A LEU 143 
28 1 Y 1 A GLY 144 ? A GLY 144 
29 1 Y 1 A PRO 145 ? A PRO 145 
30 1 Y 1 A THR 146 ? A THR 146 
31 1 Y 1 A GLY 147 ? A GLY 147 
32 1 Y 1 A ASN 148 ? A ASN 148 
33 1 Y 1 A PRO 149 ? A PRO 149 
34 1 Y 1 A HIS 150 ? A HIS 150 
35 1 Y 1 A ALA 151 ? A ALA 151 
36 1 Y 1 A LYS 152 ? A LYS 152 
37 1 Y 1 A PRO 153 ? A PRO 153 
38 1 Y 1 A THR 154 ? A THR 154 
# 
loop_
_chem_comp_atom.comp_id 
_chem_comp_atom.atom_id 
_chem_comp_atom.type_symbol 
_chem_comp_atom.pdbx_aromatic_flag 
_chem_comp_atom.pdbx_stereo_config 
_chem_comp_atom.pdbx_ordinal 
ALA N    N N N 1   
ALA CA   C N S 2   
ALA C    C N N 3   
ALA O    O N N 4   
ALA CB   C N N 5   
ALA OXT  O N N 6   
ALA H    H N N 7   
ALA H2   H N N 8   
ALA HA   H N N 9   
ALA HB1  H N N 10  
ALA HB2  H N N 11  
ALA HB3  H N N 12  
ALA HXT  H N N 13  
ARG N    N N N 14  
ARG CA   C N S 15  
ARG C    C N N 16  
ARG O    O N N 17  
ARG CB   C N N 18  
ARG CG   C N N 19  
ARG CD   C N N 20  
ARG NE   N N N 21  
ARG CZ   C N N 22  
ARG NH1  N N N 23  
ARG NH2  N N N 24  
ARG OXT  O N N 25  
ARG H    H N N 26  
ARG H2   H N N 27  
ARG HA   H N N 28  
ARG HB2  H N N 29  
ARG HB3  H N N 30  
ARG HG2  H N N 31  
ARG HG3  H N N 32  
ARG HD2  H N N 33  
ARG HD3  H N N 34  
ARG HE   H N N 35  
ARG HH11 H N N 36  
ARG HH12 H N N 37  
ARG HH21 H N N 38  
ARG HH22 H N N 39  
ARG HXT  H N N 40  
ASN N    N N N 41  
ASN CA   C N S 42  
ASN C    C N N 43  
ASN O    O N N 44  
ASN CB   C N N 45  
ASN CG   C N N 46  
ASN OD1  O N N 47  
ASN ND2  N N N 48  
ASN OXT  O N N 49  
ASN H    H N N 50  
ASN H2   H N N 51  
ASN HA   H N N 52  
ASN HB2  H N N 53  
ASN HB3  H N N 54  
ASN HD21 H N N 55  
ASN HD22 H N N 56  
ASN HXT  H N N 57  
ASP N    N N N 58  
ASP CA   C N S 59  
ASP C    C N N 60  
ASP O    O N N 61  
ASP CB   C N N 62  
ASP CG   C N N 63  
ASP OD1  O N N 64  
ASP OD2  O N N 65  
ASP OXT  O N N 66  
ASP H    H N N 67  
ASP H2   H N N 68  
ASP HA   H N N 69  
ASP HB2  H N N 70  
ASP HB3  H N N 71  
ASP HD2  H N N 72  
ASP HXT  H N N 73  
CYS N    N N N 74  
CYS CA   C N R 75  
CYS C    C N N 76  
CYS O    O N N 77  
CYS CB   C N N 78  
CYS SG   S N N 79  
CYS OXT  O N N 80  
CYS H    H N N 81  
CYS H2   H N N 82  
CYS HA   H N N 83  
CYS HB2  H N N 84  
CYS HB3  H N N 85  
CYS HG   H N N 86  
CYS HXT  H N N 87  
GLN N    N N N 88  
GLN CA   C N S 89  
GLN C    C N N 90  
GLN O    O N N 91  
GLN CB   C N N 92  
GLN CG   C N N 93  
GLN CD   C N N 94  
GLN OE1  O N N 95  
GLN NE2  N N N 96  
GLN OXT  O N N 97  
GLN H    H N N 98  
GLN H2   H N N 99  
GLN HA   H N N 100 
GLN HB2  H N N 101 
GLN HB3  H N N 102 
GLN HG2  H N N 103 
GLN HG3  H N N 104 
GLN HE21 H N N 105 
GLN HE22 H N N 106 
GLN HXT  H N N 107 
GLU N    N N N 108 
GLU CA   C N S 109 
GLU C    C N N 110 
GLU O    O N N 111 
GLU CB   C N N 112 
GLU CG   C N N 113 
GLU CD   C N N 114 
GLU OE1  O N N 115 
GLU OE2  O N N 116 
GLU OXT  O N N 117 
GLU H    H N N 118 
GLU H2   H N N 119 
GLU HA   H N N 120 
GLU HB2  H N N 121 
GLU HB3  H N N 122 
GLU HG2  H N N 123 
GLU HG3  H N N 124 
GLU HE2  H N N 125 
GLU HXT  H N N 126 
GLY N    N N N 127 
GLY CA   C N N 128 
GLY C    C N N 129 
GLY O    O N N 130 
GLY OXT  O N N 131 
GLY H    H N N 132 
GLY H2   H N N 133 
GLY HA2  H N N 134 
GLY HA3  H N N 135 
GLY HXT  H N N 136 
HIS N    N N N 137 
HIS CA   C N S 138 
HIS C    C N N 139 
HIS O    O N N 140 
HIS CB   C N N 141 
HIS CG   C Y N 142 
HIS ND1  N Y N 143 
HIS CD2  C Y N 144 
HIS CE1  C Y N 145 
HIS NE2  N Y N 146 
HIS OXT  O N N 147 
HIS H    H N N 148 
HIS H2   H N N 149 
HIS HA   H N N 150 
HIS HB2  H N N 151 
HIS HB3  H N N 152 
HIS HD1  H N N 153 
HIS HD2  H N N 154 
HIS HE1  H N N 155 
HIS HE2  H N N 156 
HIS HXT  H N N 157 
HOH O    O N N 158 
HOH H1   H N N 159 
HOH H2   H N N 160 
ILE N    N N N 161 
ILE CA   C N S 162 
ILE C    C N N 163 
ILE O    O N N 164 
ILE CB   C N S 165 
ILE CG1  C N N 166 
ILE CG2  C N N 167 
ILE CD1  C N N 168 
ILE OXT  O N N 169 
ILE H    H N N 170 
ILE H2   H N N 171 
ILE HA   H N N 172 
ILE HB   H N N 173 
ILE HG12 H N N 174 
ILE HG13 H N N 175 
ILE HG21 H N N 176 
ILE HG22 H N N 177 
ILE HG23 H N N 178 
ILE HD11 H N N 179 
ILE HD12 H N N 180 
ILE HD13 H N N 181 
ILE HXT  H N N 182 
LEU N    N N N 183 
LEU CA   C N S 184 
LEU C    C N N 185 
LEU O    O N N 186 
LEU CB   C N N 187 
LEU CG   C N N 188 
LEU CD1  C N N 189 
LEU CD2  C N N 190 
LEU OXT  O N N 191 
LEU H    H N N 192 
LEU H2   H N N 193 
LEU HA   H N N 194 
LEU HB2  H N N 195 
LEU HB3  H N N 196 
LEU HG   H N N 197 
LEU HD11 H N N 198 
LEU HD12 H N N 199 
LEU HD13 H N N 200 
LEU HD21 H N N 201 
LEU HD22 H N N 202 
LEU HD23 H N N 203 
LEU HXT  H N N 204 
LYS N    N N N 205 
LYS CA   C N S 206 
LYS C    C N N 207 
LYS O    O N N 208 
LYS CB   C N N 209 
LYS CG   C N N 210 
LYS CD   C N N 211 
LYS CE   C N N 212 
LYS NZ   N N N 213 
LYS OXT  O N N 214 
LYS H    H N N 215 
LYS H2   H N N 216 
LYS HA   H N N 217 
LYS HB2  H N N 218 
LYS HB3  H N N 219 
LYS HG2  H N N 220 
LYS HG3  H N N 221 
LYS HD2  H N N 222 
LYS HD3  H N N 223 
LYS HE2  H N N 224 
LYS HE3  H N N 225 
LYS HZ1  H N N 226 
LYS HZ2  H N N 227 
LYS HZ3  H N N 228 
LYS HXT  H N N 229 
MET N    N N N 230 
MET CA   C N S 231 
MET C    C N N 232 
MET O    O N N 233 
MET CB   C N N 234 
MET CG   C N N 235 
MET SD   S N N 236 
MET CE   C N N 237 
MET OXT  O N N 238 
MET H    H N N 239 
MET H2   H N N 240 
MET HA   H N N 241 
MET HB2  H N N 242 
MET HB3  H N N 243 
MET HG2  H N N 244 
MET HG3  H N N 245 
MET HE1  H N N 246 
MET HE2  H N N 247 
MET HE3  H N N 248 
MET HXT  H N N 249 
PHE N    N N N 250 
PHE CA   C N S 251 
PHE C    C N N 252 
PHE O    O N N 253 
PHE CB   C N N 254 
PHE CG   C Y N 255 
PHE CD1  C Y N 256 
PHE CD2  C Y N 257 
PHE CE1  C Y N 258 
PHE CE2  C Y N 259 
PHE CZ   C Y N 260 
PHE OXT  O N N 261 
PHE H    H N N 262 
PHE H2   H N N 263 
PHE HA   H N N 264 
PHE HB2  H N N 265 
PHE HB3  H N N 266 
PHE HD1  H N N 267 
PHE HD2  H N N 268 
PHE HE1  H N N 269 
PHE HE2  H N N 270 
PHE HZ   H N N 271 
PHE HXT  H N N 272 
PRO N    N N N 273 
PRO CA   C N S 274 
PRO C    C N N 275 
PRO O    O N N 276 
PRO CB   C N N 277 
PRO CG   C N N 278 
PRO CD   C N N 279 
PRO OXT  O N N 280 
PRO H    H N N 281 
PRO HA   H N N 282 
PRO HB2  H N N 283 
PRO HB3  H N N 284 
PRO HG2  H N N 285 
PRO HG3  H N N 286 
PRO HD2  H N N 287 
PRO HD3  H N N 288 
PRO HXT  H N N 289 
SER N    N N N 290 
SER CA   C N S 291 
SER C    C N N 292 
SER O    O N N 293 
SER CB   C N N 294 
SER OG   O N N 295 
SER OXT  O N N 296 
SER H    H N N 297 
SER H2   H N N 298 
SER HA   H N N 299 
SER HB2  H N N 300 
SER HB3  H N N 301 
SER HG   H N N 302 
SER HXT  H N N 303 
THR N    N N N 304 
THR CA   C N S 305 
THR C    C N N 306 
THR O    O N N 307 
THR CB   C N R 308 
THR OG1  O N N 309 
THR CG2  C N N 310 
THR OXT  O N N 311 
THR H    H N N 312 
THR H2   H N N 313 
THR HA   H N N 314 
THR HB   H N N 315 
THR HG1  H N N 316 
THR HG21 H N N 317 
THR HG22 H N N 318 
THR HG23 H N N 319 
THR HXT  H N N 320 
TRP N    N N N 321 
TRP CA   C N S 322 
TRP C    C N N 323 
TRP O    O N N 324 
TRP CB   C N N 325 
TRP CG   C Y N 326 
TRP CD1  C Y N 327 
TRP CD2  C Y N 328 
TRP NE1  N Y N 329 
TRP CE2  C Y N 330 
TRP CE3  C Y N 331 
TRP CZ2  C Y N 332 
TRP CZ3  C Y N 333 
TRP CH2  C Y N 334 
TRP OXT  O N N 335 
TRP H    H N N 336 
TRP H2   H N N 337 
TRP HA   H N N 338 
TRP HB2  H N N 339 
TRP HB3  H N N 340 
TRP HD1  H N N 341 
TRP HE1  H N N 342 
TRP HE3  H N N 343 
TRP HZ2  H N N 344 
TRP HZ3  H N N 345 
TRP HH2  H N N 346 
TRP HXT  H N N 347 
TYR N    N N N 348 
TYR CA   C N S 349 
TYR C    C N N 350 
TYR O    O N N 351 
TYR CB   C N N 352 
TYR CG   C Y N 353 
TYR CD1  C Y N 354 
TYR CD2  C Y N 355 
TYR CE1  C Y N 356 
TYR CE2  C Y N 357 
TYR CZ   C Y N 358 
TYR OH   O N N 359 
TYR OXT  O N N 360 
TYR H    H N N 361 
TYR H2   H N N 362 
TYR HA   H N N 363 
TYR HB2  H N N 364 
TYR HB3  H N N 365 
TYR HD1  H N N 366 
TYR HD2  H N N 367 
TYR HE1  H N N 368 
TYR HE2  H N N 369 
TYR HH   H N N 370 
TYR HXT  H N N 371 
VAL N    N N N 372 
VAL CA   C N S 373 
VAL C    C N N 374 
VAL O    O N N 375 
VAL CB   C N N 376 
VAL CG1  C N N 377 
VAL CG2  C N N 378 
VAL OXT  O N N 379 
VAL H    H N N 380 
VAL H2   H N N 381 
VAL HA   H N N 382 
VAL HB   H N N 383 
VAL HG11 H N N 384 
VAL HG12 H N N 385 
VAL HG13 H N N 386 
VAL HG21 H N N 387 
VAL HG22 H N N 388 
VAL HG23 H N N 389 
VAL HXT  H N N 390 
# 
loop_
_chem_comp_bond.comp_id 
_chem_comp_bond.atom_id_1 
_chem_comp_bond.atom_id_2 
_chem_comp_bond.value_order 
_chem_comp_bond.pdbx_aromatic_flag 
_chem_comp_bond.pdbx_stereo_config 
_chem_comp_bond.pdbx_ordinal 
ALA N   CA   sing N N 1   
ALA N   H    sing N N 2   
ALA N   H2   sing N N 3   
ALA CA  C    sing N N 4   
ALA CA  CB   sing N N 5   
ALA CA  HA   sing N N 6   
ALA C   O    doub N N 7   
ALA C   OXT  sing N N 8   
ALA CB  HB1  sing N N 9   
ALA CB  HB2  sing N N 10  
ALA CB  HB3  sing N N 11  
ALA OXT HXT  sing N N 12  
ARG N   CA   sing N N 13  
ARG N   H    sing N N 14  
ARG N   H2   sing N N 15  
ARG CA  C    sing N N 16  
ARG CA  CB   sing N N 17  
ARG CA  HA   sing N N 18  
ARG C   O    doub N N 19  
ARG C   OXT  sing N N 20  
ARG CB  CG   sing N N 21  
ARG CB  HB2  sing N N 22  
ARG CB  HB3  sing N N 23  
ARG CG  CD   sing N N 24  
ARG CG  HG2  sing N N 25  
ARG CG  HG3  sing N N 26  
ARG CD  NE   sing N N 27  
ARG CD  HD2  sing N N 28  
ARG CD  HD3  sing N N 29  
ARG NE  CZ   sing N N 30  
ARG NE  HE   sing N N 31  
ARG CZ  NH1  sing N N 32  
ARG CZ  NH2  doub N N 33  
ARG NH1 HH11 sing N N 34  
ARG NH1 HH12 sing N N 35  
ARG NH2 HH21 sing N N 36  
ARG NH2 HH22 sing N N 37  
ARG OXT HXT  sing N N 38  
ASN N   CA   sing N N 39  
ASN N   H    sing N N 40  
ASN N   H2   sing N N 41  
ASN CA  C    sing N N 42  
ASN CA  CB   sing N N 43  
ASN CA  HA   sing N N 44  
ASN C   O    doub N N 45  
ASN C   OXT  sing N N 46  
ASN CB  CG   sing N N 47  
ASN CB  HB2  sing N N 48  
ASN CB  HB3  sing N N 49  
ASN CG  OD1  doub N N 50  
ASN CG  ND2  sing N N 51  
ASN ND2 HD21 sing N N 52  
ASN ND2 HD22 sing N N 53  
ASN OXT HXT  sing N N 54  
ASP N   CA   sing N N 55  
ASP N   H    sing N N 56  
ASP N   H2   sing N N 57  
ASP CA  C    sing N N 58  
ASP CA  CB   sing N N 59  
ASP CA  HA   sing N N 60  
ASP C   O    doub N N 61  
ASP C   OXT  sing N N 62  
ASP CB  CG   sing N N 63  
ASP CB  HB2  sing N N 64  
ASP CB  HB3  sing N N 65  
ASP CG  OD1  doub N N 66  
ASP CG  OD2  sing N N 67  
ASP OD2 HD2  sing N N 68  
ASP OXT HXT  sing N N 69  
CYS N   CA   sing N N 70  
CYS N   H    sing N N 71  
CYS N   H2   sing N N 72  
CYS CA  C    sing N N 73  
CYS CA  CB   sing N N 74  
CYS CA  HA   sing N N 75  
CYS C   O    doub N N 76  
CYS C   OXT  sing N N 77  
CYS CB  SG   sing N N 78  
CYS CB  HB2  sing N N 79  
CYS CB  HB3  sing N N 80  
CYS SG  HG   sing N N 81  
CYS OXT HXT  sing N N 82  
GLN N   CA   sing N N 83  
GLN N   H    sing N N 84  
GLN N   H2   sing N N 85  
GLN CA  C    sing N N 86  
GLN CA  CB   sing N N 87  
GLN CA  HA   sing N N 88  
GLN C   O    doub N N 89  
GLN C   OXT  sing N N 90  
GLN CB  CG   sing N N 91  
GLN CB  HB2  sing N N 92  
GLN CB  HB3  sing N N 93  
GLN CG  CD   sing N N 94  
GLN CG  HG2  sing N N 95  
GLN CG  HG3  sing N N 96  
GLN CD  OE1  doub N N 97  
GLN CD  NE2  sing N N 98  
GLN NE2 HE21 sing N N 99  
GLN NE2 HE22 sing N N 100 
GLN OXT HXT  sing N N 101 
GLU N   CA   sing N N 102 
GLU N   H    sing N N 103 
GLU N   H2   sing N N 104 
GLU CA  C    sing N N 105 
GLU CA  CB   sing N N 106 
GLU CA  HA   sing N N 107 
GLU C   O    doub N N 108 
GLU C   OXT  sing N N 109 
GLU CB  CG   sing N N 110 
GLU CB  HB2  sing N N 111 
GLU CB  HB3  sing N N 112 
GLU CG  CD   sing N N 113 
GLU CG  HG2  sing N N 114 
GLU CG  HG3  sing N N 115 
GLU CD  OE1  doub N N 116 
GLU CD  OE2  sing N N 117 
GLU OE2 HE2  sing N N 118 
GLU OXT HXT  sing N N 119 
GLY N   CA   sing N N 120 
GLY N   H    sing N N 121 
GLY N   H2   sing N N 122 
GLY CA  C    sing N N 123 
GLY CA  HA2  sing N N 124 
GLY CA  HA3  sing N N 125 
GLY C   O    doub N N 126 
GLY C   OXT  sing N N 127 
GLY OXT HXT  sing N N 128 
HIS N   CA   sing N N 129 
HIS N   H    sing N N 130 
HIS N   H2   sing N N 131 
HIS CA  C    sing N N 132 
HIS CA  CB   sing N N 133 
HIS CA  HA   sing N N 134 
HIS C   O    doub N N 135 
HIS C   OXT  sing N N 136 
HIS CB  CG   sing N N 137 
HIS CB  HB2  sing N N 138 
HIS CB  HB3  sing N N 139 
HIS CG  ND1  sing Y N 140 
HIS CG  CD2  doub Y N 141 
HIS ND1 CE1  doub Y N 142 
HIS ND1 HD1  sing N N 143 
HIS CD2 NE2  sing Y N 144 
HIS CD2 HD2  sing N N 145 
HIS CE1 NE2  sing Y N 146 
HIS CE1 HE1  sing N N 147 
HIS NE2 HE2  sing N N 148 
HIS OXT HXT  sing N N 149 
HOH O   H1   sing N N 150 
HOH O   H2   sing N N 151 
ILE N   CA   sing N N 152 
ILE N   H    sing N N 153 
ILE N   H2   sing N N 154 
ILE CA  C    sing N N 155 
ILE CA  CB   sing N N 156 
ILE CA  HA   sing N N 157 
ILE C   O    doub N N 158 
ILE C   OXT  sing N N 159 
ILE CB  CG1  sing N N 160 
ILE CB  CG2  sing N N 161 
ILE CB  HB   sing N N 162 
ILE CG1 CD1  sing N N 163 
ILE CG1 HG12 sing N N 164 
ILE CG1 HG13 sing N N 165 
ILE CG2 HG21 sing N N 166 
ILE CG2 HG22 sing N N 167 
ILE CG2 HG23 sing N N 168 
ILE CD1 HD11 sing N N 169 
ILE CD1 HD12 sing N N 170 
ILE CD1 HD13 sing N N 171 
ILE OXT HXT  sing N N 172 
LEU N   CA   sing N N 173 
LEU N   H    sing N N 174 
LEU N   H2   sing N N 175 
LEU CA  C    sing N N 176 
LEU CA  CB   sing N N 177 
LEU CA  HA   sing N N 178 
LEU C   O    doub N N 179 
LEU C   OXT  sing N N 180 
LEU CB  CG   sing N N 181 
LEU CB  HB2  sing N N 182 
LEU CB  HB3  sing N N 183 
LEU CG  CD1  sing N N 184 
LEU CG  CD2  sing N N 185 
LEU CG  HG   sing N N 186 
LEU CD1 HD11 sing N N 187 
LEU CD1 HD12 sing N N 188 
LEU CD1 HD13 sing N N 189 
LEU CD2 HD21 sing N N 190 
LEU CD2 HD22 sing N N 191 
LEU CD2 HD23 sing N N 192 
LEU OXT HXT  sing N N 193 
LYS N   CA   sing N N 194 
LYS N   H    sing N N 195 
LYS N   H2   sing N N 196 
LYS CA  C    sing N N 197 
LYS CA  CB   sing N N 198 
LYS CA  HA   sing N N 199 
LYS C   O    doub N N 200 
LYS C   OXT  sing N N 201 
LYS CB  CG   sing N N 202 
LYS CB  HB2  sing N N 203 
LYS CB  HB3  sing N N 204 
LYS CG  CD   sing N N 205 
LYS CG  HG2  sing N N 206 
LYS CG  HG3  sing N N 207 
LYS CD  CE   sing N N 208 
LYS CD  HD2  sing N N 209 
LYS CD  HD3  sing N N 210 
LYS CE  NZ   sing N N 211 
LYS CE  HE2  sing N N 212 
LYS CE  HE3  sing N N 213 
LYS NZ  HZ1  sing N N 214 
LYS NZ  HZ2  sing N N 215 
LYS NZ  HZ3  sing N N 216 
LYS OXT HXT  sing N N 217 
MET N   CA   sing N N 218 
MET N   H    sing N N 219 
MET N   H2   sing N N 220 
MET CA  C    sing N N 221 
MET CA  CB   sing N N 222 
MET CA  HA   sing N N 223 
MET C   O    doub N N 224 
MET C   OXT  sing N N 225 
MET CB  CG   sing N N 226 
MET CB  HB2  sing N N 227 
MET CB  HB3  sing N N 228 
MET CG  SD   sing N N 229 
MET CG  HG2  sing N N 230 
MET CG  HG3  sing N N 231 
MET SD  CE   sing N N 232 
MET CE  HE1  sing N N 233 
MET CE  HE2  sing N N 234 
MET CE  HE3  sing N N 235 
MET OXT HXT  sing N N 236 
PHE N   CA   sing N N 237 
PHE N   H    sing N N 238 
PHE N   H2   sing N N 239 
PHE CA  C    sing N N 240 
PHE CA  CB   sing N N 241 
PHE CA  HA   sing N N 242 
PHE C   O    doub N N 243 
PHE C   OXT  sing N N 244 
PHE CB  CG   sing N N 245 
PHE CB  HB2  sing N N 246 
PHE CB  HB3  sing N N 247 
PHE CG  CD1  doub Y N 248 
PHE CG  CD2  sing Y N 249 
PHE CD1 CE1  sing Y N 250 
PHE CD1 HD1  sing N N 251 
PHE CD2 CE2  doub Y N 252 
PHE CD2 HD2  sing N N 253 
PHE CE1 CZ   doub Y N 254 
PHE CE1 HE1  sing N N 255 
PHE CE2 CZ   sing Y N 256 
PHE CE2 HE2  sing N N 257 
PHE CZ  HZ   sing N N 258 
PHE OXT HXT  sing N N 259 
PRO N   CA   sing N N 260 
PRO N   CD   sing N N 261 
PRO N   H    sing N N 262 
PRO CA  C    sing N N 263 
PRO CA  CB   sing N N 264 
PRO CA  HA   sing N N 265 
PRO C   O    doub N N 266 
PRO C   OXT  sing N N 267 
PRO CB  CG   sing N N 268 
PRO CB  HB2  sing N N 269 
PRO CB  HB3  sing N N 270 
PRO CG  CD   sing N N 271 
PRO CG  HG2  sing N N 272 
PRO CG  HG3  sing N N 273 
PRO CD  HD2  sing N N 274 
PRO CD  HD3  sing N N 275 
PRO OXT HXT  sing N N 276 
SER N   CA   sing N N 277 
SER N   H    sing N N 278 
SER N   H2   sing N N 279 
SER CA  C    sing N N 280 
SER CA  CB   sing N N 281 
SER CA  HA   sing N N 282 
SER C   O    doub N N 283 
SER C   OXT  sing N N 284 
SER CB  OG   sing N N 285 
SER CB  HB2  sing N N 286 
SER CB  HB3  sing N N 287 
SER OG  HG   sing N N 288 
SER OXT HXT  sing N N 289 
THR N   CA   sing N N 290 
THR N   H    sing N N 291 
THR N   H2   sing N N 292 
THR CA  C    sing N N 293 
THR CA  CB   sing N N 294 
THR CA  HA   sing N N 295 
THR C   O    doub N N 296 
THR C   OXT  sing N N 297 
THR CB  OG1  sing N N 298 
THR CB  CG2  sing N N 299 
THR CB  HB   sing N N 300 
THR OG1 HG1  sing N N 301 
THR CG2 HG21 sing N N 302 
THR CG2 HG22 sing N N 303 
THR CG2 HG23 sing N N 304 
THR OXT HXT  sing N N 305 
TRP N   CA   sing N N 306 
TRP N   H    sing N N 307 
TRP N   H2   sing N N 308 
TRP CA  C    sing N N 309 
TRP CA  CB   sing N N 310 
TRP CA  HA   sing N N 311 
TRP C   O    doub N N 312 
TRP C   OXT  sing N N 313 
TRP CB  CG   sing N N 314 
TRP CB  HB2  sing N N 315 
TRP CB  HB3  sing N N 316 
TRP CG  CD1  doub Y N 317 
TRP CG  CD2  sing Y N 318 
TRP CD1 NE1  sing Y N 319 
TRP CD1 HD1  sing N N 320 
TRP CD2 CE2  doub Y N 321 
TRP CD2 CE3  sing Y N 322 
TRP NE1 CE2  sing Y N 323 
TRP NE1 HE1  sing N N 324 
TRP CE2 CZ2  sing Y N 325 
TRP CE3 CZ3  doub Y N 326 
TRP CE3 HE3  sing N N 327 
TRP CZ2 CH2  doub Y N 328 
TRP CZ2 HZ2  sing N N 329 
TRP CZ3 CH2  sing Y N 330 
TRP CZ3 HZ3  sing N N 331 
TRP CH2 HH2  sing N N 332 
TRP OXT HXT  sing N N 333 
TYR N   CA   sing N N 334 
TYR N   H    sing N N 335 
TYR N   H2   sing N N 336 
TYR CA  C    sing N N 337 
TYR CA  CB   sing N N 338 
TYR CA  HA   sing N N 339 
TYR C   O    doub N N 340 
TYR C   OXT  sing N N 341 
TYR CB  CG   sing N N 342 
TYR CB  HB2  sing N N 343 
TYR CB  HB3  sing N N 344 
TYR CG  CD1  doub Y N 345 
TYR CG  CD2  sing Y N 346 
TYR CD1 CE1  sing Y N 347 
TYR CD1 HD1  sing N N 348 
TYR CD2 CE2  doub Y N 349 
TYR CD2 HD2  sing N N 350 
TYR CE1 CZ   doub Y N 351 
TYR CE1 HE1  sing N N 352 
TYR CE2 CZ   sing Y N 353 
TYR CE2 HE2  sing N N 354 
TYR CZ  OH   sing N N 355 
TYR OH  HH   sing N N 356 
TYR OXT HXT  sing N N 357 
VAL N   CA   sing N N 358 
VAL N   H    sing N N 359 
VAL N   H2   sing N N 360 
VAL CA  C    sing N N 361 
VAL CA  CB   sing N N 362 
VAL CA  HA   sing N N 363 
VAL C   O    doub N N 364 
VAL C   OXT  sing N N 365 
VAL CB  CG1  sing N N 366 
VAL CB  CG2  sing N N 367 
VAL CB  HB   sing N N 368 
VAL CG1 HG11 sing N N 369 
VAL CG1 HG12 sing N N 370 
VAL CG1 HG13 sing N N 371 
VAL CG2 HG21 sing N N 372 
VAL CG2 HG22 sing N N 373 
VAL CG2 HG23 sing N N 374 
VAL OXT HXT  sing N N 375 
# 
_atom_sites.entry_id                    1XTE 
_atom_sites.fract_transf_matrix[1][1]   0.01105007 
_atom_sites.fract_transf_matrix[1][2]   0.00716802 
_atom_sites.fract_transf_matrix[1][3]   0.00212706 
_atom_sites.fract_transf_matrix[2][1]   0.00225446 
_atom_sites.fract_transf_matrix[2][2]   0.00042475 
_atom_sites.fract_transf_matrix[2][3]   -0.01314329 
_atom_sites.fract_transf_matrix[3][1]   -0.01033547 
_atom_sites.fract_transf_matrix[3][2]   0.01630267 
_atom_sites.fract_transf_matrix[3][3]   -0.00124598 
_atom_sites.fract_transf_vector[1]      0.864424 
_atom_sites.fract_transf_vector[2]      -0.242906 
_atom_sites.fract_transf_vector[3]      0.127566 
# 
loop_
_atom_type.symbol 
C 
N 
O 
S 
# 
loop_
_atom_site.group_PDB 
_atom_site.id 
_atom_site.type_symbol 
_atom_site.label_atom_id 
_atom_site.label_alt_id 
_atom_site.label_comp_id 
_atom_site.label_asym_id 
_atom_site.label_entity_id 
_atom_site.label_seq_id 
_atom_site.pdbx_PDB_ins_code 
_atom_site.Cartn_x 
_atom_site.Cartn_y 
_atom_site.Cartn_z 
_atom_site.occupancy 
_atom_site.B_iso_or_equiv 
_atom_site.pdbx_formal_charge 
_atom_site.auth_seq_id 
_atom_site.auth_comp_id 
_atom_site.auth_asym_id 
_atom_site.auth_atom_id 
_atom_site.pdbx_PDB_model_num 
ATOM   1    N N   . LYS A 1 4   ? -6.155  -22.461 -12.877 1.00 41.25 ? 4   LYS A N   1 
ATOM   2    C CA  . LYS A 1 4   ? -4.985  -21.587 -12.501 1.00 41.49 ? 4   LYS A CA  1 
ATOM   3    C C   . LYS A 1 4   ? -5.423  -20.234 -11.880 1.00 39.43 ? 4   LYS A C   1 
ATOM   4    O O   . LYS A 1 4   ? -6.250  -19.539 -12.457 1.00 40.29 ? 4   LYS A O   1 
ATOM   5    C CB  . LYS A 1 4   ? -4.118  -21.330 -13.764 1.00 41.92 ? 4   LYS A CB  1 
ATOM   6    N N   . GLU A 1 5   ? -4.879  -19.871 -10.712 1.00 39.05 ? 5   GLU A N   1 
ATOM   7    C CA  . GLU A 1 5   ? -5.220  -18.588 -10.054 1.00 37.13 ? 5   GLU A CA  1 
ATOM   8    C C   . GLU A 1 5   ? -4.352  -17.481 -10.648 1.00 36.55 ? 5   GLU A C   1 
ATOM   9    O O   . GLU A 1 5   ? -3.218  -17.748 -11.038 1.00 35.21 ? 5   GLU A O   1 
ATOM   10   C CB  . GLU A 1 5   ? -4.879  -18.608 -8.558  1.00 40.35 ? 5   GLU A CB  1 
ATOM   11   C CG  . GLU A 1 5   ? -5.866  -19.254 -7.639  1.00 37.45 ? 5   GLU A CG  1 
ATOM   12   C CD  . GLU A 1 5   ? -5.710  -18.756 -6.193  1.00 39.16 ? 5   GLU A CD  1 
ATOM   13   O OE1 . GLU A 1 5   ? -4.855  -19.320 -5.478  1.00 39.17 ? 5   GLU A OE1 1 
ATOM   14   O OE2 . GLU A 1 5   ? -6.426  -17.793 -5.766  1.00 34.95 ? 5   GLU A OE2 1 
ATOM   15   N N   . SER A 1 6   ? -4.847  -16.234 -10.666 1.00 33.93 ? 6   SER A N   1 
ATOM   16   C CA  . SER A 1 6   ? -4.036  -15.124 -11.186 1.00 33.13 ? 6   SER A CA  1 
ATOM   17   C C   . SER A 1 6   ? -3.238  -14.497 -10.035 1.00 33.14 ? 6   SER A C   1 
ATOM   18   O O   . SER A 1 6   ? -3.772  -14.324 -8.947  1.00 33.63 ? 6   SER A O   1 
ATOM   19   C CB  . SER A 1 6   ? -4.925  -14.056 -11.822 1.00 33.75 ? 6   SER A CB  1 
ATOM   20   O OG  . SER A 1 6   ? -5.691  -14.603 -12.883 1.00 31.32 ? 6   SER A OG  1 
ATOM   21   N N   . CYS A 1 7   ? -1.973  -14.166 -10.275 1.00 32.06 ? 7   CYS A N   1 
ATOM   22   C CA  . CYS A 1 7   ? -1.136  -13.552 -9.237  1.00 32.15 ? 7   CYS A CA  1 
ATOM   23   C C   . CYS A 1 7   ? -1.464  -12.070 -9.256  1.00 27.12 ? 7   CYS A C   1 
ATOM   24   O O   . CYS A 1 7   ? -1.466  -11.449 -10.333 1.00 28.84 ? 7   CYS A O   1 
ATOM   25   C CB  . CYS A 1 7   ? 0.358   -13.677 -9.530  1.00 34.11 ? 7   CYS A CB  1 
ATOM   26   S SG  . CYS A 1 7   ? 1.380   -12.670 -8.326  1.00 46.35 ? 7   CYS A SG  1 
ATOM   27   N N   . PRO A 1 8   ? -1.687  -11.470 -8.080  1.00 24.32 ? 8   PRO A N   1 
ATOM   28   C CA  . PRO A 1 8   ? -2.015  -10.038 -8.108  1.00 19.89 ? 8   PRO A CA  1 
ATOM   29   C C   . PRO A 1 8   ? -0.928  -9.120  -8.600  1.00 19.35 ? 8   PRO A C   1 
ATOM   30   O O   . PRO A 1 8   ? 0.271   -9.410  -8.444  1.00 21.79 ? 8   PRO A O   1 
ATOM   31   C CB  . PRO A 1 8   ? -2.373  -9.722  -6.665  1.00 23.13 ? 8   PRO A CB  1 
ATOM   32   C CG  . PRO A 1 8   ? -1.670  -10.813 -5.857  1.00 24.25 ? 8   PRO A CG  1 
ATOM   33   C CD  . PRO A 1 8   ? -1.684  -12.009 -6.702  1.00 24.75 ? 8   PRO A CD  1 
ATOM   34   N N   . SER A 1 9   ? -1.339  -7.996  -9.196  1.00 14.99 ? 9   SER A N   1 
ATOM   35   C CA  . SER A 1 9   ? -0.347  -6.997  -9.630  1.00 14.93 ? 9   SER A CA  1 
ATOM   36   C C   . SER A 1 9   ? -0.890  -5.701  -9.058  1.00 14.11 ? 9   SER A C   1 
ATOM   37   O O   . SER A 1 9   ? -2.136  -5.476  -9.022  1.00 18.01 ? 9   SER A O   1 
ATOM   38   C CB  . SER A 1 9   ? -0.264  -6.937  -11.160 1.00 18.91 ? 9   SER A CB  1 
ATOM   39   O OG  . SER A 1 9   ? -1.398  -6.369  -11.720 1.00 28.22 ? 9   SER A OG  1 
ATOM   40   N N   . VAL A 1 10  ? 0.016   -4.853  -8.601  1.00 11.48 ? 10  VAL A N   1 
ATOM   41   C CA  . VAL A 1 10  ? -0.431  -3.622  -7.984  1.00 12.09 ? 10  VAL A CA  1 
ATOM   42   C C   . VAL A 1 10  ? 0.429   -2.458  -8.399  1.00 14.09 ? 10  VAL A C   1 
ATOM   43   O O   . VAL A 1 10  ? 1.598   -2.648  -8.816  1.00 16.41 ? 10  VAL A O   1 
ATOM   44   C CB  . VAL A 1 10  ? -0.349  -3.702  -6.424  1.00 13.56 ? 10  VAL A CB  1 
ATOM   45   C CG1 . VAL A 1 10  ? -1.208  -4.827  -5.889  1.00 16.63 ? 10  VAL A CG1 1 
ATOM   46   C CG2 . VAL A 1 10  ? 1.048   -3.960  -5.968  1.00 14.97 ? 10  VAL A CG2 1 
ATOM   47   N N   . SER A 1 11  ? -0.150  -1.243  -8.354  1.00 11.53 ? 11  SER A N   1 
ATOM   48   C CA  . SER A 1 11  ? 0.657   -0.049  -8.618  1.00 12.13 ? 11  SER A CA  1 
ATOM   49   C C   . SER A 1 11  ? -0.008  1.098   -7.854  1.00 12.73 ? 11  SER A C   1 
ATOM   50   O O   . SER A 1 11  ? -1.160  0.937   -7.435  1.00 12.65 ? 11  SER A O   1 
ATOM   51   C CB  . SER A 1 11  ? 0.706   0.289   -10.089 1.00 16.71 ? 11  SER A CB  1 
ATOM   52   O OG  . SER A 1 11  ? -0.534  0.669   -10.559 1.00 18.15 ? 11  SER A OG  1 
ATOM   53   N N   . ILE A 1 12  ? 0.731   2.181   -7.628  1.00 11.68 ? 12  ILE A N   1 
ATOM   54   C CA  . ILE A 1 12  ? 0.179   3.342   -6.881  1.00 10.40 ? 12  ILE A CA  1 
ATOM   55   C C   . ILE A 1 12  ? 0.478   4.523   -7.812  1.00 12.08 ? 12  ILE A C   1 
ATOM   56   O O   . ILE A 1 12  ? 1.493   5.193   -7.698  1.00 13.77 ? 12  ILE A O   1 
ATOM   57   C CB  . ILE A 1 12  ? 0.888   3.553   -5.540  1.00 10.12 ? 12  ILE A CB  1 
ATOM   58   C CG1 . ILE A 1 12  ? 0.888   2.232   -4.741  1.00 11.99 ? 12  ILE A CG1 1 
ATOM   59   C CG2 . ILE A 1 12  ? 0.115   4.644   -4.697  1.00 11.68 ? 12  ILE A CG2 1 
ATOM   60   C CD1 . ILE A 1 12  ? 1.482   2.348   -3.306  1.00 12.50 ? 12  ILE A CD1 1 
ATOM   61   N N   . PRO A 1 13  ? -0.433  4.789   -8.724  1.00 13.26 ? 13  PRO A N   1 
ATOM   62   C CA  . PRO A 1 13  ? -0.199  5.866   -9.698  1.00 16.27 ? 13  PRO A CA  1 
ATOM   63   C C   . PRO A 1 13  ? -0.312  7.293   -9.256  1.00 17.14 ? 13  PRO A C   1 
ATOM   64   O O   . PRO A 1 13  ? 0.247   8.195   -9.928  1.00 18.38 ? 13  PRO A O   1 
ATOM   65   C CB  . PRO A 1 13  ? -1.202  5.546   -10.794 1.00 15.75 ? 13  PRO A CB  1 
ATOM   66   C CG  . PRO A 1 13  ? -2.350  4.957   -10.029 1.00 15.89 ? 13  PRO A CG  1 
ATOM   67   C CD  . PRO A 1 13  ? -1.675  4.056   -9.016  1.00 13.31 ? 13  PRO A CD  1 
ATOM   68   N N   . SER A 1 14  ? -0.994  7.509   -8.129  1.00 14.82 ? 14  SER A N   1 
ATOM   69   C CA  . SER A 1 14  ? -1.190  8.894   -7.717  1.00 14.09 ? 14  SER A CA  1 
ATOM   70   C C   . SER A 1 14  ? -1.608  8.981   -6.260  1.00 13.95 ? 14  SER A C   1 
ATOM   71   O O   . SER A 1 14  ? -1.803  7.995   -5.614  1.00 11.60 ? 14  SER A O   1 
ATOM   72   C CB  . SER A 1 14  ? -2.323  9.508   -8.563  1.00 14.44 ? 14  SER A CB  1 
ATOM   73   O OG  . SER A 1 14  ? -3.571  8.846   -8.357  1.00 17.42 ? 14  SER A OG  1 
ATOM   74   N N   . SER A 1 15  ? -1.672  10.215  -5.771  1.00 12.96 ? 15  SER A N   1 
ATOM   75   C CA  . SER A 1 15  ? -2.177  10.473  -4.423  1.00 12.89 ? 15  SER A CA  1 
ATOM   76   C C   . SER A 1 15  ? -3.003  11.742  -4.485  1.00 12.74 ? 15  SER A C   1 
ATOM   77   O O   . SER A 1 15  ? -2.891  12.527  -5.442  1.00 14.32 ? 15  SER A O   1 
ATOM   78   C CB  . SER A 1 15  ? -1.041  10.686  -3.394  1.00 13.59 ? 15  SER A CB  1 
ATOM   79   O OG  . SER A 1 15  ? -0.291  11.796  -3.748  1.00 15.82 ? 15  SER A OG  1 
ATOM   80   N N   . ASP A 1 16  ? -3.805  11.960  -3.436  1.00 14.24 ? 16  ASP A N   1 
ATOM   81   C CA  . ASP A 1 16  ? -4.633  13.140  -3.377  1.00 14.98 ? 16  ASP A CA  1 
ATOM   82   C C   . ASP A 1 16  ? -4.569  13.695  -1.970  1.00 14.00 ? 16  ASP A C   1 
ATOM   83   O O   . ASP A 1 16  ? -4.492  12.957  -0.982  1.00 13.85 ? 16  ASP A O   1 
ATOM   84   C CB  . ASP A 1 16  ? -6.099  12.758  -3.724  1.00 17.45 ? 16  ASP A CB  1 
ATOM   85   C CG  . ASP A 1 16  ? -6.278  12.379  -5.191  1.00 26.14 ? 16  ASP A CG  1 
ATOM   86   O OD1 . ASP A 1 16  ? -6.225  13.258  -6.067  1.00 32.18 ? 16  ASP A OD1 1 
ATOM   87   O OD2 . ASP A 1 16  ? -6.472  11.188  -5.489  1.00 32.60 ? 16  ASP A OD2 1 
ATOM   88   N N   . GLU A 1 17  ? -4.682  15.019  -1.879  1.00 16.23 ? 17  GLU A N   1 
ATOM   89   C CA  . GLU A 1 17  ? -4.691  15.645  -0.566  1.00 16.90 ? 17  GLU A CA  1 
ATOM   90   C C   . GLU A 1 17  ? -6.136  15.925  -0.167  1.00 20.12 ? 17  GLU A C   1 
ATOM   91   O O   . GLU A 1 17  ? -6.922  16.487  -0.961  1.00 21.45 ? 17  GLU A O   1 
ATOM   92   C CB  . GLU A 1 17  ? -3.957  16.987  -0.631  1.00 20.72 ? 17  GLU A CB  1 
ATOM   93   C CG  . GLU A 1 17  ? -3.971  17.709  0.729   1.00 28.02 ? 17  GLU A CG  1 
ATOM   94   C CD  . GLU A 1 17  ? -3.456  19.148  0.634   1.00 33.66 ? 17  GLU A CD  1 
ATOM   95   O OE1 . GLU A 1 17  ? -4.295  20.080  0.573   1.00 36.67 ? 17  GLU A OE1 1 
ATOM   96   O OE2 . GLU A 1 17  ? -2.223  19.340  0.603   1.00 34.16 ? 17  GLU A OE2 1 
ATOM   97   N N   . HIS A 1 18  ? -6.479  15.542  1.051   1.00 18.59 ? 18  HIS A N   1 
ATOM   98   C CA  . HIS A 1 18  ? -7.843  15.784  1.565   1.00 20.65 ? 18  HIS A CA  1 
ATOM   99   C C   . HIS A 1 18  ? -7.691  16.723  2.753   1.00 21.04 ? 18  HIS A C   1 
ATOM   100  O O   . HIS A 1 18  ? -6.676  16.760  3.406   1.00 21.67 ? 18  HIS A O   1 
ATOM   101  C CB  . HIS A 1 18  ? -8.470  14.481  2.054   1.00 20.74 ? 18  HIS A CB  1 
ATOM   102  C CG  . HIS A 1 18  ? -8.921  13.566  0.961   1.00 22.15 ? 18  HIS A CG  1 
ATOM   103  N ND1 . HIS A 1 18  ? -9.523  12.351  1.221   1.00 22.87 ? 18  HIS A ND1 1 
ATOM   104  C CD2 . HIS A 1 18  ? -8.789  13.639  -0.389  1.00 28.59 ? 18  HIS A CD2 1 
ATOM   105  C CE1 . HIS A 1 18  ? -9.728  11.709  0.082   1.00 23.65 ? 18  HIS A CE1 1 
ATOM   106  N NE2 . HIS A 1 18  ? -9.296  12.469  -0.911  1.00 27.46 ? 18  HIS A NE2 1 
ATOM   107  N N   . ARG A 1 19  ? -8.712  17.504  3.056   1.00 22.92 ? 19  ARG A N   1 
ATOM   108  C CA  . ARG A 1 19  ? -8.531  18.337  4.234   1.00 27.39 ? 19  ARG A CA  1 
ATOM   109  C C   . ARG A 1 19  ? -9.786  18.370  5.094   1.00 27.27 ? 19  ARG A C   1 
ATOM   110  O O   . ARG A 1 19  ? -10.901 18.208  4.591   1.00 28.72 ? 19  ARG A O   1 
ATOM   111  C CB  . ARG A 1 19  ? -8.149  19.763  3.848   1.00 31.28 ? 19  ARG A CB  1 
ATOM   112  C CG  . ARG A 1 19  ? -7.977  20.651  5.088   1.00 38.21 ? 19  ARG A CG  1 
ATOM   113  C CD  . ARG A 1 19  ? -7.048  21.824  4.864   1.00 41.45 ? 19  ARG A CD  1 
ATOM   114  N NE  . ARG A 1 19  ? -7.551  22.714  3.826   1.00 44.57 ? 19  ARG A NE  1 
ATOM   115  C CZ  . ARG A 1 19  ? -7.052  23.920  3.567   1.00 47.56 ? 19  ARG A CZ  1 
ATOM   116  N NH1 . ARG A 1 19  ? -6.029  24.384  4.278   1.00 48.10 ? 19  ARG A NH1 1 
ATOM   117  N NH2 . ARG A 1 19  ? -7.581  24.666  2.593   1.00 48.93 ? 19  ARG A NH2 1 
ATOM   118  N N   . GLU A 1 20  ? -9.574  18.525  6.391   1.00 27.44 ? 20  GLU A N   1 
ATOM   119  C CA  . GLU A 1 20  ? -10.680 18.667  7.348   1.00 30.60 ? 20  GLU A CA  1 
ATOM   120  C C   . GLU A 1 20  ? -10.213 19.759  8.308   1.00 34.53 ? 20  GLU A C   1 
ATOM   121  O O   . GLU A 1 20  ? -9.104  20.247  8.164   1.00 35.65 ? 20  GLU A O   1 
ATOM   122  C CB  . GLU A 1 20  ? -10.910 17.372  8.114   1.00 29.35 ? 20  GLU A CB  1 
ATOM   123  C CG  . GLU A 1 20  ? -11.387 16.237  7.263   1.00 29.41 ? 20  GLU A CG  1 
ATOM   124  C CD  . GLU A 1 20  ? -11.706 15.012  8.087   1.00 31.49 ? 20  GLU A CD  1 
ATOM   125  O OE1 . GLU A 1 20  ? -11.626 13.910  7.513   1.00 28.71 ? 20  GLU A OE1 1 
ATOM   126  O OE2 . GLU A 1 20  ? -12.056 15.148  9.301   1.00 30.83 ? 20  GLU A OE2 1 
ATOM   127  N N   . LYS A 1 21  ? -11.047 20.145  9.270   1.00 38.74 ? 21  LYS A N   1 
ATOM   128  C CA  . LYS A 1 21  ? -10.680 21.180  10.260  1.00 41.03 ? 21  LYS A CA  1 
ATOM   129  C C   . LYS A 1 21  ? -9.236  21.029  10.742  1.00 42.03 ? 21  LYS A C   1 
ATOM   130  O O   . LYS A 1 21  ? -8.904  20.045  11.404  1.00 42.52 ? 21  LYS A O   1 
ATOM   131  C CB  . LYS A 1 21  ? -11.617 21.110  11.487  1.00 42.44 ? 21  LYS A CB  1 
ATOM   132  C CG  . LYS A 1 21  ? -10.906 21.405  12.834  1.00 45.86 ? 21  LYS A CG  1 
ATOM   133  C CD  . LYS A 1 21  ? -11.734 20.946  14.047  1.00 48.16 ? 21  LYS A CD  1 
ATOM   134  C CE  . LYS A 1 21  ? -10.970 21.100  15.378  1.00 48.51 ? 21  LYS A CE  1 
ATOM   135  N NZ  . LYS A 1 21  ? -11.888 20.900  16.559  1.00 49.51 ? 21  LYS A NZ  1 
ATOM   136  N N   . LYS A 1 22  ? -8.387  21.997  10.389  1.00 41.64 ? 22  LYS A N   1 
ATOM   137  C CA  . LYS A 1 22  ? -6.991  21.996  10.808  1.00 42.30 ? 22  LYS A CA  1 
ATOM   138  C C   . LYS A 1 22  ? -6.303  20.653  10.543  1.00 41.39 ? 22  LYS A C   1 
ATOM   139  O O   . LYS A 1 22  ? -5.346  20.279  11.244  1.00 42.21 ? 22  LYS A O   1 
ATOM   140  C CB  . LYS A 1 22  ? -6.898  22.287  12.311  1.00 44.14 ? 22  LYS A CB  1 
ATOM   141  C CG  . LYS A 1 22  ? -7.849  23.366  12.824  1.00 44.76 ? 22  LYS A CG  1 
ATOM   142  C CD  . LYS A 1 22  ? -7.356  23.939  14.167  1.00 47.17 ? 22  LYS A CD  1 
ATOM   143  C CE  . LYS A 1 22  ? -6.022  24.677  13.985  1.00 48.36 ? 22  LYS A CE  1 
ATOM   144  N NZ  . LYS A 1 22  ? -5.269  24.974  15.258  1.00 48.60 ? 22  LYS A NZ  1 
ATOM   145  N N   . LYS A 1 23  ? -6.740  19.917  9.535   1.00 37.51 ? 23  LYS A N   1 
ATOM   146  C CA  . LYS A 1 23  ? -6.101  18.625  9.339   1.00 34.69 ? 23  LYS A CA  1 
ATOM   147  C C   . LYS A 1 23  ? -5.888  18.305  7.867   1.00 30.39 ? 23  LYS A C   1 
ATOM   148  O O   . LYS A 1 23  ? -6.720  18.582  7.045   1.00 29.29 ? 23  LYS A O   1 
ATOM   149  C CB  . LYS A 1 23  ? -6.959  17.566  10.044  1.00 36.98 ? 23  LYS A CB  1 
ATOM   150  C CG  . LYS A 1 23  ? -6.639  16.106  9.765   1.00 42.52 ? 23  LYS A CG  1 
ATOM   151  C CD  . LYS A 1 23  ? -7.454  15.207  10.720  1.00 44.61 ? 23  LYS A CD  1 
ATOM   152  C CE  . LYS A 1 23  ? -8.855  15.793  11.030  1.00 45.67 ? 23  LYS A CE  1 
ATOM   153  N NZ  . LYS A 1 23  ? -9.745  14.873  11.817  1.00 45.37 ? 23  LYS A NZ  1 
ATOM   154  N N   . ARG A 1 24  ? -4.730  17.785  7.512   1.00 25.86 ? 24  ARG A N   1 
ATOM   155  C CA  . ARG A 1 24  ? -4.553  17.468  6.101   1.00 23.20 ? 24  ARG A CA  1 
ATOM   156  C C   . ARG A 1 24  ? -4.070  16.054  6.034   1.00 19.97 ? 24  ARG A C   1 
ATOM   157  O O   . ARG A 1 24  ? -3.477  15.557  6.993   1.00 20.99 ? 24  ARG A O   1 
ATOM   158  C CB  . ARG A 1 24  ? -3.505  18.368  5.462   1.00 25.53 ? 24  ARG A CB  1 
ATOM   159  C CG  . ARG A 1 24  ? -4.028  19.737  5.122   1.00 32.91 ? 24  ARG A CG  1 
ATOM   160  C CD  . ARG A 1 24  ? -3.149  20.327  4.059   1.00 36.51 ? 24  ARG A CD  1 
ATOM   161  N NE  . ARG A 1 24  ? -1.845  20.644  4.599   1.00 34.53 ? 24  ARG A NE  1 
ATOM   162  C CZ  . ARG A 1 24  ? -0.804  21.009  3.856   1.00 36.51 ? 24  ARG A CZ  1 
ATOM   163  N NH1 . ARG A 1 24  ? -0.918  21.086  2.535   1.00 35.71 ? 24  ARG A NH1 1 
ATOM   164  N NH2 . ARG A 1 24  ? 0.335   21.325  4.441   1.00 33.77 ? 24  ARG A NH2 1 
ATOM   165  N N   . PHE A 1 25  ? -4.412  15.362  4.951   1.00 18.45 ? 25  PHE A N   1 
ATOM   166  C CA  . PHE A 1 25  ? -3.787  14.086  4.820   1.00 21.42 ? 25  PHE A CA  1 
ATOM   167  C C   . PHE A 1 25  ? -3.737  13.688  3.390   1.00 15.10 ? 25  PHE A C   1 
ATOM   168  O O   . PHE A 1 25  ? -4.373  14.262  2.519   1.00 15.23 ? 25  PHE A O   1 
ATOM   169  C CB  . PHE A 1 25  ? -4.392  13.012  5.673   1.00 26.93 ? 25  PHE A CB  1 
ATOM   170  C CG  . PHE A 1 25  ? -5.816  12.982  5.566   1.00 30.16 ? 25  PHE A CG  1 
ATOM   171  C CD1 . PHE A 1 25  ? -6.565  13.736  6.436   1.00 30.26 ? 25  PHE A CD1 1 
ATOM   172  C CD2 . PHE A 1 25  ? -6.398  12.396  4.482   1.00 32.86 ? 25  PHE A CD2 1 
ATOM   173  C CE1 . PHE A 1 25  ? -7.891  13.940  6.232   1.00 34.89 ? 25  PHE A CE1 1 
ATOM   174  C CE2 . PHE A 1 25  ? -7.720  12.584  4.250   1.00 34.68 ? 25  PHE A CE2 1 
ATOM   175  C CZ  . PHE A 1 25  ? -8.496  13.371  5.130   1.00 34.75 ? 25  PHE A CZ  1 
ATOM   176  N N   . THR A 1 26  ? -2.836  12.737  3.162   1.00 12.23 ? 26  THR A N   1 
ATOM   177  C CA  . THR A 1 26  ? -2.578  12.269  1.805   1.00 10.40 ? 26  THR A CA  1 
ATOM   178  C C   . THR A 1 26  ? -3.077  10.855  1.675   1.00 10.54 ? 26  THR A C   1 
ATOM   179  O O   . THR A 1 26  ? -2.727  9.958   2.477   1.00 12.05 ? 26  THR A O   1 
ATOM   180  C CB  . THR A 1 26  ? -1.036  12.302  1.575   1.00 10.75 ? 26  THR A CB  1 
ATOM   181  O OG1 . THR A 1 26  ? -0.568  13.658  1.711   1.00 13.56 ? 26  THR A OG1 1 
ATOM   182  C CG2 . THR A 1 26  ? -0.702  11.825  0.143   1.00 12.75 ? 26  THR A CG2 1 
ATOM   183  N N   . VAL A 1 27  ? -3.925  10.676  0.661   1.00 11.37 ? 27  VAL A N   1 
ATOM   184  C CA  . VAL A 1 27  ? -4.510  9.353   0.396   1.00 10.92 ? 27  VAL A CA  1 
ATOM   185  C C   . VAL A 1 27  ? -3.915  8.810   -0.889  1.00 10.18 ? 27  VAL A C   1 
ATOM   186  O O   . VAL A 1 27  ? -3.977  9.461   -1.927  1.00 11.53 ? 27  VAL A O   1 
ATOM   187  C CB  . VAL A 1 27  ? -6.024  9.494   0.239   1.00 11.91 ? 27  VAL A CB  1 
ATOM   188  C CG1 . VAL A 1 27  ? -6.616  8.123   -0.044  1.00 12.18 ? 27  VAL A CG1 1 
ATOM   189  C CG2 . VAL A 1 27  ? -6.638  10.034  1.507   1.00 15.43 ? 27  VAL A CG2 1 
ATOM   190  N N   . TYR A 1 28  ? -3.306  7.628   -0.819  1.00 9.02  ? 28  TYR A N   1 
ATOM   191  C CA  . TYR A 1 28  ? -2.676  7.018   -2.017  1.00 10.08 ? 28  TYR A CA  1 
ATOM   192  C C   . TYR A 1 28  ? -3.713  6.168   -2.727  1.00 11.42 ? 28  TYR A C   1 
ATOM   193  O O   . TYR A 1 28  ? -4.490  5.438   -2.087  1.00 12.33 ? 28  TYR A O   1 
ATOM   194  C CB  . TYR A 1 28  ? -1.483  6.155   -1.533  1.00 9.65  ? 28  TYR A CB  1 
ATOM   195  C CG  . TYR A 1 28  ? -0.397  6.999   -0.956  1.00 10.02 ? 28  TYR A CG  1 
ATOM   196  C CD1 . TYR A 1 28  ? 0.498   7.654   -1.802  1.00 10.59 ? 28  TYR A CD1 1 
ATOM   197  C CD2 . TYR A 1 28  ? -0.342  7.267   0.416   1.00 11.17 ? 28  TYR A CD2 1 
ATOM   198  C CE1 . TYR A 1 28  ? 1.408   8.592   -1.279  1.00 10.83 ? 28  TYR A CE1 1 
ATOM   199  C CE2 . TYR A 1 28  ? 0.587   8.205   0.930   1.00 11.68 ? 28  TYR A CE2 1 
ATOM   200  C CZ  . TYR A 1 28  ? 1.416   8.835   0.074   1.00 11.97 ? 28  TYR A CZ  1 
ATOM   201  O OH  . TYR A 1 28  ? 2.341   9.780   0.569   1.00 14.04 ? 28  TYR A OH  1 
ATOM   202  N N   . LYS A 1 29  ? -3.726  6.274   -4.050  1.00 9.92  ? 29  LYS A N   1 
ATOM   203  C CA  . LYS A 1 29  ? -4.682  5.502   -4.862  1.00 10.75 ? 29  LYS A CA  1 
ATOM   204  C C   . LYS A 1 29  ? -3.950  4.249   -5.351  1.00 10.52 ? 29  LYS A C   1 
ATOM   205  O O   . LYS A 1 29  ? -2.971  4.372   -6.116  1.00 12.27 ? 29  LYS A O   1 
ATOM   206  C CB  . LYS A 1 29  ? -5.116  6.364   -6.057  1.00 13.38 ? 29  LYS A CB  1 
ATOM   207  C CG  . LYS A 1 29  ? -6.107  5.644   -7.017  1.00 15.03 ? 29  LYS A CG  1 
ATOM   208  C CD  . LYS A 1 29  ? -6.210  6.414   -8.370  1.00 22.40 ? 29  LYS A CD  1 
ATOM   209  C CE  . LYS A 1 29  ? -7.030  7.629   -8.186  1.00 28.19 ? 29  LYS A CE  1 
ATOM   210  N NZ  . LYS A 1 29  ? -7.301  8.214   -9.534  1.00 29.27 ? 29  LYS A NZ  1 
ATOM   211  N N   . VAL A 1 30  ? -4.373  3.102   -4.851  1.00 10.96 ? 30  VAL A N   1 
ATOM   212  C CA  . VAL A 1 30  ? -3.707  1.843   -5.203  1.00 10.85 ? 30  VAL A CA  1 
ATOM   213  C C   . VAL A 1 30  ? -4.550  1.097   -6.229  1.00 9.66  ? 30  VAL A C   1 
ATOM   214  O O   . VAL A 1 30  ? -5.747  0.855   -6.003  1.00 11.09 ? 30  VAL A O   1 
ATOM   215  C CB  . VAL A 1 30  ? -3.542  0.989   -3.950  1.00 11.96 ? 30  VAL A CB  1 
ATOM   216  C CG1 . VAL A 1 30  ? -2.800  -0.348  -4.283  1.00 12.31 ? 30  VAL A CG1 1 
ATOM   217  C CG2 . VAL A 1 30  ? -2.751  1.796   -2.843  1.00 12.46 ? 30  VAL A CG2 1 
ATOM   218  N N   . LEU A 1 31  ? -3.949  0.776   -7.387  1.00 9.24  ? 31  LEU A N   1 
ATOM   219  C CA  . LEU A 1 31  ? -4.676  -0.007  -8.412  1.00 8.87  ? 31  LEU A CA  1 
ATOM   220  C C   . LEU A 1 31  ? -4.314  -1.464  -8.205  1.00 9.25  ? 31  LEU A C   1 
ATOM   221  O O   . LEU A 1 31  ? -3.137  -1.854  -8.303  1.00 12.30 ? 31  LEU A O   1 
ATOM   222  C CB  . LEU A 1 31  ? -4.248  0.464   -9.780  1.00 10.81 ? 31  LEU A CB  1 
ATOM   223  C CG  . LEU A 1 31  ? -5.274  1.225   -10.537 1.00 26.47 ? 31  LEU A CG  1 
ATOM   224  C CD1 . LEU A 1 31  ? -4.591  1.929   -11.759 1.00 26.55 ? 31  LEU A CD1 1 
ATOM   225  C CD2 . LEU A 1 31  ? -6.434  0.183   -10.903 1.00 21.77 ? 31  LEU A CD2 1 
ATOM   226  N N   . VAL A 1 32  ? -5.317  -2.294  -7.943  1.00 8.33  ? 32  VAL A N   1 
ATOM   227  C CA  . VAL A 1 32  ? -5.097  -3.698  -7.649  1.00 7.87  ? 32  VAL A CA  1 
ATOM   228  C C   . VAL A 1 32  ? -5.717  -4.539  -8.757  1.00 10.63 ? 32  VAL A C   1 
ATOM   229  O O   . VAL A 1 32  ? -6.910  -4.403  -9.059  1.00 12.81 ? 32  VAL A O   1 
ATOM   230  C CB  . VAL A 1 32  ? -5.796  -4.075  -6.329  1.00 8.27  ? 32  VAL A CB  1 
ATOM   231  C CG1 . VAL A 1 32  ? -5.479  -5.581  -6.031  1.00 10.65 ? 32  VAL A CG1 1 
ATOM   232  C CG2 . VAL A 1 32  ? -5.346  -3.170  -5.177  1.00 12.56 ? 32  VAL A CG2 1 
ATOM   233  N N   . SER A 1 33  ? -4.923  -5.421  -9.355  1.00 9.64  ? 33  SER A N   1 
ATOM   234  C CA  . SER A 1 33  ? -5.449  -6.237  -10.429 1.00 12.55 ? 33  SER A CA  1 
ATOM   235  C C   . SER A 1 33  ? -5.276  -7.713  -10.143 1.00 15.01 ? 33  SER A C   1 
ATOM   236  O O   . SER A 1 33  ? -4.187  -8.145  -9.781  1.00 15.02 ? 33  SER A O   1 
ATOM   237  C CB  . SER A 1 33  ? -4.708  -5.983  -11.748 1.00 17.60 ? 33  SER A CB  1 
ATOM   238  O OG  . SER A 1 33  ? -4.721  -4.648  -12.190 1.00 22.40 ? 33  SER A OG  1 
ATOM   239  N N   . VAL A 1 34  ? -6.354  -8.461  -10.276 1.00 12.25 ? 34  VAL A N   1 
ATOM   240  C CA  . VAL A 1 34  ? -6.219  -9.916  -10.102 1.00 14.33 ? 34  VAL A CA  1 
ATOM   241  C C   . VAL A 1 34  ? -6.838  -10.525 -11.367 1.00 16.67 ? 34  VAL A C   1 
ATOM   242  O O   . VAL A 1 34  ? -8.077  -10.492 -11.555 1.00 14.11 ? 34  VAL A O   1 
ATOM   243  C CB  . VAL A 1 34  ? -6.937  -10.405 -8.866  1.00 15.61 ? 34  VAL A CB  1 
ATOM   244  C CG1 . VAL A 1 34  ? -6.762  -11.971 -8.830  1.00 17.03 ? 34  VAL A CG1 1 
ATOM   245  C CG2 . VAL A 1 34  ? -6.273  -9.753  -7.591  1.00 15.89 ? 34  VAL A CG2 1 
ATOM   246  N N   . GLY A 1 35  ? -5.950  -10.950 -12.269 1.00 20.84 ? 35  GLY A N   1 
ATOM   247  C CA  . GLY A 1 35  ? -6.397  -11.524 -13.528 1.00 21.23 ? 35  GLY A CA  1 
ATOM   248  C C   . GLY A 1 35  ? -7.196  -10.600 -14.388 1.00 20.18 ? 35  GLY A C   1 
ATOM   249  O O   . GLY A 1 35  ? -6.758  -9.507  -14.765 1.00 23.48 ? 35  GLY A O   1 
ATOM   250  N N   . ARG A 1 36  ? -8.436  -10.981 -14.645 1.00 16.44 ? 36  ARG A N   1 
ATOM   251  C CA  . ARG A 1 36  ? -9.241  -10.197 -15.560 1.00 17.11 ? 36  ARG A CA  1 
ATOM   252  C C   . ARG A 1 36  ? -9.901  -8.975  -14.981 1.00 15.19 ? 36  ARG A C   1 
ATOM   253  O O   . ARG A 1 36  ? -10.490 -8.186  -15.711 1.00 18.24 ? 36  ARG A O   1 
ATOM   254  C CB  . ARG A 1 36  ? -10.307 -11.107 -16.209 1.00 20.46 ? 36  ARG A CB  1 
ATOM   255  C CG  . ARG A 1 36  ? -9.656  -12.270 -16.988 1.00 26.94 ? 36  ARG A CG  1 
ATOM   256  C CD  . ARG A 1 36  ? -8.949  -11.773 -18.245 1.00 30.55 ? 36  ARG A CD  1 
ATOM   257  N NE  . ARG A 1 36  ? -9.861  -11.712 -19.384 1.00 35.17 ? 36  ARG A NE  1 
ATOM   258  C CZ  . ARG A 1 36  ? -9.615  -11.047 -20.519 1.00 34.99 ? 36  ARG A CZ  1 
ATOM   259  N NH1 . ARG A 1 36  ? -10.509 -11.077 -21.506 1.00 36.29 ? 36  ARG A NH1 1 
ATOM   260  N NH2 . ARG A 1 36  ? -8.516  -10.320 -20.644 1.00 31.13 ? 36  ARG A NH2 1 
ATOM   261  N N   . SER A 1 37  ? -9.771  -8.794  -13.673 1.00 13.29 ? 37  SER A N   1 
ATOM   262  C CA  . SER A 1 37  ? -10.464 -7.681  -13.006 1.00 12.01 ? 37  SER A CA  1 
ATOM   263  C C   . SER A 1 37  ? -9.494  -6.810  -12.184 1.00 10.98 ? 37  SER A C   1 
ATOM   264  O O   . SER A 1 37  ? -8.464  -7.236  -11.760 1.00 12.62 ? 37  SER A O   1 
ATOM   265  C CB  . SER A 1 37  ? -11.524 -8.213  -12.039 1.00 18.69 ? 37  SER A CB  1 
ATOM   266  O OG  . SER A 1 37  ? -12.489 -9.026  -12.719 1.00 20.95 ? 37  SER A OG  1 
ATOM   267  N N   . GLU A 1 38  ? -9.899  -5.558  -11.986 1.00 11.01 ? 38  GLU A N   1 
ATOM   268  C CA  . GLU A 1 38  ? -9.060  -4.582  -11.273 1.00 11.65 ? 38  GLU A CA  1 
ATOM   269  C C   . GLU A 1 38  ? -9.978  -3.628  -10.515 1.00 12.65 ? 38  GLU A C   1 
ATOM   270  O O   . GLU A 1 38  ? -11.171 -3.485  -10.860 1.00 12.62 ? 38  GLU A O   1 
ATOM   271  C CB  . GLU A 1 38  ? -8.231  -3.801  -12.343 1.00 13.97 ? 38  GLU A CB  1 
ATOM   272  C CG  . GLU A 1 38  ? -7.473  -2.616  -11.876 1.00 21.86 ? 38  GLU A CG  1 
ATOM   273  C CD  . GLU A 1 38  ? -6.523  -2.109  -12.979 1.00 25.99 ? 38  GLU A CD  1 
ATOM   274  O OE1 . GLU A 1 38  ? -5.855  -1.067  -12.795 1.00 27.09 ? 38  GLU A OE1 1 
ATOM   275  O OE2 . GLU A 1 38  ? -6.437  -2.722  -14.032 1.00 20.02 ? 38  GLU A OE2 1 
ATOM   276  N N   . TRP A 1 39  ? -9.452  -2.987  -9.472  1.00 10.66 ? 39  TRP A N   1 
ATOM   277  C CA  . TRP A 1 39  ? -10.219 -2.021  -8.677  1.00 7.71  ? 39  TRP A CA  1 
ATOM   278  C C   . TRP A 1 39  ? -9.273  -1.104  -7.992  1.00 8.51  ? 39  TRP A C   1 
ATOM   279  O O   . TRP A 1 39  ? -8.077  -1.277  -8.075  1.00 10.66 ? 39  TRP A O   1 
ATOM   280  C CB  . TRP A 1 39  ? -11.102 -2.767  -7.658  1.00 10.03 ? 39  TRP A CB  1 
ATOM   281  C CG  . TRP A 1 39  ? -10.325 -3.707  -6.757  1.00 10.25 ? 39  TRP A CG  1 
ATOM   282  C CD1 . TRP A 1 39  ? -9.681  -3.389  -5.564  1.00 11.73 ? 39  TRP A CD1 1 
ATOM   283  C CD2 . TRP A 1 39  ? -10.060 -5.089  -7.003  1.00 11.12 ? 39  TRP A CD2 1 
ATOM   284  N NE1 . TRP A 1 39  ? -9.049  -4.517  -5.065  1.00 10.92 ? 39  TRP A NE1 1 
ATOM   285  C CE2 . TRP A 1 39  ? -9.261  -5.560  -5.926  1.00 11.48 ? 39  TRP A CE2 1 
ATOM   286  C CE3 . TRP A 1 39  ? -10.429 -5.987  -8.025  1.00 12.82 ? 39  TRP A CE3 1 
ATOM   287  C CZ2 . TRP A 1 39  ? -8.812  -6.900  -5.838  1.00 13.95 ? 39  TRP A CZ2 1 
ATOM   288  C CZ3 . TRP A 1 39  ? -9.979  -7.343  -7.913  1.00 14.25 ? 39  TRP A CZ3 1 
ATOM   289  C CH2 . TRP A 1 39  ? -9.195  -7.758  -6.833  1.00 13.44 ? 39  TRP A CH2 1 
ATOM   290  N N   . PHE A 1 40  ? -9.776  -0.056  -7.362  1.00 9.43  ? 40  PHE A N   1 
ATOM   291  C CA  . PHE A 1 40  ? -8.940  0.902   -6.616  1.00 9.18  ? 40  PHE A CA  1 
ATOM   292  C C   . PHE A 1 40  ? -9.130  0.710   -5.117  1.00 10.33 ? 40  PHE A C   1 
ATOM   293  O O   . PHE A 1 40  ? -10.231 0.311   -4.657  1.00 11.83 ? 40  PHE A O   1 
ATOM   294  C CB  . PHE A 1 40  ? -9.412  2.349   -6.926  1.00 9.30  ? 40  PHE A CB  1 
ATOM   295  C CG  . PHE A 1 40  ? -8.946  2.854   -8.257  1.00 19.72 ? 40  PHE A CG  1 
ATOM   296  C CD1 . PHE A 1 40  ? -7.591  2.757   -8.599  1.00 21.51 ? 40  PHE A CD1 1 
ATOM   297  C CD2 . PHE A 1 40  ? -9.785  3.425   -9.111  1.00 19.47 ? 40  PHE A CD2 1 
ATOM   298  C CE1 . PHE A 1 40  ? -7.136  3.257   -9.806  1.00 25.16 ? 40  PHE A CE1 1 
ATOM   299  C CE2 . PHE A 1 40  ? -9.335  3.940   -10.357 1.00 19.62 ? 40  PHE A CE2 1 
ATOM   300  C CZ  . PHE A 1 40  ? -8.032  3.855   -10.688 1.00 24.70 ? 40  PHE A CZ  1 
ATOM   301  N N   . VAL A 1 41  ? -8.037  0.912   -4.369  1.00 10.34 ? 41  VAL A N   1 
ATOM   302  C CA  . VAL A 1 41  ? -8.112  0.910   -2.905  1.00 9.89  ? 41  VAL A CA  1 
ATOM   303  C C   . VAL A 1 41  ? -7.428  2.182   -2.488  1.00 11.58 ? 41  VAL A C   1 
ATOM   304  O O   . VAL A 1 41  ? -6.450  2.564   -3.074  1.00 11.30 ? 41  VAL A O   1 
ATOM   305  C CB  . VAL A 1 41  ? -7.415  -0.317  -2.284  1.00 14.41 ? 41  VAL A CB  1 
ATOM   306  C CG1 . VAL A 1 41  ? -7.665  -0.352  -0.824  1.00 14.42 ? 41  VAL A CG1 1 
ATOM   307  C CG2 . VAL A 1 41  ? -8.032  -1.588  -2.879  1.00 14.98 ? 41  VAL A CG2 1 
ATOM   308  N N   . PHE A 1 42  ? -8.014  2.898   -1.487  1.00 10.42 ? 42  PHE A N   1 
ATOM   309  C CA  . PHE A 1 42  ? -7.461  4.172   -1.025  1.00 10.44 ? 42  PHE A CA  1 
ATOM   310  C C   . PHE A 1 42  ? -6.894  3.979   0.362   1.00 11.69 ? 42  PHE A C   1 
ATOM   311  O O   . PHE A 1 42  ? -7.565  3.492   1.274   1.00 14.73 ? 42  PHE A O   1 
ATOM   312  C CB  . PHE A 1 42  ? -8.608  5.183   -1.067  1.00 11.20 ? 42  PHE A CB  1 
ATOM   313  C CG  . PHE A 1 42  ? -9.124  5.403   -2.474  1.00 9.54  ? 42  PHE A CG  1 
ATOM   314  C CD1 . PHE A 1 42  ? -10.146 4.582   -3.006  1.00 13.22 ? 42  PHE A CD1 1 
ATOM   315  C CD2 . PHE A 1 42  ? -8.547  6.389   -3.259  1.00 10.67 ? 42  PHE A CD2 1 
ATOM   316  C CE1 . PHE A 1 42  ? -10.564 4.776   -4.355  1.00 12.90 ? 42  PHE A CE1 1 
ATOM   317  C CE2 . PHE A 1 42  ? -8.974  6.582   -4.615  1.00 14.18 ? 42  PHE A CE2 1 
ATOM   318  C CZ  . PHE A 1 42  ? -9.987  5.755   -5.141  1.00 13.28 ? 42  PHE A CZ  1 
ATOM   319  N N   . ARG A 1 43  ? -5.594  4.284   0.478   1.00 10.41 ? 43  ARG A N   1 
ATOM   320  C CA  . ARG A 1 43  ? -4.906  4.022   1.746   1.00 9.53  ? 43  ARG A CA  1 
ATOM   321  C C   . ARG A 1 43  ? -3.967  5.147   2.108   1.00 9.38  ? 43  ARG A C   1 
ATOM   322  O O   . ARG A 1 43  ? -3.282  5.699   1.229   1.00 12.00 ? 43  ARG A O   1 
ATOM   323  C CB  . ARG A 1 43  ? -4.016  2.745   1.611   1.00 9.75  ? 43  ARG A CB  1 
ATOM   324  C CG  . ARG A 1 43  ? -4.837  1.426   1.355   1.00 11.36 ? 43  ARG A CG  1 
ATOM   325  C CD  . ARG A 1 43  ? -5.648  1.069   2.591   1.00 13.02 ? 43  ARG A CD  1 
ATOM   326  N NE  . ARG A 1 43  ? -6.368  -0.177  2.360   1.00 13.13 ? 43  ARG A NE  1 
ATOM   327  C CZ  . ARG A 1 43  ? -7.424  -0.561  3.054   1.00 15.26 ? 43  ARG A CZ  1 
ATOM   328  N NH1 . ARG A 1 43  ? -8.016  -1.700  2.758   1.00 15.95 ? 43  ARG A NH1 1 
ATOM   329  N NH2 . ARG A 1 43  ? -7.908  0.223   4.026   1.00 20.91 ? 43  ARG A NH2 1 
ATOM   330  N N   . ARG A 1 44  ? -3.937  5.492   3.400   1.00 12.83 ? 44  ARG A N   1 
ATOM   331  C CA  . ARG A 1 44  ? -2.964  6.517   3.841   1.00 13.02 ? 44  ARG A CA  1 
ATOM   332  C C   . ARG A 1 44  ? -1.667  5.811   4.256   1.00 11.69 ? 44  ARG A C   1 
ATOM   333  O O   . ARG A 1 44  ? -1.649  4.589   4.542   1.00 11.79 ? 44  ARG A O   1 
ATOM   334  C CB  . ARG A 1 44  ? -3.491  7.266   5.057   1.00 15.66 ? 44  ARG A CB  1 
ATOM   335  C CG  . ARG A 1 44  ? -4.617  8.189   4.740   1.00 24.37 ? 44  ARG A CG  1 
ATOM   336  C CD  . ARG A 1 44  ? -5.180  8.833   6.033   1.00 28.10 ? 44  ARG A CD  1 
ATOM   337  N NE  . ARG A 1 44  ? -5.730  7.771   6.868   1.00 35.62 ? 44  ARG A NE  1 
ATOM   338  C CZ  . ARG A 1 44  ? -5.109  7.207   7.904   1.00 37.62 ? 44  ARG A CZ  1 
ATOM   339  N NH1 . ARG A 1 44  ? -3.894  7.617   8.270   1.00 39.67 ? 44  ARG A NH1 1 
ATOM   340  N NH2 . ARG A 1 44  ? -5.681  6.191   8.545   1.00 40.92 ? 44  ARG A NH2 1 
ATOM   341  N N   . TYR A 1 45  ? -0.601  6.591   4.394   1.00 12.38 ? 45  TYR A N   1 
ATOM   342  C CA  . TYR A 1 45  ? 0.686   6.011   4.806   1.00 13.58 ? 45  TYR A CA  1 
ATOM   343  C C   . TYR A 1 45  ? 0.587   5.186   6.082   1.00 14.40 ? 45  TYR A C   1 
ATOM   344  O O   . TYR A 1 45  ? 1.176   4.069   6.153   1.00 14.28 ? 45  TYR A O   1 
ATOM   345  C CB  . TYR A 1 45  ? 1.747   7.124   5.044   1.00 12.68 ? 45  TYR A CB  1 
ATOM   346  C CG  . TYR A 1 45  ? 3.053   6.574   5.556   1.00 11.07 ? 45  TYR A CG  1 
ATOM   347  C CD1 . TYR A 1 45  ? 4.029   6.123   4.681   1.00 12.12 ? 45  TYR A CD1 1 
ATOM   348  C CD2 . TYR A 1 45  ? 3.272   6.443   6.954   1.00 13.31 ? 45  TYR A CD2 1 
ATOM   349  C CE1 . TYR A 1 45  ? 5.255   5.552   5.212   1.00 10.14 ? 45  TYR A CE1 1 
ATOM   350  C CE2 . TYR A 1 45  ? 4.440   5.863   7.445   1.00 12.89 ? 45  TYR A CE2 1 
ATOM   351  C CZ  . TYR A 1 45  ? 5.404   5.449   6.561   1.00 11.10 ? 45  TYR A CZ  1 
ATOM   352  O OH  . TYR A 1 45  ? 6.578   4.975   7.067   1.00 14.07 ? 45  TYR A OH  1 
ATOM   353  N N   . ALA A 1 46  ? -0.154  5.664   7.087   1.00 13.10 ? 46  ALA A N   1 
ATOM   354  C CA  . ALA A 1 46  ? -0.217  4.879   8.349   1.00 14.50 ? 46  ALA A CA  1 
ATOM   355  C C   . ALA A 1 46  ? -0.717  3.453   8.167   1.00 16.20 ? 46  ALA A C   1 
ATOM   356  O O   . ALA A 1 46  ? -0.324  2.557   8.932   1.00 17.48 ? 46  ALA A O   1 
ATOM   357  C CB  . ALA A 1 46  ? -1.115  5.586   9.393   1.00 18.62 ? 46  ALA A CB  1 
ATOM   358  N N   . GLU A 1 47  ? -1.611  3.257   7.192   1.00 14.25 ? 47  GLU A N   1 
ATOM   359  C CA  . GLU A 1 47  ? -2.142  1.921   6.917   1.00 14.24 ? 47  GLU A CA  1 
ATOM   360  C C   . GLU A 1 47  ? -1.042  1.006   6.309   1.00 13.62 ? 47  GLU A C   1 
ATOM   361  O O   . GLU A 1 47  ? -0.952  -0.192  6.654   1.00 14.36 ? 47  GLU A O   1 
ATOM   362  C CB  . GLU A 1 47  ? -3.337  2.044   5.964   1.00 13.56 ? 47  GLU A CB  1 
ATOM   363  C CG  . GLU A 1 47  ? -4.466  2.864   6.576   1.00 15.44 ? 47  GLU A CG  1 
ATOM   364  C CD  . GLU A 1 47  ? -5.697  2.981   5.682   1.00 15.89 ? 47  GLU A CD  1 
ATOM   365  O OE1 . GLU A 1 47  ? -5.796  3.961   4.911   1.00 19.47 ? 47  GLU A OE1 1 
ATOM   366  O OE2 . GLU A 1 47  ? -6.547  2.070   5.801   1.00 21.02 ? 47  GLU A OE2 1 
ATOM   367  N N   . PHE A 1 48  ? -0.239  1.550   5.400   1.00 11.84 ? 48  PHE A N   1 
ATOM   368  C CA  . PHE A 1 48  ? 0.894   0.741   4.908   1.00 12.23 ? 48  PHE A CA  1 
ATOM   369  C C   . PHE A 1 48  ? 1.848   0.417   6.069   1.00 13.92 ? 48  PHE A C   1 
ATOM   370  O O   . PHE A 1 48  ? 2.386   -0.698  6.168   1.00 13.43 ? 48  PHE A O   1 
ATOM   371  C CB  . PHE A 1 48  ? 1.704   1.499   3.845   1.00 12.01 ? 48  PHE A CB  1 
ATOM   372  C CG  . PHE A 1 48  ? 0.957   1.741   2.543   1.00 9.96  ? 48  PHE A CG  1 
ATOM   373  C CD1 . PHE A 1 48  ? 1.234   0.942   1.411   1.00 11.76 ? 48  PHE A CD1 1 
ATOM   374  C CD2 . PHE A 1 48  ? 0.075   2.817   2.404   1.00 11.59 ? 48  PHE A CD2 1 
ATOM   375  C CE1 . PHE A 1 48  ? 0.631   1.258   0.175   1.00 13.05 ? 48  PHE A CE1 1 
ATOM   376  C CE2 . PHE A 1 48  ? -0.523  3.126   1.173   1.00 12.56 ? 48  PHE A CE2 1 
ATOM   377  C CZ  . PHE A 1 48  ? -0.233  2.342   0.067   1.00 11.79 ? 48  PHE A CZ  1 
ATOM   378  N N   . ASP A 1 49  ? 2.074   1.404   6.955   1.00 12.19 ? 49  ASP A N   1 
ATOM   379  C CA  . ASP A 1 49  ? 3.003   1.189   8.057   1.00 13.56 ? 49  ASP A CA  1 
ATOM   380  C C   . ASP A 1 49  ? 2.515   0.097   9.028   1.00 15.32 ? 49  ASP A C   1 
ATOM   381  O O   . ASP A 1 49  ? 3.335   -0.697  9.509   1.00 16.39 ? 49  ASP A O   1 
ATOM   382  C CB  . ASP A 1 49  ? 3.186   2.565   8.762   1.00 16.43 ? 49  ASP A CB  1 
ATOM   383  C CG  . ASP A 1 49  ? 4.388   2.594   9.751   1.00 21.87 ? 49  ASP A CG  1 
ATOM   384  O OD1 . ASP A 1 49  ? 5.401   1.928   9.524   1.00 25.82 ? 49  ASP A OD1 1 
ATOM   385  O OD2 . ASP A 1 49  ? 4.299   3.333   10.734  1.00 27.08 ? 49  ASP A OD2 1 
ATOM   386  N N   . LYS A 1 50  ? 1.203   0.060   9.281   1.00 15.26 ? 50  LYS A N   1 
ATOM   387  C CA  . LYS A 1 50  ? 0.635   -0.951  10.182  1.00 17.62 ? 50  LYS A CA  1 
ATOM   388  C C   . LYS A 1 50  ? 0.843   -2.354  9.554   1.00 18.13 ? 50  LYS A C   1 
ATOM   389  O O   . LYS A 1 50  ? 1.206   -3.330  10.233  1.00 17.20 ? 50  LYS A O   1 
ATOM   390  C CB  . LYS A 1 50  ? -0.845  -0.644  10.420  1.00 18.31 ? 50  LYS A CB  1 
ATOM   391  C CG  . LYS A 1 50  ? -1.657  -1.699  11.155  1.00 25.50 ? 50  LYS A CG  1 
ATOM   392  C CD  . LYS A 1 50  ? -3.101  -1.243  11.294  1.00 28.06 ? 50  LYS A CD  1 
ATOM   393  C CE  . LYS A 1 50  ? -3.789  -1.971  12.466  1.00 36.00 ? 50  LYS A CE  1 
ATOM   394  N NZ  . LYS A 1 50  ? -3.537  -3.434  12.353  1.00 37.30 ? 50  LYS A NZ  1 
ATOM   395  N N   . LEU A 1 51  ? 0.642   -2.461  8.238   1.00 16.13 ? 51  LEU A N   1 
ATOM   396  C CA  . LEU A 1 51  ? 0.873   -3.759  7.575   1.00 15.00 ? 51  LEU A CA  1 
ATOM   397  C C   . LEU A 1 51  ? 2.338   -4.160  7.625   1.00 15.91 ? 51  LEU A C   1 
ATOM   398  O O   . LEU A 1 51  ? 2.697   -5.313  7.918   1.00 14.63 ? 51  LEU A O   1 
ATOM   399  C CB  . LEU A 1 51  ? 0.385   -3.664  6.123   1.00 15.28 ? 51  LEU A CB  1 
ATOM   400  C CG  . LEU A 1 51  ? 0.473   -4.945  5.319   1.00 16.17 ? 51  LEU A CG  1 
ATOM   401  C CD1 . LEU A 1 51  ? -0.469  -6.052  5.909   1.00 18.23 ? 51  LEU A CD1 1 
ATOM   402  C CD2 . LEU A 1 51  ? 0.076   -4.611  3.817   1.00 16.17 ? 51  LEU A CD2 1 
ATOM   403  N N   . TYR A 1 52  ? 3.220   -3.186  7.343   1.00 13.72 ? 52  TYR A N   1 
ATOM   404  C CA  . TYR A 1 52  ? 4.643   -3.397  7.381   1.00 12.31 ? 52  TYR A CA  1 
ATOM   405  C C   . TYR A 1 52  ? 5.090   -3.861  8.762   1.00 13.61 ? 52  TYR A C   1 
ATOM   406  O O   . TYR A 1 52  ? 5.828   -4.809  8.862   1.00 17.48 ? 52  TYR A O   1 
ATOM   407  C CB  . TYR A 1 52  ? 5.391   -2.068  7.034   1.00 13.82 ? 52  TYR A CB  1 
ATOM   408  C CG  . TYR A 1 52  ? 6.834   -2.008  7.481   1.00 13.42 ? 52  TYR A CG  1 
ATOM   409  C CD1 . TYR A 1 52  ? 7.176   -1.306  8.655   1.00 18.34 ? 52  TYR A CD1 1 
ATOM   410  C CD2 . TYR A 1 52  ? 7.824   -2.591  6.745   1.00 15.50 ? 52  TYR A CD2 1 
ATOM   411  C CE1 . TYR A 1 52  ? 8.467   -1.207  9.053   1.00 19.08 ? 52  TYR A CE1 1 
ATOM   412  C CE2 . TYR A 1 52  ? 9.177   -2.496  7.163   1.00 22.71 ? 52  TYR A CE2 1 
ATOM   413  C CZ  . TYR A 1 52  ? 9.460   -1.798  8.306   1.00 22.85 ? 52  TYR A CZ  1 
ATOM   414  O OH  . TYR A 1 52  ? 10.784  -1.661  8.680   1.00 28.35 ? 52  TYR A OH  1 
ATOM   415  N N   . ASN A 1 53  ? 4.582   -3.216  9.795   1.00 16.25 ? 53  ASN A N   1 
ATOM   416  C CA  . ASN A 1 53  ? 5.054   -3.564  11.157  1.00 18.70 ? 53  ASN A CA  1 
ATOM   417  C C   . ASN A 1 53  ? 4.643   -4.983  11.555  1.00 21.44 ? 53  ASN A C   1 
ATOM   418  O O   . ASN A 1 53  ? 5.386   -5.653  12.298  1.00 21.47 ? 53  ASN A O   1 
ATOM   419  C CB  . ASN A 1 53  ? 4.547   -2.569  12.168  1.00 21.56 ? 53  ASN A CB  1 
ATOM   420  C CG  . ASN A 1 53  ? 5.361   -1.270  12.168  1.00 25.68 ? 53  ASN A CG  1 
ATOM   421  O OD1 . ASN A 1 53  ? 6.574   -1.297  12.008  1.00 29.99 ? 53  ASN A OD1 1 
ATOM   422  N ND2 . ASN A 1 53  ? 4.687   -0.144  12.369  1.00 31.07 ? 53  ASN A ND2 1 
ATOM   423  N N   . SER A 1 54  ? 3.509   -5.441  11.028  1.00 19.92 ? 54  SER A N   1 
ATOM   424  C CA  . SER A 1 54  ? 3.019   -6.803  11.300  1.00 19.66 ? 54  SER A CA  1 
ATOM   425  C C   . SER A 1 54  ? 3.811   -7.836  10.538  1.00 20.09 ? 54  SER A C   1 
ATOM   426  O O   . SER A 1 54  ? 4.304   -8.829  11.110  1.00 19.54 ? 54  SER A O   1 
ATOM   427  C CB  . SER A 1 54  ? 1.549   -6.952  10.861  1.00 21.16 ? 54  SER A CB  1 
ATOM   428  O OG  . SER A 1 54  ? 0.713   -6.180  11.652  1.00 25.12 ? 54  SER A OG  1 
ATOM   429  N N   . LEU A 1 55  ? 3.983   -7.599  9.242   1.00 13.88 ? 55  LEU A N   1 
ATOM   430  C CA  . LEU A 1 55  ? 4.690   -8.558  8.416   1.00 16.62 ? 55  LEU A CA  1 
ATOM   431  C C   . LEU A 1 55  ? 6.210   -8.637  8.683   1.00 18.84 ? 55  LEU A C   1 
ATOM   432  O O   . LEU A 1 55  ? 6.823   -9.694  8.491   1.00 20.61 ? 55  LEU A O   1 
ATOM   433  C CB  . LEU A 1 55  ? 4.458   -8.227  6.938   1.00 16.72 ? 55  LEU A CB  1 
ATOM   434  C CG  . LEU A 1 55  ? 2.994   -8.361  6.483   1.00 17.21 ? 55  LEU A CG  1 
ATOM   435  C CD1 . LEU A 1 55  ? 2.987   -8.013  4.946   1.00 18.02 ? 55  LEU A CD1 1 
ATOM   436  C CD2 . LEU A 1 55  ? 2.490   -9.825  6.675   1.00 20.32 ? 55  LEU A CD2 1 
ATOM   437  N N   . LYS A 1 56  ? 6.825   -7.529  9.116   1.00 17.61 ? 56  LYS A N   1 
ATOM   438  C CA  . LYS A 1 56  ? 8.276   -7.543  9.351   1.00 22.20 ? 56  LYS A CA  1 
ATOM   439  C C   . LYS A 1 56  ? 8.569   -8.476  10.546  1.00 21.54 ? 56  LYS A C   1 
ATOM   440  O O   . LYS A 1 56  ? 9.606   -9.148  10.592  1.00 22.24 ? 56  LYS A O   1 
ATOM   441  C CB  . LYS A 1 56  ? 8.751   -6.080  9.606   1.00 25.36 ? 56  LYS A CB  1 
ATOM   442  C CG  . LYS A 1 56  ? 10.225  -5.892  9.850   1.00 35.83 ? 56  LYS A CG  1 
ATOM   443  C CD  . LYS A 1 56  ? 10.538  -4.423  10.134  1.00 38.84 ? 56  LYS A CD  1 
ATOM   444  C CE  . LYS A 1 56  ? 12.048  -4.147  10.085  1.00 43.18 ? 56  LYS A CE  1 
ATOM   445  N NZ  . LYS A 1 56  ? 12.604  -4.175  8.685   1.00 44.00 ? 56  LYS A NZ  1 
ATOM   446  N N   . LYS A 1 57  ? 7.650   -8.515  11.492  1.00 20.84 ? 57  LYS A N   1 
ATOM   447  C CA  . LYS A 1 57  ? 7.822   -9.378  12.680  1.00 22.24 ? 57  LYS A CA  1 
ATOM   448  C C   . LYS A 1 57  ? 7.610   -10.843 12.297  1.00 22.02 ? 57  LYS A C   1 
ATOM   449  O O   . LYS A 1 57  ? 8.356   -11.759 12.760  1.00 22.83 ? 57  LYS A O   1 
ATOM   450  C CB  . LYS A 1 57  ? 6.804   -9.005  13.770  1.00 25.13 ? 57  LYS A CB  1 
ATOM   451  C CG  . LYS A 1 57  ? 6.981   -7.621  14.403  1.00 34.51 ? 57  LYS A CG  1 
ATOM   452  C CD  . LYS A 1 57  ? 8.093   -7.616  15.450  1.00 40.45 ? 57  LYS A CD  1 
ATOM   453  C CE  . LYS A 1 57  ? 7.561   -7.938  16.848  1.00 43.12 ? 57  LYS A CE  1 
ATOM   454  N NZ  . LYS A 1 57  ? 8.485   -7.494  17.946  1.00 43.89 ? 57  LYS A NZ  1 
ATOM   455  N N   . GLN A 1 58  ? 6.622   -11.062 11.426  1.00 19.35 ? 58  GLN A N   1 
ATOM   456  C CA  . GLN A 1 58  ? 6.293   -12.433 11.007  1.00 17.39 ? 58  GLN A CA  1 
ATOM   457  C C   . GLN A 1 58  ? 7.284   -13.036 10.032  1.00 18.89 ? 58  GLN A C   1 
ATOM   458  O O   . GLN A 1 58  ? 7.519   -14.263 10.048  1.00 20.31 ? 58  GLN A O   1 
ATOM   459  C CB  . GLN A 1 58  ? 4.872   -12.463 10.399  1.00 15.77 ? 58  GLN A CB  1 
ATOM   460  C CG  . GLN A 1 58  ? 3.795   -12.048 11.392  1.00 16.32 ? 58  GLN A CG  1 
ATOM   461  C CD  . GLN A 1 58  ? 2.436   -12.024 10.799  1.00 19.27 ? 58  GLN A CD  1 
ATOM   462  O OE1 . GLN A 1 58  ? 2.201   -12.626 9.765   1.00 20.42 ? 58  GLN A OE1 1 
ATOM   463  N NE2 . GLN A 1 58  ? 1.511   -11.363 11.463  1.00 22.59 ? 58  GLN A NE2 1 
ATOM   464  N N   . PHE A 1 59  ? 7.917   -12.198 9.194   1.00 18.13 ? 59  PHE A N   1 
ATOM   465  C CA  . PHE A 1 59  ? 8.894   -12.652 8.195   1.00 19.39 ? 59  PHE A CA  1 
ATOM   466  C C   . PHE A 1 59  ? 10.151  -11.814 8.226   1.00 21.39 ? 59  PHE A C   1 
ATOM   467  O O   . PHE A 1 59  ? 10.471  -11.089 7.263   1.00 23.09 ? 59  PHE A O   1 
ATOM   468  C CB  . PHE A 1 59  ? 8.335   -12.582 6.755   1.00 17.81 ? 59  PHE A CB  1 
ATOM   469  C CG  . PHE A 1 59  ? 7.062   -13.376 6.555   1.00 19.54 ? 59  PHE A CG  1 
ATOM   470  C CD1 . PHE A 1 59  ? 7.136   -14.716 6.218   1.00 20.47 ? 59  PHE A CD1 1 
ATOM   471  C CD2 . PHE A 1 59  ? 5.816   -12.786 6.753   1.00 18.33 ? 59  PHE A CD2 1 
ATOM   472  C CE1 . PHE A 1 59  ? 5.962   -15.456 6.079   1.00 17.82 ? 59  PHE A CE1 1 
ATOM   473  C CE2 . PHE A 1 59  ? 4.631   -13.513 6.609   1.00 18.59 ? 59  PHE A CE2 1 
ATOM   474  C CZ  . PHE A 1 59  ? 4.723   -14.872 6.268   1.00 15.62 ? 59  PHE A CZ  1 
ATOM   475  N N   . PRO A 1 60  ? 10.932  -11.980 9.287   1.00 23.83 ? 60  PRO A N   1 
ATOM   476  C CA  . PRO A 1 60  ? 12.171  -11.230 9.451   1.00 24.72 ? 60  PRO A CA  1 
ATOM   477  C C   . PRO A 1 60  ? 13.210  -11.409 8.375   1.00 27.20 ? 60  PRO A C   1 
ATOM   478  O O   . PRO A 1 60  ? 13.970  -10.480 8.111   1.00 29.54 ? 60  PRO A O   1 
ATOM   479  C CB  . PRO A 1 60  ? 12.648  -11.656 10.847  1.00 24.25 ? 60  PRO A CB  1 
ATOM   480  C CG  . PRO A 1 60  ? 12.162  -13.044 10.962  1.00 26.78 ? 60  PRO A CG  1 
ATOM   481  C CD  . PRO A 1 60  ? 10.748  -12.954 10.372  1.00 22.04 ? 60  PRO A CD  1 
ATOM   482  N N   . ALA A 1 61  ? 13.242  -12.560 7.706   1.00 26.68 ? 61  ALA A N   1 
ATOM   483  C CA  . ALA A 1 61  ? 14.267  -12.741 6.689   1.00 28.18 ? 61  ALA A CA  1 
ATOM   484  C C   . ALA A 1 61  ? 14.035  -11.953 5.402   1.00 27.84 ? 61  ALA A C   1 
ATOM   485  O O   . ALA A 1 61  ? 14.958  -11.775 4.614   1.00 28.07 ? 61  ALA A O   1 
ATOM   486  C CB  . ALA A 1 61  ? 14.452  -14.248 6.377   1.00 28.82 ? 61  ALA A CB  1 
ATOM   487  N N   . MET A 1 62  ? 12.815  -11.448 5.208   1.00 27.54 ? 62  MET A N   1 
ATOM   488  C CA  . MET A 1 62  ? 12.503  -10.702 4.006   1.00 31.07 ? 62  MET A CA  1 
ATOM   489  C C   . MET A 1 62  ? 13.076  -9.307  3.927   1.00 32.48 ? 62  MET A C   1 
ATOM   490  O O   . MET A 1 62  ? 13.250  -8.771  2.823   1.00 33.53 ? 62  MET A O   1 
ATOM   491  C CB  . MET A 1 62  ? 10.998  -10.639 3.811   1.00 29.65 ? 62  MET A CB  1 
ATOM   492  C CG  . MET A 1 62  ? 10.437  -11.989 3.562   1.00 33.79 ? 62  MET A CG  1 
ATOM   493  S SD  . MET A 1 62  ? 8.724   -11.953 3.075   1.00 33.69 ? 62  MET A SD  1 
ATOM   494  C CE  . MET A 1 62  ? 7.997   -10.791 4.019   1.00 33.67 ? 62  MET A CE  1 
ATOM   495  N N   . ALA A 1 63  ? 13.347  -8.717  5.082   1.00 33.17 ? 63  ALA A N   1 
ATOM   496  C CA  . ALA A 1 63  ? 13.936  -7.376  5.120   1.00 34.68 ? 63  ALA A CA  1 
ATOM   497  C C   . ALA A 1 63  ? 13.040  -6.463  4.322   1.00 33.66 ? 63  ALA A C   1 
ATOM   498  O O   . ALA A 1 63  ? 13.477  -5.801  3.375   1.00 35.47 ? 63  ALA A O   1 
ATOM   499  C CB  . ALA A 1 63  ? 15.350  -7.383  4.506   1.00 34.54 ? 63  ALA A CB  1 
ATOM   500  N N   . LEU A 1 64  ? 11.775  -6.483  4.694   1.00 30.81 ? 64  LEU A N   1 
ATOM   501  C CA  . LEU A 1 64  ? 10.778  -5.644  4.067   1.00 29.54 ? 64  LEU A CA  1 
ATOM   502  C C   . LEU A 1 64  ? 11.229  -4.229  4.347   1.00 28.84 ? 64  LEU A C   1 
ATOM   503  O O   . LEU A 1 64  ? 11.800  -3.954  5.417   1.00 28.28 ? 64  LEU A O   1 
ATOM   504  C CB  . LEU A 1 64  ? 9.448   -5.879  4.744   1.00 27.74 ? 64  LEU A CB  1 
ATOM   505  C CG  . LEU A 1 64  ? 8.911   -7.284  4.559   1.00 30.01 ? 64  LEU A CG  1 
ATOM   506  C CD1 . LEU A 1 64  ? 7.598   -7.447  5.319   1.00 27.46 ? 64  LEU A CD1 1 
ATOM   507  C CD2 . LEU A 1 64  ? 8.713   -7.519  3.071   1.00 29.73 ? 64  LEU A CD2 1 
ATOM   508  N N   . LYS A 1 65  ? 10.924  -3.326  3.414   1.00 28.07 ? 65  LYS A N   1 
ATOM   509  C CA  . LYS A 1 65  ? 11.338  -1.931  3.546   1.00 28.28 ? 65  LYS A CA  1 
ATOM   510  C C   . LYS A 1 65  ? 10.184  -1.013  3.222   1.00 24.31 ? 65  LYS A C   1 
ATOM   511  O O   . LYS A 1 65  ? 9.472   -1.245  2.252   1.00 24.47 ? 65  LYS A O   1 
ATOM   512  C CB  . LYS A 1 65  ? 12.447  -1.631  2.559   1.00 29.61 ? 65  LYS A CB  1 
ATOM   513  C CG  . LYS A 1 65  ? 13.639  -2.591  2.632   1.00 36.68 ? 65  LYS A CG  1 
ATOM   514  C CD  . LYS A 1 65  ? 14.855  -2.079  1.853   1.00 41.08 ? 65  LYS A CD  1 
ATOM   515  C CE  . LYS A 1 65  ? 14.694  -2.229  0.329   1.00 41.61 ? 65  LYS A CE  1 
ATOM   516  N NZ  . LYS A 1 65  ? 13.653  -1.311  -0.247  1.00 45.80 ? 65  LYS A NZ  1 
ATOM   517  N N   . ILE A 1 66  ? 10.016  0.021   4.024   1.00 23.06 ? 66  ILE A N   1 
ATOM   518  C CA  . ILE A 1 66  ? 8.965   0.988   3.754   1.00 17.97 ? 66  ILE A CA  1 
ATOM   519  C C   . ILE A 1 66  ? 9.639   2.356   3.879   1.00 17.49 ? 66  ILE A C   1 
ATOM   520  O O   . ILE A 1 66  ? 10.634  2.490   4.581   1.00 16.78 ? 66  ILE A O   1 
ATOM   521  C CB  . ILE A 1 66  ? 7.814   0.814   4.763   1.00 19.70 ? 66  ILE A CB  1 
ATOM   522  C CG1 . ILE A 1 66  ? 6.612   1.666   4.379   1.00 24.44 ? 66  ILE A CG1 1 
ATOM   523  C CG2 . ILE A 1 66  ? 8.285   1.116   6.165   1.00 20.05 ? 66  ILE A CG2 1 
ATOM   524  C CD1 . ILE A 1 66  ? 5.372   1.411   5.244   1.00 23.58 ? 66  ILE A CD1 1 
ATOM   525  N N   . PRO A 1 67  ? 9.168   3.363   3.146   1.00 14.93 ? 67  PRO A N   1 
ATOM   526  C CA  . PRO A 1 67  ? 9.821   4.685   3.285   1.00 15.79 ? 67  PRO A CA  1 
ATOM   527  C C   . PRO A 1 67  ? 9.673   5.224   4.709   1.00 14.73 ? 67  PRO A C   1 
ATOM   528  O O   . PRO A 1 67  ? 8.835   4.798   5.527   1.00 13.30 ? 67  PRO A O   1 
ATOM   529  C CB  . PRO A 1 67  ? 9.144   5.552   2.212   1.00 16.79 ? 67  PRO A CB  1 
ATOM   530  C CG  . PRO A 1 67  ? 7.919   4.753   1.726   1.00 16.76 ? 67  PRO A CG  1 
ATOM   531  C CD  . PRO A 1 67  ? 8.224   3.314   2.009   1.00 15.18 ? 67  PRO A CD  1 
ATOM   532  N N   . ALA A 1 68  ? 10.462  6.245   5.022   1.00 12.02 ? 68  ALA A N   1 
ATOM   533  C CA  . ALA A 1 68  ? 10.462  6.811   6.373   1.00 11.08 ? 68  ALA A CA  1 
ATOM   534  C C   . ALA A 1 68  ? 9.131   7.287   6.850   1.00 11.17 ? 68  ALA A C   1 
ATOM   535  O O   . ALA A 1 68  ? 8.327   7.842   6.085   1.00 14.55 ? 68  ALA A O   1 
ATOM   536  C CB  . ALA A 1 68  ? 11.455  8.063   6.413   1.00 12.08 ? 68  ALA A CB  1 
ATOM   537  N N   . LYS A 1 69  ? 8.920   7.136   8.137   1.00 13.23 ? 69  LYS A N   1 
ATOM   538  C CA  . LYS A 1 69  ? 7.668   7.554   8.739   1.00 17.65 ? 69  LYS A CA  1 
ATOM   539  C C   . LYS A 1 69  ? 7.686   8.979   9.193   1.00 19.48 ? 69  LYS A C   1 
ATOM   540  O O   . LYS A 1 69  ? 6.645   9.629   9.140   1.00 24.04 ? 69  LYS A O   1 
ATOM   541  C CB  . LYS A 1 69  ? 7.376   6.663   9.958   1.00 19.87 ? 69  LYS A CB  1 
ATOM   542  C CG  . LYS A 1 69  ? 6.241   7.168   10.804  1.00 24.81 ? 69  LYS A CG  1 
ATOM   543  C CD  . LYS A 1 69  ? 6.140   6.272   12.079  1.00 31.51 ? 69  LYS A CD  1 
ATOM   544  C CE  . LYS A 1 69  ? 4.875   6.533   12.864  1.00 35.98 ? 69  LYS A CE  1 
ATOM   545  N NZ  . LYS A 1 69  ? 4.670   5.451   13.881  1.00 38.16 ? 69  LYS A NZ  1 
ATOM   546  N N   . ARG A 1 70  ? 8.854   9.421   9.673   1.00 22.40 ? 70  ARG A N   1 
ATOM   547  C CA  . ARG A 1 70  ? 9.104   10.747  10.264  1.00 26.95 ? 70  ARG A CA  1 
ATOM   548  C C   . ARG A 1 70  ? 9.898   11.575  9.252   1.00 25.70 ? 70  ARG A C   1 
ATOM   549  O O   . ARG A 1 70  ? 10.856  11.099  8.643   1.00 23.15 ? 70  ARG A O   1 
ATOM   550  C CB  . ARG A 1 70  ? 9.912   10.538  11.561  1.00 27.38 ? 70  ARG A CB  1 
ATOM   551  C CG  . ARG A 1 70  ? 10.576  11.722  12.292  1.00 34.78 ? 70  ARG A CG  1 
ATOM   552  C CD  . ARG A 1 70  ? 9.700   12.995  12.427  1.00 39.01 ? 70  ARG A CD  1 
ATOM   553  N NE  . ARG A 1 70  ? 8.980   13.125  13.704  1.00 44.96 ? 70  ARG A NE  1 
ATOM   554  C CZ  . ARG A 1 70  ? 9.536   12.990  14.911  1.00 46.97 ? 70  ARG A CZ  1 
ATOM   555  N NH1 . ARG A 1 70  ? 8.801   13.126  15.998  1.00 46.42 ? 70  ARG A NH1 1 
ATOM   556  N NH2 . ARG A 1 70  ? 10.832  12.725  15.037  1.00 49.55 ? 70  ARG A NH2 1 
ATOM   557  N N   . ILE A 1 71  ? 9.453   12.792  9.009   1.00 24.16 ? 71  ILE A N   1 
ATOM   558  C CA  . ILE A 1 71  ? 10.190  13.600  8.112   1.00 23.57 ? 71  ILE A CA  1 
ATOM   559  C C   . ILE A 1 71  ? 10.398  14.903  8.860   1.00 18.46 ? 71  ILE A C   1 
ATOM   560  O O   . ILE A 1 71  ? 9.458   15.443  9.441   1.00 16.33 ? 71  ILE A O   1 
ATOM   561  C CB  . ILE A 1 71  ? 9.446   13.679  6.775   1.00 30.06 ? 71  ILE A CB  1 
ATOM   562  C CG1 . ILE A 1 71  ? 8.805   15.015  6.527   1.00 27.55 ? 71  ILE A CG1 1 
ATOM   563  C CG2 . ILE A 1 71  ? 8.346   12.551  6.817   1.00 29.97 ? 71  ILE A CG2 1 
ATOM   564  C CD1 . ILE A 1 71  ? 8.476   15.264  5.130   1.00 34.32 ? 71  ILE A CD1 1 
ATOM   565  N N   . PHE A 1 72  ? 11.660  15.319  8.938   1.00 14.45 ? 72  PHE A N   1 
ATOM   566  C CA  . PHE A 1 72  ? 12.029  16.625  9.566   1.00 11.92 ? 72  PHE A CA  1 
ATOM   567  C C   . PHE A 1 72  ? 11.990  17.582  8.411   1.00 15.43 ? 72  PHE A C   1 
ATOM   568  O O   . PHE A 1 72  ? 12.974  17.723  7.642   1.00 15.63 ? 72  PHE A O   1 
ATOM   569  C CB  . PHE A 1 72  ? 13.421  16.496  10.143  1.00 12.34 ? 72  PHE A CB  1 
ATOM   570  C CG  . PHE A 1 72  ? 13.504  15.486  11.215  1.00 16.03 ? 72  PHE A CG  1 
ATOM   571  C CD1 . PHE A 1 72  ? 12.837  15.677  12.416  1.00 21.22 ? 72  PHE A CD1 1 
ATOM   572  C CD2 . PHE A 1 72  ? 14.167  14.291  10.997  1.00 20.03 ? 72  PHE A CD2 1 
ATOM   573  C CE1 . PHE A 1 72  ? 12.804  14.697  13.377  1.00 25.57 ? 72  PHE A CE1 1 
ATOM   574  C CE2 . PHE A 1 72  ? 14.144  13.301  11.945  1.00 22.12 ? 72  PHE A CE2 1 
ATOM   575  C CZ  . PHE A 1 72  ? 13.461  13.490  13.142  1.00 23.82 ? 72  PHE A CZ  1 
ATOM   576  N N   . GLY A 1 73  ? 10.836  18.231  8.277   1.00 13.32 ? 73  GLY A N   1 
ATOM   577  C CA  . GLY A 1 73  ? 10.534  19.104  7.145   1.00 15.32 ? 73  GLY A CA  1 
ATOM   578  C C   . GLY A 1 73  ? 9.046   18.907  6.824   1.00 14.16 ? 73  GLY A C   1 
ATOM   579  O O   . GLY A 1 73  ? 8.262   18.304  7.589   1.00 17.76 ? 73  GLY A O   1 
ATOM   580  N N   . ASP A 1 74  ? 8.675   19.367  5.647   1.00 18.20 ? 74  ASP A N   1 
ATOM   581  C CA  . ASP A 1 74  ? 7.273   19.375  5.269   1.00 19.75 ? 74  ASP A CA  1 
ATOM   582  C C   . ASP A 1 74  ? 6.774   18.090  4.671   1.00 19.66 ? 74  ASP A C   1 
ATOM   583  O O   . ASP A 1 74  ? 7.181   17.750  3.547   1.00 20.08 ? 74  ASP A O   1 
ATOM   584  C CB  . ASP A 1 74  ? 7.083   20.539  4.328   1.00 21.80 ? 74  ASP A CB  1 
ATOM   585  C CG  . ASP A 1 74  ? 5.629   20.767  3.983   1.00 24.14 ? 74  ASP A CG  1 
ATOM   586  O OD1 . ASP A 1 74  ? 5.403   21.665  3.175   1.00 29.79 ? 74  ASP A OD1 1 
ATOM   587  O OD2 . ASP A 1 74  ? 4.735   20.061  4.522   1.00 23.80 ? 74  ASP A OD2 1 
ATOM   588  N N   . ASN A 1 75  ? 5.928   17.394  5.431   1.00 19.42 ? 75  ASN A N   1 
ATOM   589  C CA  . ASN A 1 75  ? 5.381   16.128  4.966   1.00 21.80 ? 75  ASN A CA  1 
ATOM   590  C C   . ASN A 1 75  ? 4.337   16.292  3.880   1.00 17.65 ? 75  ASN A C   1 
ATOM   591  O O   . ASN A 1 75  ? 3.751   15.293  3.412   1.00 18.90 ? 75  ASN A O   1 
ATOM   592  C CB  . ASN A 1 75  ? 4.859   15.234  6.095   1.00 26.05 ? 75  ASN A CB  1 
ATOM   593  C CG  . ASN A 1 75  ? 3.915   15.955  7.044   1.00 28.54 ? 75  ASN A CG  1 
ATOM   594  O OD1 . ASN A 1 75  ? 2.964   15.356  7.528   1.00 35.55 ? 75  ASN A OD1 1 
ATOM   595  N ND2 . ASN A 1 75  ? 4.190   17.218  7.325   1.00 29.27 ? 75  ASN A ND2 1 
ATOM   596  N N   . PHE A 1 76  ? 4.054   17.535  3.516   1.00 16.63 ? 76  PHE A N   1 
ATOM   597  C CA  . PHE A 1 76  ? 3.230   17.774  2.318   1.00 16.73 ? 76  PHE A CA  1 
ATOM   598  C C   . PHE A 1 76  ? 4.007   18.366  1.113   1.00 15.28 ? 76  PHE A C   1 
ATOM   599  O O   . PHE A 1 76  ? 3.396   18.792  0.104   1.00 19.38 ? 76  PHE A O   1 
ATOM   600  C CB  . PHE A 1 76  ? 1.969   18.615  2.664   1.00 16.77 ? 76  PHE A CB  1 
ATOM   601  C CG  . PHE A 1 76  ? 1.018   17.869  3.587   1.00 17.36 ? 76  PHE A CG  1 
ATOM   602  C CD1 . PHE A 1 76  ? 1.135   17.949  4.982   1.00 17.57 ? 76  PHE A CD1 1 
ATOM   603  C CD2 . PHE A 1 76  ? 0.106   16.957  3.059   1.00 16.83 ? 76  PHE A CD2 1 
ATOM   604  C CE1 . PHE A 1 76  ? 0.372   17.127  5.814   1.00 23.31 ? 76  PHE A CE1 1 
ATOM   605  C CE2 . PHE A 1 76  ? -0.665  16.124  3.917   1.00 17.91 ? 76  PHE A CE2 1 
ATOM   606  C CZ  . PHE A 1 76  ? -0.519  16.213  5.264   1.00 18.98 ? 76  PHE A CZ  1 
ATOM   607  N N   . ASP A 1 77  ? 5.346   18.401  1.182   1.00 17.55 ? 77  ASP A N   1 
ATOM   608  C CA  . ASP A 1 77  ? 6.166   18.854  0.043   1.00 15.43 ? 77  ASP A CA  1 
ATOM   609  C C   . ASP A 1 77  ? 5.919   17.819  -1.075  1.00 15.73 ? 77  ASP A C   1 
ATOM   610  O O   . ASP A 1 77  ? 6.032   16.629  -0.856  1.00 14.23 ? 77  ASP A O   1 
ATOM   611  C CB  . ASP A 1 77  ? 7.665   18.843  0.431   1.00 18.91 ? 77  ASP A CB  1 
ATOM   612  C CG  . ASP A 1 77  ? 8.546   19.365  -0.655  1.00 24.07 ? 77  ASP A CG  1 
ATOM   613  O OD1 . ASP A 1 77  ? 9.582   19.990  -0.328  1.00 27.54 ? 77  ASP A OD1 1 
ATOM   614  O OD2 . ASP A 1 77  ? 8.250   19.184  -1.844  1.00 29.73 ? 77  ASP A OD2 1 
ATOM   615  N N   . PRO A 1 78  ? 5.551   18.259  -2.266  1.00 15.20 ? 78  PRO A N   1 
ATOM   616  C CA  . PRO A 1 78  ? 5.269   17.329  -3.354  1.00 18.92 ? 78  PRO A CA  1 
ATOM   617  C C   . PRO A 1 78  ? 6.409   16.425  -3.727  1.00 19.05 ? 78  PRO A C   1 
ATOM   618  O O   . PRO A 1 78  ? 6.198   15.296  -4.187  1.00 17.21 ? 78  PRO A O   1 
ATOM   619  C CB  . PRO A 1 78  ? 4.781   18.237  -4.471  1.00 21.04 ? 78  PRO A CB  1 
ATOM   620  C CG  . PRO A 1 78  ? 5.507   19.559  -4.145  1.00 24.52 ? 78  PRO A CG  1 
ATOM   621  C CD  . PRO A 1 78  ? 5.298   19.653  -2.661  1.00 21.51 ? 78  PRO A CD  1 
ATOM   622  N N   . ASP A 1 79  ? 7.635   16.892  -3.529  1.00 19.57 ? 79  ASP A N   1 
ATOM   623  C CA  . ASP A 1 79  ? 8.763   16.010  -3.831  1.00 22.25 ? 79  ASP A CA  1 
ATOM   624  C C   . ASP A 1 79  ? 8.822   14.882  -2.823  1.00 20.16 ? 79  ASP A C   1 
ATOM   625  O O   . ASP A 1 79  ? 9.089   13.721  -3.184  1.00 22.78 ? 79  ASP A O   1 
ATOM   626  C CB  . ASP A 1 79  ? 10.079  16.792  -3.792  1.00 26.17 ? 79  ASP A CB  1 
ATOM   627  C CG  . ASP A 1 79  ? 10.207  17.711  -4.960  1.00 28.84 ? 79  ASP A CG  1 
ATOM   628  O OD1 . ASP A 1 79  ? 10.755  18.827  -4.780  1.00 34.59 ? 79  ASP A OD1 1 
ATOM   629  O OD2 . ASP A 1 79  ? 9.764   17.321  -6.061  1.00 33.26 ? 79  ASP A OD2 1 
ATOM   630  N N   . PHE A 1 80  ? 8.589   15.205  -1.564  1.00 16.09 ? 80  PHE A N   1 
ATOM   631  C CA  . PHE A 1 80  ? 8.565   14.223  -0.500  1.00 14.93 ? 80  PHE A CA  1 
ATOM   632  C C   . PHE A 1 80  ? 7.409   13.229  -0.773  1.00 14.58 ? 80  PHE A C   1 
ATOM   633  O O   . PHE A 1 80  ? 7.594   11.999  -0.626  1.00 15.11 ? 80  PHE A O   1 
ATOM   634  C CB  . PHE A 1 80  ? 8.325   14.890  0.822   1.00 19.22 ? 80  PHE A CB  1 
ATOM   635  C CG  . PHE A 1 80  ? 7.960   13.937  1.866   1.00 19.23 ? 80  PHE A CG  1 
ATOM   636  C CD1 . PHE A 1 80  ? 6.649   13.803  2.279   1.00 17.80 ? 80  PHE A CD1 1 
ATOM   637  C CD2 . PHE A 1 80  ? 8.938   13.118  2.439   1.00 23.25 ? 80  PHE A CD2 1 
ATOM   638  C CE1 . PHE A 1 80  ? 6.299   12.875  3.257   1.00 23.60 ? 80  PHE A CE1 1 
ATOM   639  C CE2 . PHE A 1 80  ? 8.599   12.213  3.397   1.00 21.69 ? 80  PHE A CE2 1 
ATOM   640  C CZ  . PHE A 1 80  ? 7.295   12.087  3.817   1.00 24.28 ? 80  PHE A CZ  1 
ATOM   641  N N   . ILE A 1 81  ? 6.233   13.741  -1.138  1.00 12.82 ? 81  ILE A N   1 
ATOM   642  C CA  . ILE A 1 81  ? 5.125   12.817  -1.385  1.00 11.41 ? 81  ILE A CA  1 
ATOM   643  C C   . ILE A 1 81  ? 5.398   11.909  -2.574  1.00 12.87 ? 81  ILE A C   1 
ATOM   644  O O   . ILE A 1 81  ? 5.086   10.682  -2.521  1.00 12.68 ? 81  ILE A O   1 
ATOM   645  C CB  . ILE A 1 81  ? 3.814   13.594  -1.579  1.00 11.51 ? 81  ILE A CB  1 
ATOM   646  C CG1 . ILE A 1 81  ? 3.442   14.256  -0.275  1.00 15.28 ? 81  ILE A CG1 1 
ATOM   647  C CG2 . ILE A 1 81  ? 2.697   12.637  -2.006  1.00 14.15 ? 81  ILE A CG2 1 
ATOM   648  C CD1 . ILE A 1 81  ? 2.267   15.166  -0.416  1.00 19.29 ? 81  ILE A CD1 1 
ATOM   649  N N   . LYS A 1 82  ? 5.970   12.444  -3.649  1.00 12.17 ? 82  LYS A N   1 
ATOM   650  C CA  . LYS A 1 82  ? 6.247   11.591  -4.804  1.00 14.98 ? 82  LYS A CA  1 
ATOM   651  C C   . LYS A 1 82  ? 7.271   10.484  -4.438  1.00 14.87 ? 82  LYS A C   1 
ATOM   652  O O   . LYS A 1 82  ? 7.130   9.319   -4.881  1.00 14.94 ? 82  LYS A O   1 
ATOM   653  C CB  . LYS A 1 82  ? 6.731   12.440  -5.951  1.00 19.74 ? 82  LYS A CB  1 
ATOM   654  C CG  . LYS A 1 82  ? 6.916   11.611  -7.248  1.00 26.12 ? 82  LYS A CG  1 
ATOM   655  C CD  . LYS A 1 82  ? 7.922   12.241  -8.176  1.00 34.64 ? 82  LYS A CD  1 
ATOM   656  C CE  . LYS A 1 82  ? 7.890   11.562  -9.553  1.00 37.07 ? 82  LYS A CE  1 
ATOM   657  N NZ  . LYS A 1 82  ? 6.564   11.809  -10.223 1.00 42.85 ? 82  LYS A NZ  1 
ATOM   658  N N   . GLN A 1 83  ? 8.280   10.815  -3.631  1.00 14.04 ? 83  GLN A N   1 
ATOM   659  C CA  . GLN A 1 83  ? 9.219   9.753   -3.260  1.00 15.21 ? 83  GLN A CA  1 
ATOM   660  C C   . GLN A 1 83  ? 8.583   8.753   -2.317  1.00 13.85 ? 83  GLN A C   1 
ATOM   661  O O   . GLN A 1 83  ? 8.884   7.550   -2.367  1.00 15.06 ? 83  GLN A O   1 
ATOM   662  C CB  . GLN A 1 83  ? 10.434  10.349  -2.592  0.65 13.13 ? 83  GLN A CB  1 
ATOM   663  C CG  . GLN A 1 83  ? 11.367  9.293   -2.114  0.65 19.25 ? 83  GLN A CG  1 
ATOM   664  C CD  . GLN A 1 83  ? 12.307  9.817   -1.088  0.65 25.53 ? 83  GLN A CD  1 
ATOM   665  O OE1 . GLN A 1 83  ? 13.533  9.737   -1.242  0.65 26.38 ? 83  GLN A OE1 1 
ATOM   666  N NE2 . GLN A 1 83  ? 11.746  10.360  -0.009  0.65 28.21 ? 83  GLN A NE2 1 
ATOM   667  N N   . ARG A 1 84  ? 7.714   9.225   -1.403  1.00 11.38 ? 84  ARG A N   1 
ATOM   668  C CA  . ARG A 1 84  ? 7.091   8.309   -0.480  1.00 9.95  ? 84  ARG A CA  1 
ATOM   669  C C   . ARG A 1 84  ? 6.189   7.343   -1.322  1.00 12.18 ? 84  ARG A C   1 
ATOM   670  O O   . ARG A 1 84  ? 6.153   6.147   -1.079  1.00 12.80 ? 84  ARG A O   1 
ATOM   671  C CB  . ARG A 1 84  ? 6.232   9.101   0.533   1.00 10.59 ? 84  ARG A CB  1 
ATOM   672  C CG  . ARG A 1 84  ? 5.297   8.189   1.344   1.00 11.80 ? 84  ARG A CG  1 
ATOM   673  C CD  . ARG A 1 84  ? 4.628   8.931   2.487   1.00 11.62 ? 84  ARG A CD  1 
ATOM   674  N NE  . ARG A 1 84  ? 5.458   8.936   3.697   1.00 11.03 ? 84  ARG A NE  1 
ATOM   675  C CZ  . ARG A 1 84  ? 5.027   9.381   4.887   1.00 11.43 ? 84  ARG A CZ  1 
ATOM   676  N NH1 . ARG A 1 84  ? 3.767   9.909   5.046   1.00 13.46 ? 84  ARG A NH1 1 
ATOM   677  N NH2 . ARG A 1 84  ? 5.808   9.306   5.981   1.00 12.85 ? 84  ARG A NH2 1 
ATOM   678  N N   . ARG A 1 85  ? 5.474   7.888   -2.306  1.00 12.38 ? 85  ARG A N   1 
ATOM   679  C CA  . ARG A 1 85  ? 4.606   7.038   -3.133  1.00 10.56 ? 85  ARG A CA  1 
ATOM   680  C C   . ARG A 1 85  ? 5.456   5.970   -3.847  1.00 10.88 ? 85  ARG A C   1 
ATOM   681  O O   . ARG A 1 85  ? 5.023   4.795   -3.915  1.00 13.35 ? 85  ARG A O   1 
ATOM   682  C CB  . ARG A 1 85  ? 3.866   7.913   -4.169  1.00 9.31  ? 85  ARG A CB  1 
ATOM   683  C CG  . ARG A 1 85  ? 2.888   7.047   -4.981  1.00 10.22 ? 85  ARG A CG  1 
ATOM   684  C CD  . ARG A 1 85  ? 1.838   7.896   -5.707  1.00 14.91 ? 85  ARG A CD  1 
ATOM   685  N NE  . ARG A 1 85  ? 2.362   8.985   -6.551  1.00 15.22 ? 85  ARG A NE  1 
ATOM   686  C CZ  . ARG A 1 85  ? 2.944   8.816   -7.749  1.00 18.26 ? 85  ARG A CZ  1 
ATOM   687  N NH1 . ARG A 1 85  ? 3.396   9.897   -8.421  1.00 20.98 ? 85  ARG A NH1 1 
ATOM   688  N NH2 . ARG A 1 85  ? 3.033   7.603   -8.318  1.00 17.98 ? 85  ARG A NH2 1 
ATOM   689  N N   . ALA A 1 86  ? 6.607   6.351   -4.387  1.00 12.60 ? 86  ALA A N   1 
ATOM   690  C CA  . ALA A 1 86  ? 7.440   5.359   -5.075  1.00 13.13 ? 86  ALA A CA  1 
ATOM   691  C C   . ALA A 1 86  ? 7.904   4.297   -4.107  1.00 14.19 ? 86  ALA A C   1 
ATOM   692  O O   . ALA A 1 86  ? 7.947   3.123   -4.481  1.00 15.50 ? 86  ALA A O   1 
ATOM   693  C CB  . ALA A 1 86  ? 8.632   6.041   -5.736  1.00 14.37 ? 86  ALA A CB  1 
ATOM   694  N N   . GLY A 1 87  ? 8.222   4.687   -2.864  1.00 13.81 ? 87  GLY A N   1 
ATOM   695  C CA  . GLY A 1 87  ? 8.660   3.707   -1.878  1.00 14.52 ? 87  GLY A CA  1 
ATOM   696  C C   . GLY A 1 87  ? 7.538   2.792   -1.441  1.00 14.56 ? 87  GLY A C   1 
ATOM   697  O O   . GLY A 1 87  ? 7.774   1.622   -1.193  1.00 13.84 ? 87  GLY A O   1 
ATOM   698  N N   . LEU A 1 88  ? 6.321   3.329   -1.316  1.00 13.11 ? 88  LEU A N   1 
ATOM   699  C CA  . LEU A 1 88  ? 5.193   2.509   -0.900  1.00 11.20 ? 88  LEU A CA  1 
ATOM   700  C C   . LEU A 1 88  ? 4.868   1.540   -2.021  1.00 13.76 ? 88  LEU A C   1 
ATOM   701  O O   . LEU A 1 88  ? 4.455   0.409   -1.718  1.00 14.28 ? 88  LEU A O   1 
ATOM   702  C CB  . LEU A 1 88  ? 3.950   3.382   -0.604  1.00 12.85 ? 88  LEU A CB  1 
ATOM   703  C CG  . LEU A 1 88  ? 4.114   4.243   0.636   1.00 11.90 ? 88  LEU A CG  1 
ATOM   704  C CD1 . LEU A 1 88  ? 2.822   5.114   0.754   1.00 12.06 ? 88  LEU A CD1 1 
ATOM   705  C CD2 . LEU A 1 88  ? 4.176   3.393   1.865   1.00 11.07 ? 88  LEU A CD2 1 
ATOM   706  N N   . ASN A 1 89  ? 4.990   1.995   -3.262  1.00 12.64 ? 89  ASN A N   1 
ATOM   707  C CA  . ASN A 1 89  ? 4.749   1.130   -4.436  1.00 13.92 ? 89  ASN A CA  1 
ATOM   708  C C   . ASN A 1 89  ? 5.767   -0.008  -4.415  1.00 15.60 ? 89  ASN A C   1 
ATOM   709  O O   . ASN A 1 89  ? 5.402   -1.165  -4.631  1.00 14.12 ? 89  ASN A O   1 
ATOM   710  C CB  . ASN A 1 89  ? 4.898   1.946   -5.708  1.00 14.77 ? 89  ASN A CB  1 
ATOM   711  C CG  . ASN A 1 89  ? 4.629   1.164   -6.936  1.00 23.34 ? 89  ASN A CG  1 
ATOM   712  O OD1 . ASN A 1 89  ? 5.531   0.954   -7.774  1.00 25.87 ? 89  ASN A OD1 1 
ATOM   713  N ND2 . ASN A 1 89  ? 3.404   0.705   -7.074  1.00 17.66 ? 89  ASN A ND2 1 
ATOM   714  N N   . GLU A 1 90  ? 7.029   0.307   -4.135  1.00 13.71 ? 90  GLU A N   1 
ATOM   715  C CA  . GLU A 1 90  ? 8.028   -0.788  -4.075  1.00 15.43 ? 90  GLU A CA  1 
ATOM   716  C C   . GLU A 1 90  ? 7.680   -1.810  -2.985  1.00 16.50 ? 90  GLU A C   1 
ATOM   717  O O   . GLU A 1 90  ? 7.813   -3.060  -3.173  1.00 17.24 ? 90  GLU A O   1 
ATOM   718  C CB  . GLU A 1 90  ? 9.444   -0.214  -3.847  1.00 18.30 ? 90  GLU A CB  1 
ATOM   719  N N   . PHE A 1 91  ? 7.220   -1.322  -1.849  1.00 14.45 ? 91  PHE A N   1 
ATOM   720  C CA  . PHE A 1 91  ? 6.875   -2.175  -0.737  1.00 12.76 ? 91  PHE A CA  1 
ATOM   721  C C   . PHE A 1 91  ? 5.758   -3.134  -1.110  1.00 14.97 ? 91  PHE A C   1 
ATOM   722  O O   . PHE A 1 91  ? 5.867   -4.337  -0.834  1.00 15.93 ? 91  PHE A O   1 
ATOM   723  C CB  . PHE A 1 91  ? 6.467   -1.302  0.475   1.00 14.10 ? 91  PHE A CB  1 
ATOM   724  C CG  . PHE A 1 91  ? 5.757   -2.034  1.592   1.00 15.92 ? 91  PHE A CG  1 
ATOM   725  C CD1 . PHE A 1 91  ? 6.399   -3.032  2.360   1.00 16.54 ? 91  PHE A CD1 1 
ATOM   726  C CD2 . PHE A 1 91  ? 4.438   -1.726  1.902   1.00 14.90 ? 91  PHE A CD2 1 
ATOM   727  C CE1 . PHE A 1 91  ? 5.723   -3.663  3.381   1.00 17.84 ? 91  PHE A CE1 1 
ATOM   728  C CE2 . PHE A 1 91  ? 3.758   -2.361  2.944   1.00 17.42 ? 91  PHE A CE2 1 
ATOM   729  C CZ  . PHE A 1 91  ? 4.411   -3.332  3.683   1.00 16.71 ? 91  PHE A CZ  1 
ATOM   730  N N   . ILE A 1 92  ? 4.674   -2.596  -1.688  1.00 12.99 ? 92  ILE A N   1 
ATOM   731  C CA  . ILE A 1 92  ? 3.567   -3.516  -1.977  1.00 10.88 ? 92  ILE A CA  1 
ATOM   732  C C   . ILE A 1 92  ? 3.801   -4.442  -3.135  1.00 14.07 ? 92  ILE A C   1 
ATOM   733  O O   . ILE A 1 92  ? 3.305   -5.577  -3.134  1.00 14.22 ? 92  ILE A O   1 
ATOM   734  C CB  . ILE A 1 92  ? 2.184   -2.779  -2.135  1.00 12.44 ? 92  ILE A CB  1 
ATOM   735  C CG1 . ILE A 1 92  ? 2.191   -1.751  -3.255  1.00 16.27 ? 92  ILE A CG1 1 
ATOM   736  C CG2 . ILE A 1 92  ? 1.743   -2.206  -0.741  1.00 17.69 ? 92  ILE A CG2 1 
ATOM   737  C CD1 . ILE A 1 92  ? 0.659   -1.280  -3.527  1.00 20.30 ? 92  ILE A CD1 1 
ATOM   738  N N   . GLN A 1 93  ? 4.577   -3.991  -4.122  1.00 15.19 ? 93  GLN A N   1 
ATOM   739  C CA  . GLN A 1 93  ? 4.813   -4.802  -5.299  1.00 16.28 ? 93  GLN A CA  1 
ATOM   740  C C   . GLN A 1 93  ? 5.678   -5.939  -4.845  1.00 20.93 ? 93  GLN A C   1 
ATOM   741  O O   . GLN A 1 93  ? 5.511   -7.070  -5.321  1.00 22.28 ? 93  GLN A O   1 
ATOM   742  C CB  . GLN A 1 93  ? 5.488   -3.959  -6.423  1.00 16.92 ? 93  GLN A CB  1 
ATOM   743  C CG  . GLN A 1 93  ? 4.460   -3.080  -7.168  1.00 16.44 ? 93  GLN A CG  1 
ATOM   744  C CD  . GLN A 1 93  ? 5.089   -2.441  -8.398  1.00 21.36 ? 93  GLN A CD  1 
ATOM   745  O OE1 . GLN A 1 93  ? 6.327   -2.457  -8.524  1.00 27.25 ? 93  GLN A OE1 1 
ATOM   746  N NE2 . GLN A 1 93  ? 4.271   -1.866  -9.291  1.00 22.18 ? 93  GLN A NE2 1 
ATOM   747  N N   . ASN A 1 94  ? 6.575   -5.682  -3.903  1.00 20.91 ? 94  ASN A N   1 
ATOM   748  C CA  . ASN A 1 94  ? 7.417   -6.783  -3.429  1.00 23.45 ? 94  ASN A CA  1 
ATOM   749  C C   . ASN A 1 94  ? 6.585   -7.820  -2.694  1.00 23.81 ? 94  ASN A C   1 
ATOM   750  O O   . ASN A 1 94  ? 6.772   -9.023  -2.906  1.00 25.36 ? 94  ASN A O   1 
ATOM   751  C CB  . ASN A 1 94  ? 8.553   -6.283  -2.535  1.00 25.00 ? 94  ASN A CB  1 
ATOM   752  C CG  . ASN A 1 94  ? 9.392   -7.431  -2.019  1.00 29.16 ? 94  ASN A CG  1 
ATOM   753  O OD1 . ASN A 1 94  ? 10.092  -8.080  -2.788  1.00 30.88 ? 94  ASN A OD1 1 
ATOM   754  N ND2 . ASN A 1 94  ? 9.286   -7.719  -0.738  1.00 27.32 ? 94  ASN A ND2 1 
ATOM   755  N N   . LEU A 1 95  ? 5.650   -7.390  -1.861  1.00 20.60 ? 95  LEU A N   1 
ATOM   756  C CA  . LEU A 1 95  ? 4.796   -8.346  -1.162  1.00 24.51 ? 95  LEU A CA  1 
ATOM   757  C C   . LEU A 1 95  ? 3.985   -9.286  -2.040  1.00 24.30 ? 95  LEU A C   1 
ATOM   758  O O   . LEU A 1 95  ? 3.881   -10.494 -1.728  1.00 21.11 ? 95  LEU A O   1 
ATOM   759  C CB  . LEU A 1 95  ? 3.768   -7.627  -0.282  1.00 26.55 ? 95  LEU A CB  1 
ATOM   760  C CG  . LEU A 1 95  ? 4.156   -6.802  0.950   1.00 25.91 ? 95  LEU A CG  1 
ATOM   761  C CD1 . LEU A 1 95  ? 2.869   -6.253  1.632   1.00 24.23 ? 95  LEU A CD1 1 
ATOM   762  C CD2 . LEU A 1 95  ? 4.918   -7.689  1.956   1.00 26.94 ? 95  LEU A CD2 1 
ATOM   763  N N   . VAL A 1 96  ? 3.379   -8.755  -3.112  1.00 19.23 ? 96  VAL A N   1 
ATOM   764  C CA  . VAL A 1 96  ? 2.499   -9.550  -3.925  1.00 19.07 ? 96  VAL A CA  1 
ATOM   765  C C   . VAL A 1 96  ? 3.237   -10.551 -4.792  1.00 20.14 ? 96  VAL A C   1 
ATOM   766  O O   . VAL A 1 96  ? 2.615   -11.308 -5.554  1.00 22.43 ? 96  VAL A O   1 
ATOM   767  C CB  . VAL A 1 96  ? 1.498   -8.695  -4.810  1.00 20.39 ? 96  VAL A CB  1 
ATOM   768  C CG1 . VAL A 1 96  ? 0.595   -7.906  -3.884  1.00 19.78 ? 96  VAL A CG1 1 
ATOM   769  C CG2 . VAL A 1 96  ? 2.214   -7.813  -5.806  1.00 18.24 ? 96  VAL A CG2 1 
ATOM   770  N N   . ARG A 1 97  ? 4.558   -10.570 -4.691  1.00 20.68 ? 97  ARG A N   1 
ATOM   771  C CA  . ARG A 1 97  ? 5.317   -11.552 -5.456  1.00 21.96 ? 97  ARG A CA  1 
ATOM   772  C C   . ARG A 1 97  ? 5.249   -12.934 -4.776  1.00 21.05 ? 97  ARG A C   1 
ATOM   773  O O   . ARG A 1 97  ? 5.565   -13.936 -5.421  1.00 23.46 ? 97  ARG A O   1 
ATOM   774  C CB  . ARG A 1 97  ? 6.772   -11.153 -5.532  1.00 23.46 ? 97  ARG A CB  1 
ATOM   775  N N   . TYR A 1 98  ? 4.894   -12.956 -3.497  1.00 19.48 ? 98  TYR A N   1 
ATOM   776  C CA  . TYR A 1 98  ? 4.921   -14.226 -2.745  1.00 20.18 ? 98  TYR A CA  1 
ATOM   777  C C   . TYR A 1 98  ? 3.563   -14.724 -2.302  1.00 18.76 ? 98  TYR A C   1 
ATOM   778  O O   . TYR A 1 98  ? 2.850   -14.041 -1.578  1.00 16.51 ? 98  TYR A O   1 
ATOM   779  C CB  . TYR A 1 98  ? 5.827   -14.046 -1.560  1.00 23.07 ? 98  TYR A CB  1 
ATOM   780  C CG  . TYR A 1 98  ? 7.197   -13.505 -1.957  1.00 25.05 ? 98  TYR A CG  1 
ATOM   781  C CD1 . TYR A 1 98  ? 7.523   -12.178 -1.751  1.00 27.74 ? 98  TYR A CD1 1 
ATOM   782  C CD2 . TYR A 1 98  ? 8.133   -14.336 -2.586  1.00 28.17 ? 98  TYR A CD2 1 
ATOM   783  C CE1 . TYR A 1 98  ? 8.765   -11.673 -2.171  1.00 30.37 ? 98  TYR A CE1 1 
ATOM   784  C CE2 . TYR A 1 98  ? 9.375   -13.850 -2.993  1.00 29.20 ? 98  TYR A CE2 1 
ATOM   785  C CZ  . TYR A 1 98  ? 9.685   -12.520 -2.784  1.00 32.35 ? 98  TYR A CZ  1 
ATOM   786  O OH  . TYR A 1 98  ? 10.933  -12.043 -3.159  1.00 34.95 ? 98  TYR A OH  1 
ATOM   787  N N   . PRO A 1 99  ? 3.172   -15.943 -2.751  1.00 19.02 ? 99  PRO A N   1 
ATOM   788  C CA  . PRO A 1 99  ? 1.856   -16.466 -2.362  1.00 19.39 ? 99  PRO A CA  1 
ATOM   789  C C   . PRO A 1 99  ? 1.636   -16.556 -0.882  1.00 19.38 ? 99  PRO A C   1 
ATOM   790  O O   . PRO A 1 99  ? 0.510   -16.428 -0.424  1.00 18.20 ? 99  PRO A O   1 
ATOM   791  C CB  . PRO A 1 99  ? 1.764   -17.832 -3.085  1.00 20.89 ? 99  PRO A CB  1 
ATOM   792  C CG  . PRO A 1 99  ? 3.138   -18.131 -3.526  1.00 24.45 ? 99  PRO A CG  1 
ATOM   793  C CD  . PRO A 1 99  ? 3.860   -16.823 -3.702  1.00 22.51 ? 99  PRO A CD  1 
ATOM   794  N N   . GLU A 1 100 ? 2.675   -16.792 -0.083  1.00 16.91 ? 100 GLU A N   1 
ATOM   795  C CA  . GLU A 1 100 ? 2.361   -16.850 1.339   1.00 18.32 ? 100 GLU A CA  1 
ATOM   796  C C   . GLU A 1 100 ? 1.996   -15.479 1.896   1.00 19.28 ? 100 GLU A C   1 
ATOM   797  O O   . GLU A 1 100 ? 1.471   -15.341 3.009   1.00 18.25 ? 100 GLU A O   1 
ATOM   798  C CB  . GLU A 1 100 ? 3.484   -17.520 2.155   1.00 20.83 ? 100 GLU A CB  1 
ATOM   799  C CG  . GLU A 1 100 ? 4.713   -16.706 2.354   1.00 22.26 ? 100 GLU A CG  1 
ATOM   800  C CD  . GLU A 1 100 ? 5.853   -17.608 2.690   1.00 23.84 ? 100 GLU A CD  1 
ATOM   801  O OE1 . GLU A 1 100 ? 5.818   -18.238 3.799   1.00 25.88 ? 100 GLU A OE1 1 
ATOM   802  O OE2 . GLU A 1 100 ? 6.753   -17.669 1.820   1.00 26.30 ? 100 GLU A OE2 1 
ATOM   803  N N   . LEU A 1 101 ? 2.301   -14.431 1.122   1.00 18.34 ? 101 LEU A N   1 
ATOM   804  C CA  . LEU A 1 101 ? 1.918   -13.095 1.556   1.00 15.80 ? 101 LEU A CA  1 
ATOM   805  C C   . LEU A 1 101 ? 0.627   -12.682 0.880   1.00 14.72 ? 101 LEU A C   1 
ATOM   806  O O   . LEU A 1 101 ? -0.244  -12.119 1.528   1.00 14.98 ? 101 LEU A O   1 
ATOM   807  C CB  . LEU A 1 101 ? 3.003   -12.047 1.231   1.00 15.71 ? 101 LEU A CB  1 
ATOM   808  C CG  . LEU A 1 101 ? 4.302   -12.291 2.017   1.00 17.53 ? 101 LEU A CG  1 
ATOM   809  C CD1 . LEU A 1 101 ? 5.285   -11.131 1.748   1.00 23.36 ? 101 LEU A CD1 1 
ATOM   810  C CD2 . LEU A 1 101 ? 3.983   -12.284 3.508   1.00 19.95 ? 101 LEU A CD2 1 
ATOM   811  N N   . TYR A 1 102 ? 0.453   -12.990 -0.395  1.00 16.34 ? 102 TYR A N   1 
ATOM   812  C CA  . TYR A 1 102 ? -0.860  -12.559 -0.918  1.00 15.95 ? 102 TYR A CA  1 
ATOM   813  C C   . TYR A 1 102 ? -2.020  -13.463 -0.531  1.00 16.94 ? 102 TYR A C   1 
ATOM   814  O O   . TYR A 1 102 ? -3.184  -13.171 -0.833  1.00 16.41 ? 102 TYR A O   1 
ATOM   815  C CB  . TYR A 1 102 ? -0.838  -12.260 -2.416  1.00 18.63 ? 102 TYR A CB  1 
ATOM   816  C CG  . TYR A 1 102 ? -0.543  -13.372 -3.361  1.00 15.93 ? 102 TYR A CG  1 
ATOM   817  C CD1 . TYR A 1 102 ? -1.490  -14.362 -3.634  1.00 17.95 ? 102 TYR A CD1 1 
ATOM   818  C CD2 . TYR A 1 102 ? 0.671   -13.382 -4.059  1.00 17.89 ? 102 TYR A CD2 1 
ATOM   819  C CE1 . TYR A 1 102 ? -1.224  -15.341 -4.590  1.00 20.65 ? 102 TYR A CE1 1 
ATOM   820  C CE2 . TYR A 1 102 ? 0.934   -14.322 -4.999  1.00 20.01 ? 102 TYR A CE2 1 
ATOM   821  C CZ  . TYR A 1 102 ? 0.000   -15.302 -5.266  1.00 19.75 ? 102 TYR A CZ  1 
ATOM   822  O OH  . TYR A 1 102 ? 0.302   -16.248 -6.221  1.00 28.42 ? 102 TYR A OH  1 
ATOM   823  N N   . ASN A 1 103 ? -1.727  -14.552 0.186   1.00 14.75 ? 103 ASN A N   1 
ATOM   824  C CA  . ASN A 1 103 ? -2.806  -15.339 0.780   1.00 14.49 ? 103 ASN A CA  1 
ATOM   825  C C   . ASN A 1 103 ? -2.941  -14.997 2.252   1.00 14.81 ? 103 ASN A C   1 
ATOM   826  O O   . ASN A 1 103 ? -3.819  -15.505 2.962   1.00 16.90 ? 103 ASN A O   1 
ATOM   827  C CB  . ASN A 1 103 ? -2.541  -16.845 0.696   1.00 13.37 ? 103 ASN A CB  1 
ATOM   828  C CG  . ASN A 1 103 ? -2.881  -17.401 -0.646  1.00 13.86 ? 103 ASN A CG  1 
ATOM   829  O OD1 . ASN A 1 103 ? -2.032  -17.456 -1.542  1.00 20.24 ? 103 ASN A OD1 1 
ATOM   830  N ND2 . ASN A 1 103 ? -4.118  -17.832 -0.801  1.00 15.72 ? 103 ASN A ND2 1 
ATOM   831  N N   . HIS A 1 104 ? -2.076  -14.098 2.714   1.00 16.19 ? 104 HIS A N   1 
ATOM   832  C CA  . HIS A 1 104 ? -2.088  -13.687 4.131   1.00 14.98 ? 104 HIS A CA  1 
ATOM   833  C C   . HIS A 1 104 ? -3.305  -12.821 4.350   1.00 15.66 ? 104 HIS A C   1 
ATOM   834  O O   . HIS A 1 104 ? -3.574  -11.868 3.588   1.00 12.79 ? 104 HIS A O   1 
ATOM   835  C CB  . HIS A 1 104 ? -0.784  -12.916 4.469   1.00 13.49 ? 104 HIS A CB  1 
ATOM   836  C CG  . HIS A 1 104 ? -0.664  -12.570 5.918   1.00 17.74 ? 104 HIS A CG  1 
ATOM   837  N ND1 . HIS A 1 104 ? 0.361   -13.041 6.719   1.00 20.79 ? 104 HIS A ND1 1 
ATOM   838  C CD2 . HIS A 1 104 ? -1.425  -11.773 6.704   1.00 14.67 ? 104 HIS A CD2 1 
ATOM   839  C CE1 . HIS A 1 104 ? 0.224   -12.535 7.936   1.00 15.26 ? 104 HIS A CE1 1 
ATOM   840  N NE2 . HIS A 1 104 ? -0.851  -11.777 7.957   1.00 21.64 ? 104 HIS A NE2 1 
ATOM   841  N N   . PRO A 1 105 ? -4.094  -13.084 5.386   1.00 15.55 ? 105 PRO A N   1 
ATOM   842  C CA  . PRO A 1 105 ? -5.301  -12.303 5.630   1.00 15.81 ? 105 PRO A CA  1 
ATOM   843  C C   . PRO A 1 105 ? -5.148  -10.778 5.722   1.00 16.34 ? 105 PRO A C   1 
ATOM   844  O O   . PRO A 1 105 ? -6.017  -10.045 5.258   1.00 16.57 ? 105 PRO A O   1 
ATOM   845  C CB  . PRO A 1 105 ? -5.880  -12.922 6.936   1.00 21.04 ? 105 PRO A CB  1 
ATOM   846  C CG  . PRO A 1 105 ? -4.702  -13.614 7.503   1.00 24.87 ? 105 PRO A CG  1 
ATOM   847  C CD  . PRO A 1 105 ? -4.004  -14.195 6.335   1.00 21.02 ? 105 PRO A CD  1 
ATOM   848  N N   . ASP A 1 106 ? -4.056  -10.321 6.323   1.00 15.25 ? 106 ASP A N   1 
ATOM   849  C CA  . ASP A 1 106 ? -3.863  -8.876  6.448   1.00 15.45 ? 106 ASP A CA  1 
ATOM   850  C C   . ASP A 1 106 ? -3.578  -8.251  5.084   1.00 14.60 ? 106 ASP A C   1 
ATOM   851  O O   . ASP A 1 106 ? -3.996  -7.114  4.830   1.00 14.17 ? 106 ASP A O   1 
ATOM   852  C CB  . ASP A 1 106 ? -2.706  -8.574  7.410   1.00 18.34 ? 106 ASP A CB  1 
ATOM   853  C CG  . ASP A 1 106 ? -3.043  -8.932  8.859   1.00 25.85 ? 106 ASP A CG  1 
ATOM   854  O OD1 . ASP A 1 106 ? -4.204  -9.252  9.140   1.00 26.17 ? 106 ASP A OD1 1 
ATOM   855  O OD2 . ASP A 1 106 ? -2.121  -8.850  9.713   1.00 28.82 ? 106 ASP A OD2 1 
ATOM   856  N N   . VAL A 1 107 ? -2.884  -8.977  4.225   1.00 12.92 ? 107 VAL A N   1 
ATOM   857  C CA  . VAL A 1 107 ? -2.567  -8.448  2.867   1.00 13.28 ? 107 VAL A CA  1 
ATOM   858  C C   . VAL A 1 107 ? -3.838  -8.478  2.045   1.00 13.23 ? 107 VAL A C   1 
ATOM   859  O O   . VAL A 1 107 ? -4.183  -7.481  1.329   1.00 13.32 ? 107 VAL A O   1 
ATOM   860  C CB  . VAL A 1 107 ? -1.478  -9.270  2.217   1.00 14.58 ? 107 VAL A CB  1 
ATOM   861  C CG1 . VAL A 1 107 ? -1.241  -8.789  0.766   1.00 13.99 ? 107 VAL A CG1 1 
ATOM   862  C CG2 . VAL A 1 107 ? -0.138  -9.109  3.030   1.00 13.22 ? 107 VAL A CG2 1 
ATOM   863  N N   . ARG A 1 108 ? -4.581  -9.568  2.144   1.00 14.00 ? 108 ARG A N   1 
ATOM   864  C CA  . ARG A 1 108 ? -5.846  -9.627  1.356   1.00 13.67 ? 108 ARG A CA  1 
ATOM   865  C C   . ARG A 1 108 ? -6.805  -8.522  1.758   1.00 14.45 ? 108 ARG A C   1 
ATOM   866  O O   . ARG A 1 108 ? -7.512  -7.905  0.909   1.00 12.98 ? 108 ARG A O   1 
ATOM   867  C CB  . ARG A 1 108 ? -6.503  -11.039 1.485   1.00 13.55 ? 108 ARG A CB  1 
ATOM   868  C CG  . ARG A 1 108 ? -5.580  -12.102 0.958   1.00 14.00 ? 108 ARG A CG  1 
ATOM   869  C CD  . ARG A 1 108 ? -6.315  -13.435 0.886   1.00 14.89 ? 108 ARG A CD  1 
ATOM   870  N NE  . ARG A 1 108 ? -7.367  -13.461 -0.155  1.00 15.07 ? 108 ARG A NE  1 
ATOM   871  C CZ  . ARG A 1 108 ? -7.121  -13.759 -1.436  1.00 15.42 ? 108 ARG A CZ  1 
ATOM   872  N NH1 . ARG A 1 108 ? -5.898  -14.041 -1.856  1.00 14.41 ? 108 ARG A NH1 1 
ATOM   873  N NH2 . ARG A 1 108 ? -8.130  -13.783 -2.308  1.00 16.42 ? 108 ARG A NH2 1 
ATOM   874  N N   . ALA A 1 109 ? -6.870  -8.212  3.043   1.00 11.76 ? 109 ALA A N   1 
ATOM   875  C CA  . ALA A 1 109 ? -7.743  -7.132  3.452   1.00 12.61 ? 109 ALA A CA  1 
ATOM   876  C C   . ALA A 1 109 ? -7.220  -5.762  3.006   1.00 11.35 ? 109 ALA A C   1 
ATOM   877  O O   . ALA A 1 109 ? -8.009  -4.892  2.609   1.00 13.37 ? 109 ALA A O   1 
ATOM   878  C CB  . ALA A 1 109 ? -7.891  -7.102  5.009   1.00 15.94 ? 109 ALA A CB  1 
ATOM   879  N N   . PHE A 1 110 ? -5.913  -5.555  3.097   1.00 11.72 ? 110 PHE A N   1 
ATOM   880  C CA  . PHE A 1 110 ? -5.367  -4.275  2.728   1.00 11.11 ? 110 PHE A CA  1 
ATOM   881  C C   . PHE A 1 110 ? -5.637  -3.996  1.242   1.00 10.53 ? 110 PHE A C   1 
ATOM   882  O O   . PHE A 1 110 ? -5.954  -2.835  0.875   1.00 11.92 ? 110 PHE A O   1 
ATOM   883  C CB  . PHE A 1 110 ? -3.854  -4.279  3.023   1.00 10.65 ? 110 PHE A CB  1 
ATOM   884  C CG  . PHE A 1 110 ? -3.162  -2.960  2.685   1.00 12.34 ? 110 PHE A CG  1 
ATOM   885  C CD1 . PHE A 1 110 ? -2.595  -2.761  1.451   1.00 11.91 ? 110 PHE A CD1 1 
ATOM   886  C CD2 . PHE A 1 110 ? -3.106  -1.941  3.636   1.00 13.66 ? 110 PHE A CD2 1 
ATOM   887  C CE1 . PHE A 1 110 ? -1.946  -1.501  1.161   1.00 13.68 ? 110 PHE A CE1 1 
ATOM   888  C CE2 . PHE A 1 110 ? -2.476  -0.709  3.370   1.00 12.47 ? 110 PHE A CE2 1 
ATOM   889  C CZ  . PHE A 1 110 ? -1.905  -0.494  2.142   1.00 10.90 ? 110 PHE A CZ  1 
ATOM   890  N N   . LEU A 1 111 ? -5.561  -5.054  0.424   1.00 10.11 ? 111 LEU A N   1 
ATOM   891  C CA  . LEU A 1 111 ? -5.800  -4.884  -1.025  1.00 10.60 ? 111 LEU A CA  1 
ATOM   892  C C   . LEU A 1 111 ? -7.258  -5.159  -1.471  1.00 10.31 ? 111 LEU A C   1 
ATOM   893  O O   . LEU A 1 111 ? -7.537  -5.131  -2.681  1.00 11.20 ? 111 LEU A O   1 
ATOM   894  C CB  . LEU A 1 111 ? -4.829  -5.808  -1.782  1.00 9.25  ? 111 LEU A CB  1 
ATOM   895  C CG  . LEU A 1 111 ? -3.326  -5.480  -1.546  1.00 11.34 ? 111 LEU A CG  1 
ATOM   896  C CD1 . LEU A 1 111 ? -2.493  -6.525  -2.317  1.00 11.98 ? 111 LEU A CD1 1 
ATOM   897  C CD2 . LEU A 1 111 ? -2.996  -4.014  -1.987  1.00 13.90 ? 111 LEU A CD2 1 
ATOM   898  N N   . GLN A 1 112 ? -8.143  -5.415  -0.497  1.00 10.99 ? 112 GLN A N   1 
ATOM   899  C CA  . GLN A 1 112 ? -9.563  -5.729  -0.767  1.00 11.27 ? 112 GLN A CA  1 
ATOM   900  C C   . GLN A 1 112 ? -9.719  -6.841  -1.812  1.00 11.30 ? 112 GLN A C   1 
ATOM   901  O O   . GLN A 1 112 ? -10.576 -6.747  -2.719  1.00 13.95 ? 112 GLN A O   1 
ATOM   902  C CB  . GLN A 1 112 ? -10.288 -4.472  -1.220  1.00 10.69 ? 112 GLN A CB  1 
ATOM   903  C CG  . GLN A 1 112 ? -10.375 -3.448  -0.097  1.00 16.90 ? 112 GLN A CG  1 
ATOM   904  C CD  . GLN A 1 112 ? -11.378 -3.880  0.969   1.00 22.35 ? 112 GLN A CD  1 
ATOM   905  O OE1 . GLN A 1 112 ? -12.594 -3.737  0.770   1.00 23.33 ? 112 GLN A OE1 1 
ATOM   906  N NE2 . GLN A 1 112 ? -10.882 -4.433  2.105   1.00 21.36 ? 112 GLN A NE2 1 
ATOM   907  N N   . MET A 1 113 ? -8.969  -7.936  -1.610  1.00 10.65 ? 113 MET A N   1 
ATOM   908  C CA  . MET A 1 113 ? -8.992  -9.049  -2.530  1.00 11.70 ? 113 MET A CA  1 
ATOM   909  C C   . MET A 1 113 ? -10.185 -9.962  -2.428  1.00 12.91 ? 113 MET A C   1 
ATOM   910  O O   . MET A 1 113 ? -10.434 -10.680 -3.373  1.00 18.34 ? 113 MET A O   1 
ATOM   911  C CB  . MET A 1 113 ? -7.698  -9.892  -2.402  1.00 13.38 ? 113 MET A CB  1 
ATOM   912  C CG  . MET A 1 113 ? -6.475  -9.133  -2.942  1.00 15.75 ? 113 MET A CG  1 
ATOM   913  S SD  . MET A 1 113 ? -4.988  -10.045 -2.646  1.00 19.36 ? 113 MET A SD  1 
ATOM   914  C CE  . MET A 1 113 ? -5.115  -11.375 -3.833  1.00 17.92 ? 113 MET A CE  1 
ATOM   915  N N   . ASP A 1 114 ? -10.962 -9.876  -1.367  1.00 16.73 ? 114 ASP A N   1 
ATOM   916  C CA  . ASP A 1 114 ? -12.127 -10.751 -1.201  1.00 19.87 ? 114 ASP A CA  1 
ATOM   917  C C   . ASP A 1 114 ? -13.391 -9.941  -0.993  1.00 20.94 ? 114 ASP A C   1 
ATOM   918  O O   . ASP A 1 114 ? -14.285 -10.356 -0.262  1.00 23.84 ? 114 ASP A O   1 
ATOM   919  C CB  . ASP A 1 114 ? -11.899 -11.644 0.016   1.00 18.03 ? 114 ASP A CB  1 
ATOM   920  C CG  . ASP A 1 114 ? -10.726 -12.594 -0.170  1.00 21.76 ? 114 ASP A CG  1 
ATOM   921  O OD1 . ASP A 1 114 ? -10.686 -13.335 -1.174  1.00 23.06 ? 114 ASP A OD1 1 
ATOM   922  O OD2 . ASP A 1 114 ? -9.841  -12.589 0.714   1.00 26.97 ? 114 ASP A OD2 1 
ATOM   923  N N   . SER A 1 115 ? -13.475 -8.810  -1.665  1.00 21.12 ? 115 SER A N   1 
ATOM   924  C CA  . SER A 1 115 ? -14.609 -7.895  -1.516  1.00 21.16 ? 115 SER A CA  1 
ATOM   925  C C   . SER A 1 115 ? -15.804 -8.299  -2.361  1.00 22.30 ? 115 SER A C   1 
ATOM   926  O O   . SER A 1 115 ? -15.666 -8.661  -3.538  1.00 21.00 ? 115 SER A O   1 
ATOM   927  C CB  . SER A 1 115 ? -14.201 -6.484  -1.989  1.00 23.14 ? 115 SER A CB  1 
ATOM   928  O OG  . SER A 1 115 ? -15.322 -5.612  -1.937  1.00 22.28 ? 115 SER A OG  1 
ATOM   929  N N   . PRO A 1 116 ? -16.997 -8.228  -1.770  1.00 22.70 ? 116 PRO A N   1 
ATOM   930  C CA  . PRO A 1 116 ? -18.144 -8.600  -2.588  1.00 26.36 ? 116 PRO A CA  1 
ATOM   931  C C   . PRO A 1 116 ? -18.413 -7.561  -3.679  1.00 27.44 ? 116 PRO A C   1 
ATOM   932  O O   . PRO A 1 116 ? -19.106 -7.858  -4.674  1.00 30.28 ? 116 PRO A O   1 
ATOM   933  C CB  . PRO A 1 116 ? -19.289 -8.742  -1.558  1.00 26.60 ? 116 PRO A CB  1 
ATOM   934  C CG  . PRO A 1 116 ? -18.888 -7.796  -0.412  1.00 26.63 ? 116 PRO A CG  1 
ATOM   935  C CD  . PRO A 1 116 ? -17.345 -8.025  -0.350  1.00 25.10 ? 116 PRO A CD  1 
ATOM   936  N N   . ARG A 1 117 ? -17.849 -6.364  -3.531  1.00 24.36 ? 117 ARG A N   1 
ATOM   937  C CA  . ARG A 1 117 ? -18.063 -5.306  -4.515  1.00 24.21 ? 117 ARG A CA  1 
ATOM   938  C C   . ARG A 1 117 ? -17.169 -5.442  -5.740  1.00 25.62 ? 117 ARG A C   1 
ATOM   939  O O   . ARG A 1 117 ? -17.256 -4.647  -6.702  1.00 26.45 ? 117 ARG A O   1 
ATOM   940  C CB  . ARG A 1 117 ? -17.840 -3.934  -3.845  1.00 26.62 ? 117 ARG A CB  1 
ATOM   941  C CG  . ARG A 1 117 ? -18.926 -3.625  -2.793  1.00 32.97 ? 117 ARG A CG  1 
ATOM   942  C CD  . ARG A 1 117 ? -18.653 -2.305  -2.059  1.00 35.91 ? 117 ARG A CD  1 
ATOM   943  N NE  . ARG A 1 117 ? -17.534 -2.464  -1.140  1.00 37.60 ? 117 ARG A NE  1 
ATOM   944  C CZ  . ARG A 1 117 ? -17.517 -3.324  -0.120  1.00 37.89 ? 117 ARG A CZ  1 
ATOM   945  N NH1 . ARG A 1 117 ? -18.556 -4.109  0.124   1.00 40.36 ? 117 ARG A NH1 1 
ATOM   946  N NH2 . ARG A 1 117 ? -16.451 -3.402  0.659   1.00 41.05 ? 117 ARG A NH2 1 
ATOM   947  N N   . HIS A 1 118 ? -16.307 -6.451  -5.702  1.00 25.50 ? 118 HIS A N   1 
ATOM   948  C CA  . HIS A 1 118 ? -15.398 -6.678  -6.802  1.00 30.69 ? 118 HIS A CA  1 
ATOM   949  C C   . HIS A 1 118 ? -15.801 -7.985  -7.478  1.00 33.91 ? 118 HIS A C   1 
ATOM   950  O O   . HIS A 1 118 ? -14.952 -8.787  -7.852  1.00 35.87 ? 118 HIS A O   1 
ATOM   951  C CB  . HIS A 1 118 ? -13.957 -6.748  -6.310  1.00 27.46 ? 118 HIS A CB  1 
ATOM   952  C CG  . HIS A 1 118 ? -13.491 -5.515  -5.592  1.00 22.91 ? 118 HIS A CG  1 
ATOM   953  N ND1 . HIS A 1 118 ? -14.042 -4.271  -5.822  1.00 24.95 ? 118 HIS A ND1 1 
ATOM   954  C CD2 . HIS A 1 118 ? -12.550 -5.341  -4.643  1.00 21.12 ? 118 HIS A CD2 1 
ATOM   955  C CE1 . HIS A 1 118 ? -13.464 -3.384  -5.030  1.00 17.74 ? 118 HIS A CE1 1 
ATOM   956  N NE2 . HIS A 1 118 ? -12.554 -4.011  -4.304  1.00 25.92 ? 118 HIS A NE2 1 
ATOM   957  N N   . GLN A 1 119 ? -17.111 -8.193  -7.600  1.00 35.69 ? 119 GLN A N   1 
ATOM   958  C CA  . GLN A 1 119 ? -17.648 -9.403  -8.233  1.00 37.01 ? 119 GLN A CA  1 
ATOM   959  C C   . GLN A 1 119 ? -18.494 -8.940  -9.410  1.00 38.35 ? 119 GLN A C   1 
ATOM   960  O O   . GLN A 1 119 ? -18.886 -7.752  -9.402  1.00 37.32 ? 119 GLN A O   1 
ATOM   961  C CB  . GLN A 1 119 ? -18.509 -10.157 -7.251  1.00 37.51 ? 119 GLN A CB  1 
HETATM 962  O O   . HOH B 2 .   ? -10.693 2.066   -0.561  1.00 18.07 ? 155 HOH A O   1 
HETATM 963  O O   . HOH B 2 .   ? -0.789  14.461  -3.017  1.00 22.36 ? 156 HOH A O   1 
HETATM 964  O O   . HOH B 2 .   ? 2.720   -5.753  -9.049  1.00 17.47 ? 157 HOH A O   1 
HETATM 965  O O   . HOH B 2 .   ? 1.420   -16.781 5.584   1.00 17.31 ? 158 HOH A O   1 
HETATM 966  O O   . HOH B 2 .   ? -6.292  9.115   -3.698  1.00 15.55 ? 159 HOH A O   1 
HETATM 967  O O   . HOH B 2 .   ? -11.133 -8.218  0.958   1.00 23.39 ? 160 HOH A O   1 
HETATM 968  O O   . HOH B 2 .   ? -4.963  -5.307  6.715   1.00 20.01 ? 161 HOH A O   1 
HETATM 969  O O   . HOH B 2 .   ? -8.551  -10.977 4.871   1.00 24.03 ? 162 HOH A O   1 
HETATM 970  O O   . HOH B 2 .   ? -4.484  -4.718  -15.042 1.00 18.30 ? 163 HOH A O   1 
HETATM 971  O O   . HOH B 2 .   ? 5.308   -17.649 -0.752  1.00 25.30 ? 164 HOH A O   1 
HETATM 972  O O   . HOH B 2 .   ? -0.779  8.525   7.290   1.00 24.08 ? 165 HOH A O   1 
HETATM 973  O O   . HOH B 2 .   ? -3.188  -1.513  7.604   1.00 21.37 ? 166 HOH A O   1 
HETATM 974  O O   . HOH B 2 .   ? 8.135   2.255   -7.057  1.00 23.21 ? 167 HOH A O   1 
HETATM 975  O O   . HOH B 2 .   ? -8.871  -11.282 -5.592  1.00 21.80 ? 168 HOH A O   1 
HETATM 976  O O   . HOH B 2 .   ? 1.588   13.346  3.494   1.00 18.39 ? 169 HOH A O   1 
HETATM 977  O O   . HOH B 2 .   ? -0.485  12.218  -7.771  1.00 19.68 ? 170 HOH A O   1 
HETATM 978  O O   . HOH B 2 .   ? 10.039  0.419   -0.174  1.00 28.38 ? 171 HOH A O   1 
HETATM 979  O O   . HOH B 2 .   ? -11.488 -1.213  -2.770  1.00 23.74 ? 172 HOH A O   1 
HETATM 980  O O   . HOH B 2 .   ? -13.761 18.164  4.828   1.00 22.38 ? 173 HOH A O   1 
HETATM 981  O O   . HOH B 2 .   ? -8.075  4.716   3.943   1.00 33.72 ? 174 HOH A O   1 
HETATM 982  O O   . HOH B 2 .   ? -8.297  -13.960 -5.094  1.00 31.93 ? 175 HOH A O   1 
HETATM 983  O O   . HOH B 2 .   ? 12.022  -0.052  6.277   1.00 28.95 ? 176 HOH A O   1 
HETATM 984  O O   . HOH B 2 .   ? -11.081 17.402  1.253   1.00 36.96 ? 177 HOH A O   1 
HETATM 985  O O   . HOH B 2 .   ? -10.098 8.720   -7.060  1.00 32.92 ? 178 HOH A O   1 
HETATM 986  O O   . HOH B 2 .   ? 2.829   -8.932  -9.419  1.00 37.28 ? 179 HOH A O   1 
HETATM 987  O O   . HOH B 2 .   ? 10.036  -4.106  0.946   1.00 39.43 ? 180 HOH A O   1 
HETATM 988  O O   . HOH B 2 .   ? -1.515  -5.686  9.715   1.00 26.36 ? 181 HOH A O   1 
HETATM 989  O O   . HOH B 2 .   ? 5.942   5.957   -8.457  1.00 33.75 ? 182 HOH A O   1 
HETATM 990  O O   . HOH B 2 .   ? 1.775   -0.772  13.889  1.00 34.93 ? 183 HOH A O   1 
HETATM 991  O O   . HOH B 2 .   ? 4.663   -7.364  -8.041  1.00 26.89 ? 184 HOH A O   1 
HETATM 992  O O   . HOH B 2 .   ? -2.796  -3.107  -11.037 1.00 25.86 ? 185 HOH A O   1 
HETATM 993  O O   . HOH B 2 .   ? 1.441   16.256  -3.563  1.00 28.30 ? 186 HOH A O   1 
HETATM 994  O O   . HOH B 2 .   ? 0.362   10.956  -10.217 1.00 28.39 ? 187 HOH A O   1 
HETATM 995  O O   . HOH B 2 .   ? -1.616  11.640  5.695   1.00 33.04 ? 188 HOH A O   1 
HETATM 996  O O   . HOH B 2 .   ? -7.086  -9.487  -18.408 1.00 36.59 ? 189 HOH A O   1 
HETATM 997  O O   . HOH B 2 .   ? -9.587  -13.367 -13.835 1.00 27.79 ? 190 HOH A O   1 
HETATM 998  O O   . HOH B 2 .   ? 1.746   11.542  -5.508  1.00 21.21 ? 191 HOH A O   1 
HETATM 999  O O   . HOH B 2 .   ? 10.902  20.822  4.252   1.00 24.98 ? 192 HOH A O   1 
HETATM 1000 O O   . HOH B 2 .   ? -0.635  -3.984  -12.382 1.00 31.90 ? 193 HOH A O   1 
HETATM 1001 O O   . HOH B 2 .   ? 6.692   8.396   -7.482  1.00 31.57 ? 194 HOH A O   1 
HETATM 1002 O O   . HOH B 2 .   ? -1.246  -10.497 11.281  1.00 30.59 ? 195 HOH A O   1 
HETATM 1003 O O   . HOH B 2 .   ? -0.244  -8.134  13.661  1.00 48.49 ? 196 HOH A O   1 
HETATM 1004 O O   . HOH B 2 .   ? 1.704   10.614  3.146   1.00 14.32 ? 197 HOH A O   1 
HETATM 1005 O O   . HOH B 2 .   ? -0.631  9.456   4.025   1.00 13.38 ? 198 HOH A O   1 
HETATM 1006 O O   . HOH B 2 .   ? 3.719   -18.503 6.058   1.00 19.99 ? 199 HOH A O   1 
HETATM 1007 O O   . HOH B 2 .   ? -8.781  10.164  -2.677  1.00 22.98 ? 200 HOH A O   1 
HETATM 1008 O O   . HOH B 2 .   ? -1.051  15.263  -0.484  1.00 21.46 ? 201 HOH A O   1 
HETATM 1009 O O   . HOH B 2 .   ? 8.305   8.515   3.482   1.00 16.92 ? 202 HOH A O   1 
HETATM 1010 O O   . HOH B 2 .   ? 4.086   4.318   -7.934  1.00 33.05 ? 203 HOH A O   1 
HETATM 1011 O O   . HOH B 2 .   ? -5.102  10.097  -6.563  1.00 28.32 ? 204 HOH A O   1 
HETATM 1012 O O   . HOH B 2 .   ? 2.025   10.506  7.200   1.00 39.51 ? 205 HOH A O   1 
HETATM 1013 O O   . HOH B 2 .   ? 6.770   16.564  9.072   1.00 23.15 ? 206 HOH A O   1 
HETATM 1014 O O   . HOH B 2 .   ? 8.845   15.859  12.088  1.00 29.18 ? 207 HOH A O   1 
HETATM 1015 O O   . HOH B 2 .   ? 6.306   16.257  15.253  1.00 35.85 ? 208 HOH A O   1 
HETATM 1016 O O   . HOH B 2 .   ? -14.758 18.436  7.197   1.00 21.80 ? 209 HOH A O   1 
HETATM 1017 O O   . HOH B 2 .   ? -11.995 -0.093  -0.425  1.00 29.08 ? 210 HOH A O   1 
HETATM 1018 O O   . HOH B 2 .   ? -9.988  2.621   2.043   1.00 27.86 ? 211 HOH A O   1 
HETATM 1019 O O   . HOH B 2 .   ? 2.644   5.508   10.721  1.00 34.24 ? 212 HOH A O   1 
HETATM 1020 O O   . HOH B 2 .   ? 1.207   -3.451  13.077  1.00 28.33 ? 213 HOH A O   1 
HETATM 1021 O O   . HOH B 2 .   ? 11.275  -8.351  7.187   1.00 31.56 ? 214 HOH A O   1 
HETATM 1022 O O   . HOH B 2 .   ? 10.576  8.394   0.661   1.00 25.81 ? 215 HOH A O   1 
HETATM 1023 O O   . HOH B 2 .   ? 8.164   4.595   -8.886  1.00 38.62 ? 216 HOH A O   1 
HETATM 1024 O O   . HOH B 2 .   ? -9.957  -10.367 2.600   1.00 30.17 ? 217 HOH A O   1 
HETATM 1025 O O   . HOH B 2 .   ? -3.121  -4.161  8.383   1.00 26.02 ? 218 HOH A O   1 
HETATM 1026 O O   . HOH B 2 .   ? -6.564  -6.468  8.689   1.00 37.22 ? 219 HOH A O   1 
HETATM 1027 O O   . HOH B 2 .   ? -6.424  -3.211  5.694   1.00 29.95 ? 220 HOH A O   1 
HETATM 1028 O O   . HOH B 2 .   ? -14.276 -3.237  -1.400  1.00 32.69 ? 221 HOH A O   1 
HETATM 1029 O O   . HOH B 2 .   ? -12.099 -8.219  -4.449  1.00 25.01 ? 222 HOH A O   1 
HETATM 1030 O O   . HOH B 2 .   ? -12.372 -9.689  -6.458  1.00 32.70 ? 223 HOH A O   1 
HETATM 1031 O O   . HOH B 2 .   ? 9.411   10.239  1.417   1.00 29.04 ? 224 HOH A O   1 
HETATM 1032 O O   . HOH B 2 .   ? 3.637   -0.322  -12.408 1.00 46.74 ? 225 HOH A O   1 
HETATM 1033 O O   . HOH B 2 .   ? 1.226   1.118   -14.633 1.00 45.95 ? 226 HOH A O   1 
HETATM 1034 O O   . HOH B 2 .   ? 3.101   12.417  -7.092  1.00 32.65 ? 227 HOH A O   1 
HETATM 1035 O O   . HOH B 2 .   ? -11.428 13.622  5.003   1.00 37.04 ? 228 HOH A O   1 
HETATM 1036 O O   . HOH B 2 .   ? -12.728 10.970  2.310   1.00 27.31 ? 229 HOH A O   1 
HETATM 1037 O O   . HOH B 2 .   ? -10.941 12.772  -5.802  1.00 39.43 ? 230 HOH A O   1 
HETATM 1038 O O   . HOH B 2 .   ? -3.237  -10.543 -12.317 1.00 31.41 ? 231 HOH A O   1 
HETATM 1039 O O   . HOH B 2 .   ? -10.940 -0.512  1.843   1.00 40.38 ? 232 HOH A O   1 
HETATM 1040 O O   . HOH B 2 .   ? 11.157  -0.452  11.132  1.00 36.01 ? 233 HOH A O   1 
HETATM 1041 O O   . HOH B 2 .   ? 11.670  -14.866 7.836   1.00 20.56 ? 234 HOH A O   1 
HETATM 1042 O O   . HOH B 2 .   ? 7.865   -5.733  0.534   1.00 28.40 ? 235 HOH A O   1 
HETATM 1043 O O   . HOH B 2 .   ? 6.648   13.664  9.284   1.00 31.16 ? 236 HOH A O   1 
HETATM 1044 O O   . HOH B 2 .   ? -5.582  -0.799  6.495   1.00 35.86 ? 237 HOH A O   1 
HETATM 1045 O O   . HOH B 2 .   ? 9.585   -4.221  -5.174  1.00 35.43 ? 238 HOH A O   1 
HETATM 1046 O O   . HOH B 2 .   ? -11.462 -11.492 -12.376 1.00 30.92 ? 239 HOH A O   1 
HETATM 1047 O O   . HOH B 2 .   ? 10.414  12.667  -5.485  1.00 31.23 ? 240 HOH A O   1 
HETATM 1048 O O   . HOH B 2 .   ? 12.520  11.068  -5.146  1.00 37.80 ? 241 HOH A O   1 
HETATM 1049 O O   . HOH B 2 .   ? -0.822  17.878  -0.481  1.00 35.29 ? 242 HOH A O   1 
HETATM 1050 O O   . HOH B 2 .   ? -6.055  -13.707 -16.004 1.00 46.62 ? 243 HOH A O   1 
HETATM 1051 O O   . HOH B 2 .   ? 3.040   3.109   -15.912 1.00 48.92 ? 244 HOH A O   1 
HETATM 1052 O O   . HOH B 2 .   ? 0.625   8.021   -12.889 1.00 47.46 ? 245 HOH A O   1 
HETATM 1053 O O   . HOH B 2 .   ? -2.468  15.871  -4.638  1.00 37.37 ? 246 HOH A O   1 
HETATM 1054 O O   . HOH B 2 .   ? 1.760   18.333  -1.803  1.00 35.50 ? 247 HOH A O   1 
HETATM 1055 O O   . HOH B 2 .   ? -10.615 9.544   2.002   1.00 40.40 ? 248 HOH A O   1 
HETATM 1056 O O   . HOH B 2 .   ? -9.284  -3.106  5.106   1.00 39.33 ? 249 HOH A O   1 
HETATM 1057 O O   . HOH B 2 .   ? 0.495   2.879   11.660  1.00 36.41 ? 250 HOH A O   1 
HETATM 1058 O O   . HOH B 2 .   ? -0.831  -4.296  13.838  1.00 42.82 ? 251 HOH A O   1 
HETATM 1059 O O   . HOH B 2 .   ? 11.769  -7.981  11.925  1.00 44.13 ? 252 HOH A O   1 
HETATM 1060 O O   . HOH B 2 .   ? 12.994  -7.448  8.981   1.00 46.35 ? 253 HOH A O   1 
HETATM 1061 O O   . HOH B 2 .   ? 11.542  -8.987  0.437   1.00 44.24 ? 254 HOH A O   1 
HETATM 1062 O O   . HOH B 2 .   ? 8.988   -2.812  -7.670  1.00 42.01 ? 255 HOH A O   1 
HETATM 1063 O O   . HOH B 2 .   ? -12.727 -14.543 -1.825  1.00 44.36 ? 256 HOH A O   1 
HETATM 1064 O O   . HOH B 2 .   ? -10.406 10.632  -4.758  1.00 34.46 ? 257 HOH A O   1 
HETATM 1065 O O   . HOH B 2 .   ? 7.065   22.960  2.180   1.00 39.76 ? 258 HOH A O   1 
HETATM 1066 O O   . HOH B 2 .   ? 9.693   21.707  1.998   1.00 27.19 ? 259 HOH A O   1 
HETATM 1067 O O   . HOH B 2 .   ? 3.113   2.849   -9.407  1.00 37.85 ? 260 HOH A O   1 
HETATM 1068 O O   . HOH B 2 .   ? 4.509   12.390  8.107   1.00 42.36 ? 261 HOH A O   1 
HETATM 1069 O O   . HOH B 2 .   ? 14.015  11.595  -7.937  1.00 36.89 ? 262 HOH A O   1 
HETATM 1070 O O   . HOH B 2 .   ? -13.353 -10.061 -9.598  1.00 38.29 ? 263 HOH A O   1 
HETATM 1071 O O   . HOH B 2 .   ? 1.172   12.872  6.147   1.00 37.67 ? 264 HOH A O   1 
HETATM 1072 O O   . HOH B 2 .   ? 12.241  22.617  2.394   1.00 34.88 ? 265 HOH A O   1 
HETATM 1073 O O   . HOH B 2 .   ? -14.007 11.542  4.460   1.00 36.50 ? 266 HOH A O   1 
HETATM 1074 O O   . HOH B 2 .   ? -3.244  13.271  -7.864  1.00 46.58 ? 267 HOH A O   1 
HETATM 1075 O O   . HOH B 2 .   ? 0.942   14.084  -6.115  1.00 51.66 ? 268 HOH A O   1 
HETATM 1076 O O   . HOH B 2 .   ? 2.693   22.616  3.794   1.00 39.58 ? 269 HOH A O   1 
HETATM 1077 O O   . HOH B 2 .   ? 1.666   -3.305  -11.659 1.00 41.06 ? 270 HOH A O   1 
HETATM 1078 O O   . HOH B 2 .   ? 0.950   15.740  9.297   1.00 44.29 ? 271 HOH A O   1 
HETATM 1079 O O   . HOH B 2 .   ? -10.353 -9.517  6.848   1.00 46.74 ? 272 HOH A O   1 
HETATM 1080 O O   . HOH B 2 .   ? -12.600 -0.967  3.946   1.00 46.76 ? 273 HOH A O   1 
HETATM 1081 O O   . HOH B 2 .   ? 2.016   21.332  -0.070  1.00 43.83 ? 274 HOH A O   1 
HETATM 1082 O O   . HOH B 2 .   ? -10.132 -0.501  5.898   1.00 45.25 ? 275 HOH A O   1 
HETATM 1083 O O   . HOH B 2 .   ? -3.357  -8.173  12.203  1.00 45.27 ? 276 HOH A O   1 
HETATM 1084 O O   . HOH B 2 .   ? -0.995  -18.519 -9.275  1.00 43.79 ? 277 HOH A O   1 
HETATM 1085 O O   . HOH B 2 .   ? -13.415 -7.296  1.732   1.00 40.53 ? 278 HOH A O   1 
HETATM 1086 O O   . HOH B 2 .   ? 7.557   -4.834  13.841  1.00 43.28 ? 279 HOH A O   1 
HETATM 1087 O O   . HOH B 2 .   ? -8.260  7.407   7.082   1.00 49.13 ? 280 HOH A O   1 
HETATM 1088 O O   . HOH B 2 .   ? 11.635  2.084   1.151   1.00 42.88 ? 281 HOH A O   1 
HETATM 1089 O O   . HOH B 2 .   ? 4.480   12.584  -11.290 1.00 44.85 ? 282 HOH A O   1 
HETATM 1090 O O   . HOH B 2 .   ? -4.755  16.557  -4.448  1.00 47.42 ? 283 HOH A O   1 
HETATM 1091 O O   . HOH B 2 .   ? -5.132  -4.884  10.700  1.00 50.63 ? 284 HOH A O   1 
HETATM 1092 O O   . HOH B 2 .   ? 11.034  6.201   -1.973  1.00 43.63 ? 285 HOH A O   1 
HETATM 1093 O O   . HOH B 2 .   ? -9.920  5.877   2.586   1.00 44.83 ? 286 HOH A O   1 
HETATM 1094 O O   . HOH B 2 .   ? -9.004  2.269   6.846   1.00 41.53 ? 287 HOH A O   1 
HETATM 1095 O O   . HOH B 2 .   ? -1.036  -18.251 -6.303  1.00 44.07 ? 288 HOH A O   1 
HETATM 1096 O O   . HOH B 2 .   ? 1.982   7.849   10.106  1.00 43.09 ? 289 HOH A O   1 
HETATM 1097 O O   . HOH B 2 .   ? 14.953  0.862   -0.826  1.00 47.69 ? 290 HOH A O   1 
HETATM 1098 O O   . HOH B 2 .   ? -3.936  -8.425  -13.920 1.00 42.92 ? 291 HOH A O   1 
HETATM 1099 O O   . HOH B 2 .   ? 3.539   7.809   -11.317 1.00 43.80 ? 292 HOH A O   1 
HETATM 1100 O O   . HOH B 2 .   ? -4.330  15.042  -6.792  1.00 45.10 ? 293 HOH A O   1 
HETATM 1101 O O   . HOH B 2 .   ? 2.811   -4.635  14.675  1.00 45.30 ? 294 HOH A O   1 
HETATM 1102 O O   . HOH B 2 .   ? 4.503   -4.861  -11.207 1.00 42.47 ? 295 HOH A O   1 
HETATM 1103 O O   . HOH B 2 .   ? 10.567  -1.946  -0.822  1.00 43.50 ? 296 HOH A O   1 
HETATM 1104 O O   . HOH B 2 .   ? -3.605  -21.263 -6.025  1.00 45.70 ? 297 HOH A O   1 
HETATM 1105 O O   . HOH B 2 .   ? 13.180  3.065   4.548   1.00 49.41 ? 298 HOH A O   1 
HETATM 1106 O O   . HOH B 2 .   ? 14.530  -14.082 2.367   1.00 46.05 ? 299 HOH A O   1 
HETATM 1107 O O   . HOH B 2 .   ? 5.944   16.996  18.125  1.00 45.97 ? 300 HOH A O   1 
HETATM 1108 O O   . HOH B 2 .   ? -14.304 -3.047  2.711   1.00 47.61 ? 301 HOH A O   1 
HETATM 1109 O O   . HOH B 2 .   ? -13.108 -11.871 -4.979  1.00 43.10 ? 302 HOH A O   1 
HETATM 1110 O O   . HOH B 2 .   ? 1.223   20.321  -3.650  1.00 44.69 ? 303 HOH A O   1 
# 
